data_8P7W
#
_entry.id   8P7W
#
loop_
_entity.id
_entity.type
_entity.pdbx_description
1 polymer 'ATP-binding cassette sub-family G member 2'
2 polymer Nanobody
3 polymer '5D3(Fab) heavy chain variable domain'
4 polymer '5D3(Fab) light chain variable domain'
#
loop_
_entity_poly.entity_id
_entity_poly.type
_entity_poly.pdbx_seq_one_letter_code
_entity_poly.pdbx_strand_id
1 'polypeptide(L)'
;MSSSNVEVFIPVSQGNTNGFPATASNDLKAFTEGAVLSFHNICYRVKLKSGFLPCRKPVEKEILSNINGIMKPGLNAILG
PTGGGKSSLLDVLAARKDPSGLSGDVLINGAPRPANFKCNSGYVVQDDVVMGTLTVRENLQFSAALRLATTMTNHEKNER
INRVIQELGLDKVADSKVGTQFIRGVSGGERKRTSIGMELITDPSILFLDEPTTGLDSSTANAVLLLLKRMSKQGRTIIF
SIHQPRYSIFKLFDSLTLLASGRLMFHGPAQEALGYFESAGYHCEAYNNPADFFLDIINGDSTAVALNREEDFKATEIIE
PSKQDKPLIEKLAEIYVNSSFYKETKAELHQLSGGEKKKKITVFKEISYTTSFCHQLRWVSKRSFKNLLGNPQASIAQII
VTVVLGLVIGAIYFGLKNDSTGIQNRAGVLFFLTTNQCFSSVSAVELFVVEKKLFIHEYISGYYRVSSYFLGKLLSDLLP
MRMLPSIIFTCIVYFMLGLKPKADAFFVMMFTLMMVAYSASSMALAIAAGQSVVSVATLLMTICFVFMMIFSGLLVNLTT
IASWLSWLQYFSIPRYGFTALQHNEFLGQNFCPGLNATGNNPCNYATCTGEEYLVKQGIDLSPWGLWKNHVALACMIVIF
LTIAYLKLLFLKKYS
;
A,B
2 'polypeptide(L)'
;QVQLQESGGGLVQPGGSLRLSCAASGFTLGYYAVGWFRQAPGKEREGVSCISSSDGSTYYPDSVKGRFTISRDNAKNTVY
LQMNSLKPEDTAVYYCATTVRINNSCKEYQYHGWGQGTQVTVSS
;
C,Y
3 'polypeptide(L)'
;QVQLQESGPGLVKPSQSLSLTCTVTGFSITSDYAWNWIRQFPGKKLEWMGYINFDGGTTYNPSLRGRISITRDTSKNQFF
LQLRSVTPEDTATYYCATFYGAKGTLDYWGQGTSVTVSSAKTTPPSVYPLAPVCGDTSGSSVTLGCLVKGYFPEPVTLTW
NSGSLSSGVHTFPAVLQSDLYTLSSSVTVTSSTWPSQSITCNVAHPASSTKVDKKIEPRGP
;
D,F
4 'polypeptide(L)'
;DIVLTQSPSSFSVSLGDRVTISCKASGYILNRLAWYQQKPGNAPRLLISGATSLETGFPSRFSGTGSGKDYTLSISSLQT
EDVGTYYCQQYWSTPWTFGGGTKLEIRRADAAPTVSIFPPSSEQLTSGGASVVCFLNNFYPKDINVKWKIDGSERQNGVL
NSWTDQDSKDSTYSMSSTLTLTKDEYERHNSYTCEATHKTSTSPIVKSFNRNEC
;
E,G
#
# COMPACT_ATOMS: atom_id res chain seq x y z
N GLY A 34 16.77 -38.01 32.03
CA GLY A 34 15.74 -37.32 32.79
C GLY A 34 14.94 -36.34 31.96
N ALA A 35 14.88 -35.08 32.44
CA ALA A 35 14.18 -33.99 31.76
C ALA A 35 12.69 -34.31 31.59
N VAL A 36 12.03 -34.42 32.74
CA VAL A 36 10.60 -34.70 32.81
C VAL A 36 9.92 -33.42 33.26
N LEU A 37 8.94 -32.96 32.48
CA LEU A 37 8.22 -31.74 32.81
C LEU A 37 6.93 -32.10 33.56
N SER A 38 6.55 -31.27 34.53
CA SER A 38 5.33 -31.50 35.28
C SER A 38 4.58 -30.18 35.44
N PHE A 39 3.26 -30.24 35.42
CA PHE A 39 2.48 -29.04 35.71
C PHE A 39 1.25 -29.41 36.52
N HIS A 40 1.05 -28.68 37.62
CA HIS A 40 0.05 -29.02 38.62
C HIS A 40 -0.86 -27.82 38.84
N ASN A 41 -2.17 -28.08 38.80
CA ASN A 41 -3.20 -27.09 39.12
C ASN A 41 -3.04 -25.81 38.30
N ILE A 42 -2.80 -25.99 37.00
CA ILE A 42 -2.59 -24.85 36.11
C ILE A 42 -3.90 -24.08 35.99
N CYS A 43 -3.82 -22.77 36.15
CA CYS A 43 -4.96 -21.87 35.95
C CYS A 43 -4.42 -20.57 35.38
N TYR A 44 -4.95 -20.17 34.21
CA TYR A 44 -4.50 -18.96 33.55
C TYR A 44 -5.69 -18.04 33.29
N ARG A 45 -5.52 -16.78 33.68
CA ARG A 45 -6.55 -15.77 33.51
C ARG A 45 -5.98 -14.62 32.69
N VAL A 46 -6.63 -14.31 31.57
CA VAL A 46 -6.14 -13.28 30.67
C VAL A 46 -6.31 -11.90 31.29
N LYS A 61 -12.02 -13.39 32.18
CA LYS A 61 -12.00 -14.49 31.23
C LYS A 61 -10.87 -15.47 31.54
N GLU A 62 -11.20 -16.54 32.25
CA GLU A 62 -10.24 -17.60 32.56
C GLU A 62 -10.16 -18.52 31.34
N ILE A 63 -9.00 -18.51 30.66
CA ILE A 63 -8.86 -19.29 29.44
C ILE A 63 -8.34 -20.70 29.69
N LEU A 64 -7.81 -20.98 30.88
CA LEU A 64 -7.34 -22.32 31.22
C LEU A 64 -7.83 -22.67 32.62
N SER A 65 -8.74 -23.64 32.70
CA SER A 65 -9.23 -24.13 33.98
C SER A 65 -8.24 -25.11 34.58
N ASN A 66 -8.65 -25.86 35.60
CA ASN A 66 -7.76 -26.79 36.29
C ASN A 66 -7.22 -27.81 35.30
N ILE A 67 -5.91 -27.78 35.07
CA ILE A 67 -5.23 -28.68 34.15
C ILE A 67 -4.04 -29.29 34.87
N ASN A 68 -3.90 -30.61 34.78
CA ASN A 68 -2.77 -31.33 35.32
C ASN A 68 -2.13 -32.15 34.22
N GLY A 69 -0.91 -32.59 34.43
CA GLY A 69 -0.22 -33.42 33.47
C GLY A 69 1.29 -33.49 33.68
N ILE A 70 1.85 -34.64 33.31
CA ILE A 70 3.29 -34.88 33.35
C ILE A 70 3.72 -35.25 31.94
N MET A 71 4.61 -34.44 31.37
CA MET A 71 5.19 -34.72 30.06
C MET A 71 6.52 -35.44 30.27
N LYS A 72 6.55 -36.73 29.93
CA LYS A 72 7.69 -37.60 30.02
C LYS A 72 8.57 -37.45 28.78
N PRO A 73 9.83 -37.91 28.84
CA PRO A 73 10.67 -37.89 27.64
C PRO A 73 10.11 -38.77 26.53
N GLY A 74 9.68 -38.13 25.44
CA GLY A 74 9.05 -38.85 24.35
C GLY A 74 8.52 -37.91 23.30
N LEU A 75 7.29 -38.14 22.85
CA LEU A 75 6.65 -37.31 21.81
C LEU A 75 5.28 -36.91 22.34
N ASN A 76 5.24 -35.82 23.11
CA ASN A 76 4.01 -35.38 23.74
C ASN A 76 3.27 -34.39 22.84
N ALA A 77 1.99 -34.67 22.61
CA ALA A 77 1.18 -33.91 21.67
C ALA A 77 0.00 -33.29 22.38
N ILE A 78 -0.36 -32.07 21.96
CA ILE A 78 -1.51 -31.36 22.48
C ILE A 78 -2.52 -31.21 21.35
N LEU A 79 -3.74 -31.67 21.58
CA LEU A 79 -4.78 -31.70 20.57
C LEU A 79 -6.03 -31.00 21.08
N GLY A 80 -6.83 -30.52 20.13
CA GLY A 80 -8.06 -29.83 20.44
C GLY A 80 -8.45 -28.87 19.34
N PRO A 81 -9.59 -28.22 19.47
CA PRO A 81 -10.03 -27.23 18.49
C PRO A 81 -9.19 -25.96 18.61
N THR A 82 -9.34 -25.09 17.61
CA THR A 82 -8.54 -23.87 17.56
C THR A 82 -8.78 -22.96 18.74
N GLY A 83 -10.03 -22.81 19.17
CA GLY A 83 -10.34 -21.95 20.28
C GLY A 83 -10.02 -22.50 21.64
N GLY A 84 -9.63 -23.77 21.74
CA GLY A 84 -9.30 -24.38 23.01
C GLY A 84 -7.96 -23.92 23.54
N GLY A 85 -7.50 -24.57 24.60
CA GLY A 85 -6.24 -24.20 25.21
C GLY A 85 -5.06 -24.91 24.58
N LYS A 86 -5.28 -25.45 23.38
CA LYS A 86 -4.22 -26.18 22.68
C LYS A 86 -2.97 -25.33 22.52
N SER A 87 -3.12 -24.13 21.97
CA SER A 87 -1.98 -23.24 21.80
C SER A 87 -1.65 -22.46 23.06
N SER A 88 -2.64 -22.17 23.90
CA SER A 88 -2.44 -21.36 25.09
C SER A 88 -1.72 -22.11 26.20
N LEU A 89 -1.67 -23.44 26.13
CA LEU A 89 -0.93 -24.25 27.09
C LEU A 89 0.52 -24.44 26.72
N LEU A 90 0.83 -24.51 25.43
CA LEU A 90 2.23 -24.60 24.99
C LEU A 90 3.01 -23.37 25.40
N ASP A 91 2.42 -22.19 25.24
CA ASP A 91 3.07 -20.94 25.63
C ASP A 91 3.09 -20.74 27.13
N VAL A 92 2.36 -21.56 27.90
CA VAL A 92 2.46 -21.50 29.36
C VAL A 92 3.52 -22.47 29.87
N LEU A 93 3.60 -23.65 29.27
CA LEU A 93 4.65 -24.60 29.66
C LEU A 93 6.03 -24.02 29.43
N ALA A 94 6.24 -23.38 28.29
CA ALA A 94 7.44 -22.58 28.05
C ALA A 94 7.20 -21.17 28.57
N ALA A 95 8.29 -20.50 28.95
CA ALA A 95 8.15 -19.15 29.48
C ALA A 95 7.81 -18.18 28.35
N ARG A 96 6.58 -18.27 27.83
CA ARG A 96 6.18 -17.46 26.69
C ARG A 96 4.95 -16.59 26.95
N LYS A 97 4.43 -16.59 28.17
CA LYS A 97 3.29 -15.77 28.52
C LYS A 97 3.61 -15.00 29.80
N ASP A 98 2.93 -13.87 29.98
CA ASP A 98 3.17 -13.07 31.17
C ASP A 98 2.74 -13.83 32.41
N PRO A 99 3.62 -13.92 33.41
CA PRO A 99 3.32 -14.69 34.62
C PRO A 99 2.28 -14.05 35.54
N SER A 100 1.64 -12.95 35.10
CA SER A 100 0.62 -12.33 35.93
C SER A 100 -0.58 -13.24 36.13
N GLY A 101 -1.01 -13.92 35.07
CA GLY A 101 -2.19 -14.75 35.11
C GLY A 101 -1.97 -16.21 35.41
N LEU A 102 -0.73 -16.67 35.47
CA LEU A 102 -0.44 -18.07 35.73
C LEU A 102 -0.55 -18.35 37.22
N SER A 103 -1.39 -19.31 37.58
CA SER A 103 -1.67 -19.64 38.98
C SER A 103 -1.43 -21.12 39.26
N GLY A 104 -0.66 -21.78 38.39
CA GLY A 104 -0.34 -23.17 38.54
C GLY A 104 1.00 -23.37 39.23
N ASP A 105 1.61 -24.53 38.94
CA ASP A 105 2.95 -24.80 39.45
C ASP A 105 3.62 -25.78 38.49
N VAL A 106 4.65 -25.30 37.78
CA VAL A 106 5.34 -26.09 36.77
C VAL A 106 6.74 -26.41 37.26
N LEU A 107 7.17 -27.65 37.08
CA LEU A 107 8.44 -28.12 37.60
C LEU A 107 9.22 -28.89 36.55
N ILE A 108 10.55 -28.85 36.66
CA ILE A 108 11.44 -29.68 35.86
C ILE A 108 12.19 -30.57 36.84
N ASN A 109 12.00 -31.88 36.70
CA ASN A 109 12.61 -32.88 37.60
C ASN A 109 12.27 -32.58 39.06
N GLY A 110 11.05 -32.11 39.30
CA GLY A 110 10.61 -31.87 40.66
C GLY A 110 11.12 -30.59 41.28
N ALA A 111 11.65 -29.67 40.48
CA ALA A 111 12.11 -28.38 40.98
C ALA A 111 11.58 -27.28 40.07
N PRO A 112 11.28 -26.11 40.63
CA PRO A 112 10.78 -25.01 39.79
C PRO A 112 11.81 -24.59 38.75
N ARG A 113 11.30 -24.17 37.60
CA ARG A 113 12.18 -23.81 36.50
C ARG A 113 12.98 -22.57 36.84
N PRO A 114 14.25 -22.51 36.43
CA PRO A 114 15.07 -21.33 36.75
C PRO A 114 14.70 -20.13 35.89
N ALA A 115 15.45 -19.04 36.04
CA ALA A 115 15.17 -17.83 35.26
C ALA A 115 15.57 -17.99 33.81
N ASN A 116 16.62 -18.76 33.52
CA ASN A 116 17.14 -18.92 32.17
C ASN A 116 16.53 -20.13 31.47
N PHE A 117 15.30 -20.50 31.84
CA PHE A 117 14.64 -21.63 31.20
C PHE A 117 14.36 -21.38 29.73
N LYS A 118 13.99 -20.15 29.37
CA LYS A 118 13.76 -19.84 27.96
C LYS A 118 15.05 -19.89 27.15
N CYS A 119 16.20 -19.67 27.80
CA CYS A 119 17.47 -19.72 27.09
C CYS A 119 17.98 -21.15 26.92
N ASN A 120 17.42 -22.11 27.66
CA ASN A 120 17.86 -23.50 27.59
C ASN A 120 16.76 -24.46 27.16
N SER A 121 15.82 -23.99 26.34
CA SER A 121 14.74 -24.83 25.84
C SER A 121 14.27 -24.26 24.50
N GLY A 122 14.49 -25.02 23.43
CA GLY A 122 14.15 -24.54 22.11
C GLY A 122 12.65 -24.43 21.90
N TYR A 123 12.26 -23.43 21.10
CA TYR A 123 10.86 -23.20 20.75
C TYR A 123 10.81 -22.92 19.25
N VAL A 124 10.12 -23.79 18.50
CA VAL A 124 10.00 -23.64 17.06
C VAL A 124 8.70 -22.90 16.76
N VAL A 125 8.81 -21.66 16.30
CA VAL A 125 7.65 -20.86 15.94
C VAL A 125 6.96 -21.51 14.75
N GLN A 126 5.63 -21.40 14.70
CA GLN A 126 4.85 -22.00 13.62
C GLN A 126 5.28 -21.43 12.27
N ASP A 127 5.08 -20.13 12.06
CA ASP A 127 5.54 -19.50 10.84
C ASP A 127 7.05 -19.34 10.88
N ASP A 128 7.72 -19.79 9.82
CA ASP A 128 9.18 -19.78 9.78
C ASP A 128 9.68 -18.33 9.78
N VAL A 129 10.60 -18.03 10.68
CA VAL A 129 11.22 -16.71 10.73
C VAL A 129 12.67 -16.76 10.25
N VAL A 130 13.04 -17.78 9.48
CA VAL A 130 14.36 -17.82 8.88
C VAL A 130 14.48 -16.73 7.81
N MET A 131 15.66 -16.13 7.75
CA MET A 131 15.96 -15.13 6.73
C MET A 131 16.24 -15.84 5.43
N GLY A 132 15.41 -15.59 4.41
CA GLY A 132 15.56 -16.28 3.14
C GLY A 132 16.78 -15.85 2.36
N THR A 133 17.30 -14.65 2.64
CA THR A 133 18.45 -14.15 1.89
C THR A 133 19.73 -14.89 2.27
N LEU A 134 19.91 -15.19 3.55
CA LEU A 134 21.08 -15.95 3.96
C LEU A 134 20.92 -17.41 3.59
N THR A 135 22.01 -18.17 3.72
CA THR A 135 21.98 -19.59 3.48
C THR A 135 21.69 -20.34 4.78
N VAL A 136 21.37 -21.63 4.65
CA VAL A 136 21.10 -22.46 5.82
C VAL A 136 22.30 -22.47 6.76
N ARG A 137 23.49 -22.71 6.21
CA ARG A 137 24.68 -22.76 7.04
C ARG A 137 24.93 -21.41 7.71
N GLU A 138 24.77 -20.31 6.97
CA GLU A 138 24.95 -19.00 7.58
C GLU A 138 23.86 -18.67 8.58
N ASN A 139 22.61 -19.09 8.36
CA ASN A 139 21.55 -18.86 9.33
C ASN A 139 21.88 -19.52 10.66
N LEU A 140 22.17 -20.82 10.63
CA LEU A 140 22.43 -21.45 11.92
C LEU A 140 23.83 -21.16 12.44
N GLN A 141 24.73 -20.65 11.61
CA GLN A 141 25.98 -20.09 12.11
C GLN A 141 25.73 -18.80 12.88
N PHE A 142 24.84 -17.94 12.39
CA PHE A 142 24.45 -16.76 13.13
C PHE A 142 23.81 -17.14 14.46
N SER A 143 22.95 -18.15 14.46
CA SER A 143 22.38 -18.63 15.71
C SER A 143 23.43 -19.16 16.66
N ALA A 144 24.39 -19.94 16.18
CA ALA A 144 25.44 -20.46 17.04
C ALA A 144 26.33 -19.36 17.58
N ALA A 145 26.54 -18.30 16.83
CA ALA A 145 27.42 -17.21 17.24
C ALA A 145 26.80 -16.34 18.33
N LEU A 146 25.48 -16.41 18.51
CA LEU A 146 24.83 -15.56 19.51
C LEU A 146 24.36 -16.39 20.70
N ARG A 147 23.71 -17.52 20.44
CA ARG A 147 23.12 -18.32 21.50
C ARG A 147 24.16 -19.08 22.32
N LEU A 148 25.38 -19.26 21.79
CA LEU A 148 26.42 -19.97 22.53
C LEU A 148 27.25 -19.01 23.35
N ALA A 149 28.36 -19.51 23.90
CA ALA A 149 29.28 -18.70 24.66
C ALA A 149 30.50 -18.37 23.79
N THR A 150 31.17 -17.28 24.13
CA THR A 150 32.35 -16.83 23.40
C THR A 150 33.64 -17.43 23.94
N THR A 151 33.57 -18.27 24.97
CA THR A 151 34.78 -18.95 25.45
C THR A 151 35.31 -19.91 24.40
N MET A 152 34.43 -20.65 23.73
CA MET A 152 34.83 -21.62 22.73
C MET A 152 35.22 -20.92 21.43
N THR A 153 36.24 -21.45 20.77
CA THR A 153 36.72 -20.90 19.51
C THR A 153 35.67 -21.12 18.41
N ASN A 154 35.95 -20.56 17.23
CA ASN A 154 35.05 -20.73 16.09
C ASN A 154 35.06 -22.16 15.57
N HIS A 155 36.15 -22.91 15.80
CA HIS A 155 36.21 -24.28 15.33
C HIS A 155 35.15 -25.14 16.00
N GLU A 156 34.96 -24.97 17.31
CA GLU A 156 33.95 -25.76 18.01
C GLU A 156 32.53 -25.37 17.61
N LYS A 157 32.27 -24.08 17.45
CA LYS A 157 30.96 -23.66 16.95
C LYS A 157 30.70 -24.25 15.57
N ASN A 158 31.70 -24.23 14.70
CA ASN A 158 31.53 -24.78 13.36
C ASN A 158 31.33 -26.29 13.37
N GLU A 159 32.03 -27.02 14.24
CA GLU A 159 31.83 -28.47 14.28
C GLU A 159 30.46 -28.82 14.86
N ARG A 160 29.97 -28.04 15.83
CA ARG A 160 28.61 -28.24 16.29
C ARG A 160 27.61 -27.94 15.18
N ILE A 161 27.85 -26.90 14.40
CA ILE A 161 27.01 -26.60 13.25
C ILE A 161 26.98 -27.79 12.29
N ASN A 162 28.15 -28.33 11.98
CA ASN A 162 28.25 -29.49 11.09
C ASN A 162 27.51 -30.68 11.65
N ARG A 163 27.66 -30.95 12.95
CA ARG A 163 26.95 -32.05 13.58
C ARG A 163 25.44 -31.87 13.50
N VAL A 164 24.94 -30.65 13.69
CA VAL A 164 23.50 -30.43 13.59
C VAL A 164 23.02 -30.68 12.16
N ILE A 165 23.70 -30.11 11.17
CA ILE A 165 23.21 -30.28 9.80
C ILE A 165 23.35 -31.72 9.33
N GLN A 166 24.33 -32.47 9.86
CA GLN A 166 24.44 -33.89 9.53
C GLN A 166 23.37 -34.72 10.23
N GLU A 167 23.17 -34.53 11.54
CA GLU A 167 22.15 -35.27 12.26
C GLU A 167 20.78 -35.03 11.66
N LEU A 168 20.49 -33.78 11.33
CA LEU A 168 19.18 -33.46 10.79
C LEU A 168 19.10 -33.83 9.31
N GLY A 169 20.24 -34.03 8.66
CA GLY A 169 20.24 -34.31 7.24
C GLY A 169 20.07 -33.05 6.42
N LEU A 170 20.95 -32.08 6.63
CA LEU A 170 20.92 -30.83 5.88
C LEU A 170 22.27 -30.62 5.19
N ASP A 171 22.80 -31.67 4.57
CA ASP A 171 24.07 -31.56 3.86
C ASP A 171 23.92 -31.29 2.37
N LYS A 172 22.81 -31.69 1.76
CA LYS A 172 22.59 -31.44 0.34
C LYS A 172 22.37 -29.96 0.05
N VAL A 173 21.66 -29.26 0.93
CA VAL A 173 21.35 -27.84 0.73
C VAL A 173 22.00 -27.03 1.84
N ALA A 174 23.15 -27.50 2.32
CA ALA A 174 23.82 -26.81 3.42
C ALA A 174 24.25 -25.40 3.02
N ASP A 175 24.78 -25.24 1.80
CA ASP A 175 25.31 -23.97 1.36
C ASP A 175 24.40 -23.26 0.36
N SER A 176 23.11 -23.52 0.42
CA SER A 176 22.15 -22.93 -0.51
C SER A 176 21.26 -21.92 0.21
N LYS A 177 20.74 -20.97 -0.56
CA LYS A 177 19.88 -19.94 -0.02
C LYS A 177 18.50 -20.51 0.30
N VAL A 178 17.90 -19.99 1.38
CA VAL A 178 16.59 -20.46 1.80
C VAL A 178 15.52 -20.06 0.80
N GLY A 179 15.52 -18.79 0.38
CA GLY A 179 14.59 -18.36 -0.65
C GLY A 179 13.59 -17.31 -0.20
N THR A 180 13.59 -16.17 -0.88
CA THR A 180 12.65 -15.09 -0.60
C THR A 180 11.45 -15.25 -1.54
N GLN A 181 10.57 -14.26 -1.68
CA GLN A 181 9.42 -14.35 -2.59
C GLN A 181 9.81 -14.13 -4.05
N PHE A 182 10.85 -13.32 -4.31
CA PHE A 182 11.27 -13.10 -5.68
C PHE A 182 12.20 -14.21 -6.18
N ILE A 183 13.24 -14.52 -5.42
CA ILE A 183 14.18 -15.57 -5.77
C ILE A 183 13.74 -16.86 -5.08
N ARG A 184 14.00 -17.99 -5.73
CA ARG A 184 13.58 -19.28 -5.20
C ARG A 184 14.76 -20.08 -4.69
N GLY A 185 14.54 -20.80 -3.59
CA GLY A 185 15.57 -21.61 -2.99
C GLY A 185 15.05 -22.98 -2.57
N VAL A 186 15.32 -23.36 -1.32
CA VAL A 186 14.92 -24.68 -0.83
C VAL A 186 13.41 -24.73 -0.69
N SER A 187 12.86 -25.93 -0.51
CA SER A 187 11.42 -26.12 -0.42
C SER A 187 10.98 -26.02 1.04
N GLY A 188 9.66 -26.16 1.27
CA GLY A 188 9.11 -25.95 2.59
C GLY A 188 9.61 -26.89 3.67
N GLY A 189 9.77 -28.18 3.33
CA GLY A 189 10.19 -29.14 4.34
C GLY A 189 11.56 -28.82 4.91
N GLU A 190 12.53 -28.56 4.05
CA GLU A 190 13.87 -28.23 4.52
C GLU A 190 13.95 -26.86 5.16
N ARG A 191 13.08 -25.91 4.78
CA ARG A 191 13.02 -24.65 5.51
C ARG A 191 12.52 -24.86 6.94
N LYS A 192 11.47 -25.67 7.12
CA LYS A 192 11.00 -26.00 8.45
C LYS A 192 12.07 -26.75 9.24
N ARG A 193 12.79 -27.66 8.59
CA ARG A 193 13.90 -28.35 9.23
C ARG A 193 15.02 -27.39 9.64
N THR A 194 15.35 -26.41 8.81
CA THR A 194 16.32 -25.40 9.19
C THR A 194 15.87 -24.62 10.42
N SER A 195 14.60 -24.22 10.43
CA SER A 195 14.07 -23.53 11.60
C SER A 195 14.14 -24.40 12.84
N ILE A 196 13.88 -25.70 12.71
CA ILE A 196 14.04 -26.63 13.83
C ILE A 196 15.48 -26.65 14.30
N GLY A 197 16.42 -26.72 13.38
CA GLY A 197 17.83 -26.77 13.74
C GLY A 197 18.38 -25.49 14.32
N MET A 198 17.71 -24.37 14.08
CA MET A 198 18.18 -23.09 14.62
C MET A 198 18.27 -23.13 16.14
N GLU A 199 17.27 -23.70 16.81
CA GLU A 199 17.27 -23.78 18.26
C GLU A 199 17.85 -25.09 18.79
N LEU A 200 18.25 -26.00 17.91
CA LEU A 200 18.91 -27.24 18.32
C LEU A 200 20.39 -27.06 18.54
N ILE A 201 20.92 -25.86 18.29
CA ILE A 201 22.37 -25.65 18.34
C ILE A 201 22.89 -25.81 19.76
N THR A 202 22.15 -25.29 20.73
CA THR A 202 22.55 -25.35 22.14
C THR A 202 22.12 -26.65 22.83
N ASP A 203 21.86 -27.71 22.06
CA ASP A 203 21.36 -29.01 22.50
C ASP A 203 20.33 -28.86 23.61
N PRO A 204 19.17 -28.29 23.31
CA PRO A 204 18.16 -28.11 24.36
C PRO A 204 17.69 -29.43 24.92
N SER A 205 17.42 -29.44 26.23
CA SER A 205 16.91 -30.64 26.87
C SER A 205 15.44 -30.86 26.56
N ILE A 206 14.68 -29.78 26.40
CA ILE A 206 13.26 -29.83 26.11
C ILE A 206 13.00 -28.97 24.88
N LEU A 207 12.20 -29.49 23.96
CA LEU A 207 11.91 -28.79 22.72
C LEU A 207 10.41 -28.63 22.52
N PHE A 208 9.97 -27.39 22.31
CA PHE A 208 8.57 -27.06 22.11
C PHE A 208 8.35 -26.71 20.65
N LEU A 209 7.23 -27.15 20.10
CA LEU A 209 6.89 -26.86 18.71
C LEU A 209 5.42 -26.46 18.61
N ASP A 210 5.16 -25.40 17.86
CA ASP A 210 3.81 -24.85 17.71
C ASP A 210 3.36 -25.26 16.30
N GLU A 211 2.62 -26.36 16.23
CA GLU A 211 2.01 -26.87 15.01
C GLU A 211 3.02 -27.03 13.88
N PRO A 212 3.95 -27.98 13.99
CA PRO A 212 4.94 -28.17 12.94
C PRO A 212 4.36 -28.65 11.62
N THR A 213 3.15 -29.19 11.62
CA THR A 213 2.54 -29.71 10.40
C THR A 213 1.81 -28.65 9.59
N THR A 214 1.26 -27.63 10.24
CA THR A 214 0.51 -26.60 9.54
C THR A 214 1.41 -25.88 8.53
N GLY A 215 0.82 -25.56 7.38
CA GLY A 215 1.55 -24.93 6.30
C GLY A 215 2.39 -25.88 5.48
N LEU A 216 2.26 -27.18 5.69
CA LEU A 216 3.02 -28.20 4.97
C LEU A 216 2.05 -29.06 4.18
N ASP A 217 2.57 -30.11 3.56
CA ASP A 217 1.72 -31.01 2.78
C ASP A 217 1.72 -32.41 3.40
N SER A 218 0.93 -33.31 2.82
CA SER A 218 0.80 -34.67 3.33
C SER A 218 2.05 -35.51 3.15
N SER A 219 3.04 -35.05 2.39
CA SER A 219 4.23 -35.87 2.16
C SER A 219 5.33 -35.54 3.16
N THR A 220 5.66 -34.26 3.33
CA THR A 220 6.77 -33.90 4.21
C THR A 220 6.36 -33.82 5.68
N ALA A 221 5.06 -33.81 5.98
CA ALA A 221 4.64 -33.80 7.37
C ALA A 221 5.08 -35.07 8.09
N ASN A 222 4.91 -36.23 7.45
CA ASN A 222 5.39 -37.47 8.04
C ASN A 222 6.90 -37.50 8.14
N ALA A 223 7.61 -36.89 7.19
CA ALA A 223 9.06 -36.81 7.29
C ALA A 223 9.48 -36.00 8.51
N VAL A 224 8.85 -34.85 8.74
CA VAL A 224 9.18 -34.03 9.91
C VAL A 224 8.84 -34.77 11.20
N LEU A 225 7.68 -35.42 11.23
CA LEU A 225 7.29 -36.15 12.44
C LEU A 225 8.23 -37.32 12.72
N LEU A 226 8.66 -38.03 11.67
CA LEU A 226 9.61 -39.11 11.85
C LEU A 226 10.96 -38.59 12.30
N LEU A 227 11.38 -37.44 11.79
CA LEU A 227 12.61 -36.81 12.26
C LEU A 227 12.52 -36.50 13.75
N LEU A 228 11.39 -35.93 14.18
CA LEU A 228 11.20 -35.64 15.60
C LEU A 228 11.20 -36.91 16.43
N LYS A 229 10.54 -37.96 15.98
CA LYS A 229 10.51 -39.21 16.73
C LYS A 229 11.91 -39.81 16.83
N ARG A 230 12.67 -39.81 15.73
CA ARG A 230 14.03 -40.32 15.76
C ARG A 230 14.90 -39.51 16.70
N MET A 231 14.73 -38.19 16.72
CA MET A 231 15.44 -37.35 17.68
C MET A 231 15.07 -37.67 19.11
N SER A 232 13.79 -37.92 19.39
CA SER A 232 13.34 -38.28 20.73
C SER A 232 13.74 -39.68 21.15
N LYS A 233 14.09 -40.56 20.20
CA LYS A 233 14.49 -41.91 20.55
C LYS A 233 15.72 -41.93 21.45
N GLN A 234 16.66 -41.01 21.24
CA GLN A 234 17.81 -40.90 22.13
C GLN A 234 17.35 -40.49 23.52
N GLY A 235 16.24 -39.78 23.61
CA GLY A 235 15.66 -39.34 24.87
C GLY A 235 15.73 -37.85 25.04
N ARG A 236 14.62 -37.17 24.74
CA ARG A 236 14.57 -35.71 24.81
C ARG A 236 13.11 -35.29 24.75
N THR A 237 12.66 -34.59 25.78
CA THR A 237 11.25 -34.20 25.86
C THR A 237 10.90 -33.31 24.68
N ILE A 238 9.86 -33.69 23.93
CA ILE A 238 9.41 -32.94 22.77
C ILE A 238 7.91 -32.71 22.94
N ILE A 239 7.53 -31.48 23.23
CA ILE A 239 6.13 -31.11 23.43
C ILE A 239 5.70 -30.26 22.24
N PHE A 240 4.59 -30.64 21.61
CA PHE A 240 4.18 -29.88 20.44
C PHE A 240 2.66 -29.81 20.37
N SER A 241 2.19 -28.75 19.72
CA SER A 241 0.79 -28.61 19.36
C SER A 241 0.60 -29.18 17.96
N ILE A 242 -0.58 -29.75 17.71
CA ILE A 242 -0.87 -30.42 16.44
C ILE A 242 -2.28 -30.05 16.01
N HIS A 243 -2.46 -29.77 14.72
CA HIS A 243 -3.75 -29.38 14.18
C HIS A 243 -4.14 -30.37 13.08
N GLN A 244 -5.25 -31.08 13.30
CA GLN A 244 -5.81 -32.06 12.36
C GLN A 244 -4.75 -33.06 11.89
N PRO A 245 -4.29 -33.96 12.76
CA PRO A 245 -3.29 -34.93 12.31
C PRO A 245 -3.91 -36.08 11.53
N ARG A 246 -3.07 -37.00 11.07
CA ARG A 246 -3.52 -38.22 10.40
C ARG A 246 -3.14 -39.40 11.28
N TYR A 247 -3.76 -40.55 11.03
CA TYR A 247 -3.38 -41.75 11.76
C TYR A 247 -1.98 -42.21 11.40
N SER A 248 -1.46 -41.83 10.23
CA SER A 248 -0.10 -42.15 9.87
C SER A 248 0.92 -41.52 10.81
N ILE A 249 0.57 -40.41 11.45
CA ILE A 249 1.45 -39.78 12.43
C ILE A 249 0.93 -39.96 13.86
N PHE A 250 -0.33 -40.32 14.04
CA PHE A 250 -0.88 -40.46 15.39
C PHE A 250 -0.20 -41.59 16.16
N LYS A 251 0.20 -42.66 15.49
CA LYS A 251 0.79 -43.79 16.20
C LYS A 251 2.12 -43.44 16.84
N LEU A 252 2.76 -42.34 16.41
CA LEU A 252 4.05 -41.94 16.95
C LEU A 252 3.94 -41.26 18.30
N PHE A 253 2.78 -40.71 18.66
CA PHE A 253 2.64 -39.98 19.91
C PHE A 253 2.78 -40.92 21.10
N ASP A 254 3.31 -40.38 22.19
CA ASP A 254 3.44 -41.12 23.44
C ASP A 254 2.61 -40.55 24.58
N SER A 255 2.12 -39.32 24.47
CA SER A 255 1.29 -38.73 25.52
C SER A 255 0.39 -37.68 24.87
N LEU A 256 -0.90 -37.99 24.80
CA LEU A 256 -1.90 -37.09 24.23
C LEU A 256 -2.49 -36.22 25.32
N THR A 257 -2.70 -34.94 25.02
CA THR A 257 -3.35 -34.01 25.93
C THR A 257 -4.47 -33.32 25.18
N LEU A 258 -5.71 -33.65 25.52
CA LEU A 258 -6.87 -33.10 24.83
C LEU A 258 -7.45 -31.92 25.60
N LEU A 259 -7.63 -30.81 24.89
CA LEU A 259 -8.12 -29.58 25.51
C LEU A 259 -9.35 -29.09 24.75
N ALA A 260 -10.31 -28.57 25.51
CA ALA A 260 -11.52 -28.02 24.91
C ALA A 260 -12.01 -26.85 25.77
N SER A 261 -11.95 -25.64 25.22
CA SER A 261 -12.38 -24.42 25.91
C SER A 261 -11.70 -24.29 27.27
N GLY A 262 -10.42 -24.63 27.32
CA GLY A 262 -9.65 -24.52 28.55
C GLY A 262 -9.78 -25.70 29.49
N ARG A 263 -10.72 -26.61 29.23
CA ARG A 263 -10.91 -27.76 30.09
C ARG A 263 -10.17 -28.97 29.54
N LEU A 264 -9.41 -29.62 30.40
CA LEU A 264 -8.74 -30.87 30.04
C LEU A 264 -9.76 -31.99 29.91
N MET A 265 -9.66 -32.75 28.83
CA MET A 265 -10.65 -33.78 28.55
C MET A 265 -10.06 -35.17 28.56
N PHE A 266 -8.76 -35.30 28.32
CA PHE A 266 -8.05 -36.57 28.50
C PHE A 266 -6.56 -36.28 28.63
N HIS A 267 -5.87 -37.12 29.40
CA HIS A 267 -4.42 -37.05 29.47
C HIS A 267 -3.89 -38.41 29.89
N GLY A 268 -2.91 -38.91 29.15
CA GLY A 268 -2.34 -40.21 29.40
C GLY A 268 -1.66 -40.74 28.15
N PRO A 269 -1.46 -42.05 28.09
CA PRO A 269 -0.87 -42.64 26.88
C PRO A 269 -1.75 -42.36 25.68
N ALA A 270 -1.10 -42.04 24.55
CA ALA A 270 -1.84 -41.71 23.34
C ALA A 270 -2.54 -42.93 22.75
N GLN A 271 -2.01 -44.13 22.98
CA GLN A 271 -2.62 -45.32 22.41
C GLN A 271 -3.84 -45.79 23.20
N GLU A 272 -4.08 -45.23 24.38
CA GLU A 272 -5.21 -45.61 25.21
C GLU A 272 -6.40 -44.67 25.06
N ALA A 273 -6.25 -43.59 24.29
CA ALA A 273 -7.33 -42.62 24.18
C ALA A 273 -8.53 -43.18 23.43
N LEU A 274 -8.30 -43.93 22.35
CA LEU A 274 -9.41 -44.47 21.58
C LEU A 274 -10.25 -45.43 22.40
N GLY A 275 -9.62 -46.33 23.16
CA GLY A 275 -10.36 -47.16 24.08
C GLY A 275 -11.05 -46.39 25.19
N TYR A 276 -10.41 -45.35 25.70
CA TYR A 276 -11.04 -44.49 26.71
C TYR A 276 -12.35 -43.91 26.19
N PHE A 277 -12.34 -43.34 24.99
CA PHE A 277 -13.56 -42.76 24.46
C PHE A 277 -14.54 -43.80 23.97
N GLU A 278 -14.08 -45.00 23.61
CA GLU A 278 -14.99 -46.09 23.34
C GLU A 278 -15.75 -46.52 24.59
N SER A 279 -15.08 -46.61 25.73
CA SER A 279 -15.74 -46.96 26.98
C SER A 279 -16.60 -45.85 27.54
N ALA A 280 -16.57 -44.66 26.96
CA ALA A 280 -17.42 -43.56 27.38
C ALA A 280 -18.73 -43.50 26.61
N GLY A 281 -18.95 -44.40 25.67
CA GLY A 281 -20.20 -44.42 24.92
C GLY A 281 -20.11 -43.79 23.55
N TYR A 282 -18.92 -43.86 22.93
CA TYR A 282 -18.70 -43.28 21.61
C TYR A 282 -17.93 -44.30 20.78
N HIS A 283 -18.56 -44.81 19.73
CA HIS A 283 -17.91 -45.81 18.89
C HIS A 283 -17.20 -45.15 17.72
N CYS A 284 -16.00 -45.64 17.42
CA CYS A 284 -15.23 -45.18 16.27
C CYS A 284 -15.53 -46.08 15.07
N GLU A 285 -16.16 -45.50 14.06
CA GLU A 285 -16.51 -46.26 12.86
C GLU A 285 -15.24 -46.71 12.14
N ALA A 286 -15.37 -47.83 11.42
CA ALA A 286 -14.25 -48.33 10.64
C ALA A 286 -13.87 -47.35 9.54
N TYR A 287 -12.58 -47.29 9.23
CA TYR A 287 -12.03 -46.33 8.26
C TYR A 287 -12.38 -44.90 8.65
N ASN A 288 -12.10 -44.57 9.91
CA ASN A 288 -12.28 -43.22 10.44
C ASN A 288 -11.04 -42.85 11.23
N ASN A 289 -10.61 -41.61 11.09
CA ASN A 289 -9.40 -41.16 11.77
C ASN A 289 -9.66 -41.02 13.26
N PRO A 290 -8.87 -41.66 14.12
CA PRO A 290 -9.07 -41.48 15.57
C PRO A 290 -8.93 -40.04 16.02
N ALA A 291 -8.07 -39.26 15.38
CA ALA A 291 -7.96 -37.85 15.73
C ALA A 291 -9.24 -37.09 15.42
N ASP A 292 -9.78 -37.27 14.22
CA ASP A 292 -11.08 -36.70 13.90
C ASP A 292 -12.19 -37.29 14.75
N PHE A 293 -12.06 -38.56 15.14
CA PHE A 293 -13.02 -39.16 16.05
C PHE A 293 -13.04 -38.44 17.39
N PHE A 294 -11.86 -38.10 17.93
CA PHE A 294 -11.82 -37.32 19.16
C PHE A 294 -12.35 -35.91 18.96
N LEU A 295 -11.97 -35.26 17.86
CA LEU A 295 -12.40 -33.88 17.64
C LEU A 295 -13.90 -33.76 17.43
N ASP A 296 -14.55 -34.74 16.80
CA ASP A 296 -15.99 -34.70 16.64
C ASP A 296 -16.70 -34.77 17.99
N ILE A 297 -16.23 -35.63 18.89
CA ILE A 297 -16.79 -35.65 20.24
C ILE A 297 -16.52 -34.34 20.95
N ILE A 298 -15.32 -33.78 20.82
CA ILE A 298 -14.96 -32.56 21.51
C ILE A 298 -15.86 -31.42 21.06
N ASN A 299 -16.02 -31.25 19.75
CA ASN A 299 -16.91 -30.23 19.22
C ASN A 299 -18.36 -30.54 19.55
N GLY A 300 -18.78 -31.79 19.44
CA GLY A 300 -20.13 -32.17 19.76
C GLY A 300 -21.06 -32.17 18.57
N ASP A 301 -20.65 -32.86 17.50
CA ASP A 301 -21.46 -32.96 16.29
C ASP A 301 -22.42 -34.14 16.44
N SER A 302 -23.72 -33.86 16.32
CA SER A 302 -24.70 -34.92 16.37
C SER A 302 -24.59 -35.87 15.18
N THR A 303 -24.32 -35.34 13.99
CA THR A 303 -24.13 -36.15 12.80
C THR A 303 -22.83 -36.95 12.83
N ALA A 304 -22.01 -36.76 13.86
CA ALA A 304 -20.74 -37.46 14.01
C ALA A 304 -21.02 -38.88 14.52
N VAL A 305 -19.98 -39.54 15.03
CA VAL A 305 -20.02 -40.95 15.40
C VAL A 305 -21.20 -41.26 16.32
N ALA A 306 -21.67 -42.51 16.28
CA ALA A 306 -22.88 -42.91 16.97
C ALA A 306 -22.54 -43.40 18.37
N LEU A 307 -23.55 -43.42 19.24
CA LEU A 307 -23.38 -43.85 20.62
C LEU A 307 -23.32 -45.37 20.71
N ASN A 308 -22.88 -45.85 21.88
CA ASN A 308 -22.82 -47.27 22.17
C ASN A 308 -24.13 -47.70 22.84
N ARG A 309 -24.16 -48.92 23.39
CA ARG A 309 -25.32 -49.46 24.08
C ARG A 309 -25.01 -49.38 25.58
N GLU A 310 -26.01 -48.99 26.36
CA GLU A 310 -25.79 -48.69 27.78
C GLU A 310 -26.39 -49.76 28.66
N GLU A 311 -25.58 -50.30 29.58
CA GLU A 311 -26.03 -51.28 30.57
C GLU A 311 -25.89 -50.66 31.96
N ASP A 312 -26.96 -50.03 32.45
CA ASP A 312 -26.98 -49.51 33.81
C ASP A 312 -27.76 -50.46 34.72
N PHE A 313 -27.28 -50.60 35.94
CA PHE A 313 -27.94 -51.44 36.92
C PHE A 313 -28.80 -50.60 37.87
N LYS A 326 -24.42 -29.02 32.63
CA LYS A 326 -23.54 -30.08 32.15
C LYS A 326 -23.80 -30.48 30.68
N PRO A 327 -24.06 -29.48 29.80
CA PRO A 327 -24.61 -29.81 28.48
C PRO A 327 -23.74 -30.76 27.66
N LEU A 328 -22.52 -30.36 27.33
CA LEU A 328 -21.56 -31.29 26.77
C LEU A 328 -20.18 -31.19 27.39
N ILE A 329 -19.75 -29.98 27.71
CA ILE A 329 -18.34 -29.77 28.03
C ILE A 329 -18.03 -30.00 29.50
N GLU A 330 -19.00 -29.80 30.39
CA GLU A 330 -18.75 -30.03 31.80
C GLU A 330 -19.07 -31.46 32.24
N LYS A 331 -19.62 -32.28 31.34
CA LYS A 331 -19.81 -33.68 31.67
C LYS A 331 -18.60 -34.52 31.29
N LEU A 332 -18.01 -34.26 30.12
CA LEU A 332 -16.83 -34.99 29.70
C LEU A 332 -15.63 -34.72 30.59
N ALA A 333 -15.41 -33.47 30.99
CA ALA A 333 -14.31 -33.18 31.91
C ALA A 333 -14.55 -33.86 33.25
N GLU A 334 -15.76 -33.75 33.79
CA GLU A 334 -16.10 -34.41 35.05
C GLU A 334 -15.91 -35.92 34.98
N ILE A 335 -16.19 -36.53 33.83
CA ILE A 335 -15.88 -37.95 33.65
C ILE A 335 -14.40 -38.20 33.86
N TYR A 336 -13.55 -37.32 33.32
CA TYR A 336 -12.12 -37.52 33.46
C TYR A 336 -11.64 -37.29 34.89
N VAL A 337 -12.30 -36.39 35.63
CA VAL A 337 -11.85 -36.11 36.99
C VAL A 337 -11.94 -37.36 37.87
N ASN A 338 -13.04 -38.10 37.78
CA ASN A 338 -13.23 -39.29 38.60
C ASN A 338 -12.83 -40.57 37.88
N SER A 339 -11.84 -40.51 37.00
CA SER A 339 -11.35 -41.67 36.27
C SER A 339 -10.05 -42.16 36.88
N SER A 340 -9.66 -43.38 36.48
CA SER A 340 -8.42 -43.95 36.98
C SER A 340 -7.19 -43.21 36.48
N PHE A 341 -7.23 -42.68 35.26
CA PHE A 341 -6.11 -41.91 34.75
C PHE A 341 -5.84 -40.68 35.61
N TYR A 342 -6.90 -39.98 36.04
CA TYR A 342 -6.72 -38.83 36.90
C TYR A 342 -6.07 -39.19 38.23
N LYS A 343 -6.51 -40.27 38.86
CA LYS A 343 -5.90 -40.67 40.13
C LYS A 343 -4.44 -41.08 39.94
N GLU A 344 -4.16 -41.83 38.88
CA GLU A 344 -2.77 -42.23 38.63
C GLU A 344 -1.88 -41.03 38.35
N THR A 345 -2.37 -40.05 37.59
CA THR A 345 -1.63 -38.82 37.36
C THR A 345 -1.43 -38.02 38.64
N LYS A 346 -2.47 -37.88 39.47
CA LYS A 346 -2.37 -37.09 40.68
C LYS A 346 -1.42 -37.73 41.69
N ALA A 347 -1.41 -39.05 41.81
CA ALA A 347 -0.47 -39.69 42.72
C ALA A 347 0.97 -39.41 42.33
N GLU A 348 1.29 -39.51 41.05
CA GLU A 348 2.64 -39.19 40.59
C GLU A 348 2.95 -37.71 40.76
N LEU A 349 1.96 -36.84 40.53
CA LEU A 349 2.18 -35.40 40.71
C LEU A 349 2.50 -35.08 42.16
N HIS A 350 1.77 -35.68 43.10
CA HIS A 350 2.00 -35.44 44.52
C HIS A 350 3.20 -36.20 45.06
N GLN A 351 3.71 -37.19 44.34
CA GLN A 351 4.97 -37.80 44.74
C GLN A 351 6.13 -36.81 44.67
N LEU A 352 6.14 -35.96 43.65
CA LEU A 352 7.18 -34.95 43.50
C LEU A 352 6.98 -33.80 44.49
N TYR A 369 23.92 -11.10 30.49
CA TYR A 369 23.93 -11.93 29.28
C TYR A 369 25.22 -12.73 29.17
N THR A 370 25.32 -13.52 28.10
CA THR A 370 26.53 -14.29 27.83
C THR A 370 27.48 -13.55 26.89
N THR A 371 26.94 -12.95 25.83
CA THR A 371 27.74 -12.23 24.86
C THR A 371 27.80 -10.74 25.19
N SER A 372 28.87 -10.11 24.76
CA SER A 372 29.08 -8.69 25.01
C SER A 372 28.17 -7.86 24.13
N PHE A 373 28.20 -6.54 24.33
CA PHE A 373 27.38 -5.66 23.50
C PHE A 373 27.92 -5.58 22.08
N CYS A 374 29.21 -5.38 21.91
CA CYS A 374 29.81 -5.31 20.57
C CYS A 374 29.69 -6.62 19.82
N HIS A 375 29.87 -7.75 20.49
CA HIS A 375 29.81 -9.04 19.82
C HIS A 375 28.42 -9.32 19.27
N GLN A 376 27.38 -8.78 19.90
CA GLN A 376 26.03 -8.93 19.36
C GLN A 376 25.56 -7.71 18.61
N LEU A 377 26.39 -6.67 18.49
CA LEU A 377 26.11 -5.59 17.55
C LEU A 377 26.67 -5.91 16.17
N ARG A 378 27.90 -6.42 16.13
CA ARG A 378 28.52 -6.75 14.85
C ARG A 378 27.72 -7.80 14.10
N TRP A 379 27.23 -8.82 14.79
CA TRP A 379 26.50 -9.89 14.11
C TRP A 379 25.14 -9.44 13.61
N VAL A 380 24.42 -8.61 14.37
CA VAL A 380 23.15 -8.09 13.88
C VAL A 380 23.39 -7.20 12.67
N SER A 381 24.40 -6.33 12.73
CA SER A 381 24.69 -5.47 11.58
C SER A 381 25.10 -6.29 10.35
N LYS A 382 25.92 -7.32 10.55
CA LYS A 382 26.34 -8.17 9.44
C LYS A 382 25.16 -8.89 8.81
N ARG A 383 24.26 -9.43 9.64
CA ARG A 383 23.08 -10.09 9.10
C ARG A 383 22.19 -9.12 8.34
N SER A 384 22.01 -7.91 8.87
CA SER A 384 21.21 -6.92 8.15
C SER A 384 21.85 -6.52 6.83
N PHE A 385 23.18 -6.36 6.80
CA PHE A 385 23.85 -6.04 5.55
C PHE A 385 23.72 -7.17 4.54
N LYS A 386 23.88 -8.42 4.99
CA LYS A 386 23.70 -9.55 4.09
C LYS A 386 22.29 -9.63 3.57
N ASN A 387 21.29 -9.35 4.41
CA ASN A 387 19.91 -9.32 3.95
C ASN A 387 19.69 -8.21 2.92
N LEU A 388 20.28 -7.04 3.15
CA LEU A 388 20.16 -5.93 2.22
C LEU A 388 20.79 -6.24 0.86
N LEU A 389 21.97 -6.86 0.85
CA LEU A 389 22.64 -7.19 -0.39
C LEU A 389 22.14 -8.48 -1.03
N GLY A 390 21.37 -9.28 -0.30
CA GLY A 390 20.95 -10.57 -0.83
C GLY A 390 19.88 -10.44 -1.90
N ASN A 391 19.06 -9.39 -1.83
CA ASN A 391 18.03 -9.16 -2.83
C ASN A 391 18.22 -7.77 -3.42
N PRO A 392 19.07 -7.61 -4.44
CA PRO A 392 19.24 -6.29 -5.07
C PRO A 392 18.00 -5.85 -5.83
N GLN A 393 16.90 -5.67 -5.09
CA GLN A 393 15.65 -5.21 -5.64
C GLN A 393 15.03 -4.06 -4.87
N ALA A 394 15.42 -3.83 -3.62
CA ALA A 394 14.93 -2.68 -2.86
C ALA A 394 15.92 -1.53 -2.89
N SER A 395 17.22 -1.83 -2.93
CA SER A 395 18.24 -0.79 -3.04
C SER A 395 18.49 -0.34 -4.47
N ILE A 396 18.59 -1.29 -5.40
CA ILE A 396 18.84 -0.94 -6.79
C ILE A 396 17.67 -0.17 -7.38
N ALA A 397 16.44 -0.50 -7.01
CA ALA A 397 15.29 0.20 -7.57
C ALA A 397 15.32 1.69 -7.22
N GLN A 398 15.47 2.03 -5.95
CA GLN A 398 15.55 3.43 -5.57
C GLN A 398 16.83 4.10 -6.06
N ILE A 399 17.95 3.36 -6.15
CA ILE A 399 19.14 3.96 -6.73
C ILE A 399 18.88 4.38 -8.18
N ILE A 400 18.25 3.49 -8.96
CA ILE A 400 17.98 3.78 -10.36
C ILE A 400 16.99 4.92 -10.50
N VAL A 401 15.95 4.94 -9.68
CA VAL A 401 14.98 6.02 -9.81
C VAL A 401 15.58 7.35 -9.38
N THR A 402 16.47 7.36 -8.38
CA THR A 402 17.17 8.59 -8.02
C THR A 402 18.07 9.07 -9.16
N VAL A 403 18.81 8.15 -9.79
CA VAL A 403 19.65 8.53 -10.92
C VAL A 403 18.84 9.10 -12.07
N VAL A 404 17.71 8.47 -12.41
CA VAL A 404 16.82 8.98 -13.45
C VAL A 404 16.23 10.33 -13.08
N LEU A 405 15.75 10.50 -11.85
CA LEU A 405 15.18 11.77 -11.43
C LEU A 405 16.20 12.90 -11.48
N GLY A 406 17.43 12.65 -11.03
CA GLY A 406 18.46 13.65 -11.13
C GLY A 406 18.76 14.09 -12.55
N LEU A 407 18.89 13.14 -13.48
CA LEU A 407 19.13 13.49 -14.87
C LEU A 407 17.96 14.28 -15.45
N VAL A 408 16.73 13.86 -15.16
CA VAL A 408 15.57 14.57 -15.70
C VAL A 408 15.51 15.99 -15.15
N ILE A 409 15.70 16.15 -13.84
CA ILE A 409 15.65 17.48 -13.24
C ILE A 409 16.74 18.37 -13.83
N GLY A 410 17.95 17.83 -13.98
CA GLY A 410 19.00 18.59 -14.65
C GLY A 410 18.64 18.93 -16.08
N ALA A 411 17.84 18.10 -16.73
CA ALA A 411 17.40 18.38 -18.09
C ALA A 411 16.42 19.55 -18.16
N ILE A 412 15.39 19.57 -17.31
CA ILE A 412 14.46 20.71 -17.35
C ILE A 412 15.14 21.99 -16.90
N TYR A 413 15.89 21.95 -15.81
CA TYR A 413 16.45 23.14 -15.19
C TYR A 413 17.83 23.49 -15.73
N PHE A 414 18.15 23.09 -16.96
CA PHE A 414 19.47 23.34 -17.52
C PHE A 414 19.69 24.84 -17.72
N GLY A 415 20.84 25.33 -17.26
CA GLY A 415 21.23 26.69 -17.52
C GLY A 415 20.40 27.74 -16.80
N LEU A 416 20.53 27.81 -15.48
CA LEU A 416 19.78 28.79 -14.69
C LEU A 416 20.30 30.18 -15.01
N LYS A 417 19.40 31.07 -15.42
CA LYS A 417 19.78 32.42 -15.80
C LYS A 417 19.55 33.39 -14.64
N ASN A 418 20.27 34.50 -14.67
CA ASN A 418 20.11 35.57 -13.68
C ASN A 418 19.21 36.66 -14.22
N ASP A 419 17.95 36.29 -14.49
CA ASP A 419 16.95 37.22 -15.00
C ASP A 419 15.69 37.12 -14.16
N SER A 420 14.59 37.71 -14.65
CA SER A 420 13.35 37.73 -13.88
C SER A 420 12.85 36.33 -13.56
N THR A 421 13.18 35.34 -14.39
CA THR A 421 12.74 33.97 -14.15
C THR A 421 13.74 33.14 -13.36
N GLY A 422 14.90 33.70 -13.02
CA GLY A 422 15.87 32.96 -12.24
C GLY A 422 15.42 32.64 -10.82
N ILE A 423 14.77 33.60 -10.16
CA ILE A 423 14.30 33.38 -8.80
C ILE A 423 13.28 32.25 -8.74
N GLN A 424 12.32 32.25 -9.66
CA GLN A 424 11.29 31.22 -9.67
C GLN A 424 11.90 29.84 -9.89
N ASN A 425 12.80 29.72 -10.86
CA ASN A 425 13.41 28.42 -11.14
C ASN A 425 14.25 27.94 -9.97
N ARG A 426 15.04 28.83 -9.37
CA ARG A 426 15.86 28.43 -8.24
C ARG A 426 14.99 27.98 -7.07
N ALA A 427 13.94 28.74 -6.75
CA ALA A 427 13.06 28.36 -5.66
C ALA A 427 12.37 27.04 -5.93
N GLY A 428 11.85 26.83 -7.14
CA GLY A 428 11.19 25.59 -7.45
C GLY A 428 12.11 24.38 -7.40
N VAL A 429 13.32 24.50 -7.97
CA VAL A 429 14.24 23.37 -7.95
C VAL A 429 14.77 23.08 -6.56
N LEU A 430 14.94 24.10 -5.72
CA LEU A 430 15.36 23.84 -4.35
C LEU A 430 14.24 23.31 -3.48
N PHE A 431 12.99 23.66 -3.78
CA PHE A 431 11.87 23.12 -3.02
C PHE A 431 11.59 21.68 -3.39
N PHE A 432 11.65 21.34 -4.68
CA PHE A 432 11.31 19.99 -5.10
C PHE A 432 12.30 18.97 -4.54
N LEU A 433 13.59 19.31 -4.50
CA LEU A 433 14.58 18.38 -3.97
C LEU A 433 14.31 18.05 -2.51
N THR A 434 14.02 19.08 -1.70
CA THR A 434 13.70 18.86 -0.30
C THR A 434 12.42 18.06 -0.13
N THR A 435 11.39 18.37 -0.91
CA THR A 435 10.14 17.62 -0.81
C THR A 435 10.34 16.15 -1.19
N ASN A 436 11.12 15.89 -2.24
CA ASN A 436 11.40 14.51 -2.62
C ASN A 436 12.21 13.79 -1.55
N GLN A 437 13.20 14.47 -0.97
CA GLN A 437 13.99 13.84 0.10
C GLN A 437 13.13 13.51 1.30
N CYS A 438 12.14 14.35 1.61
CA CYS A 438 11.24 14.04 2.72
C CYS A 438 10.28 12.90 2.37
N PHE A 439 9.72 12.91 1.16
CA PHE A 439 8.72 11.91 0.81
C PHE A 439 9.32 10.55 0.49
N SER A 440 10.63 10.49 0.22
CA SER A 440 11.26 9.21 -0.07
C SER A 440 11.52 8.37 1.18
N SER A 441 11.34 8.94 2.36
CA SER A 441 11.54 8.20 3.60
C SER A 441 10.26 7.57 4.14
N VAL A 442 9.14 7.71 3.42
CA VAL A 442 7.92 7.03 3.84
C VAL A 442 8.10 5.53 3.78
N SER A 443 8.84 5.03 2.80
CA SER A 443 9.10 3.62 2.64
C SER A 443 10.10 3.08 3.67
N ALA A 444 10.44 3.86 4.68
CA ALA A 444 11.39 3.44 5.72
C ALA A 444 10.70 2.75 6.88
N VAL A 445 9.38 2.51 6.79
CA VAL A 445 8.67 1.80 7.86
C VAL A 445 8.73 0.30 7.71
N GLU A 446 9.34 -0.21 6.64
CA GLU A 446 9.58 -1.64 6.48
C GLU A 446 10.81 -2.10 7.24
N LEU A 447 11.30 -1.30 8.20
CA LEU A 447 12.48 -1.62 8.97
C LEU A 447 12.18 -2.41 10.23
N PHE A 448 11.19 -1.98 11.02
CA PHE A 448 10.82 -2.67 12.23
C PHE A 448 9.42 -3.26 12.18
N VAL A 449 8.82 -3.34 10.99
CA VAL A 449 7.48 -3.92 10.84
C VAL A 449 7.54 -5.30 10.22
N VAL A 450 8.28 -5.44 9.12
CA VAL A 450 8.37 -6.75 8.47
C VAL A 450 9.21 -7.73 9.28
N GLU A 451 9.91 -7.24 10.31
CA GLU A 451 10.79 -8.07 11.11
C GLU A 451 10.38 -8.03 12.59
N LYS A 452 9.12 -7.67 12.86
CA LYS A 452 8.65 -7.60 14.23
C LYS A 452 8.60 -8.98 14.88
N LYS A 453 8.01 -9.96 14.19
CA LYS A 453 7.90 -11.30 14.76
C LYS A 453 9.26 -11.92 15.02
N LEU A 454 10.19 -11.79 14.07
CA LEU A 454 11.52 -12.34 14.25
C LEU A 454 12.24 -11.65 15.39
N PHE A 455 12.10 -10.34 15.50
CA PHE A 455 12.71 -9.59 16.60
C PHE A 455 12.17 -10.05 17.95
N ILE A 456 10.86 -10.21 18.06
CA ILE A 456 10.27 -10.64 19.32
C ILE A 456 10.75 -12.04 19.67
N HIS A 457 10.75 -12.95 18.70
CA HIS A 457 11.19 -14.31 18.96
C HIS A 457 12.65 -14.35 19.42
N GLU A 458 13.54 -13.63 18.74
CA GLU A 458 14.94 -13.64 19.15
C GLU A 458 15.18 -12.88 20.43
N TYR A 459 14.34 -11.92 20.79
CA TYR A 459 14.50 -11.26 22.07
C TYR A 459 14.09 -12.16 23.23
N ILE A 460 12.95 -12.84 23.10
CA ILE A 460 12.57 -13.77 24.16
C ILE A 460 13.57 -14.91 24.26
N SER A 461 14.02 -15.45 23.13
CA SER A 461 14.96 -16.56 23.17
C SER A 461 16.28 -16.18 23.83
N GLY A 462 16.67 -14.92 23.76
CA GLY A 462 17.86 -14.47 24.44
C GLY A 462 19.05 -14.20 23.53
N TYR A 463 18.77 -13.89 22.26
CA TYR A 463 19.84 -13.62 21.31
C TYR A 463 20.59 -12.34 21.68
N TYR A 464 19.86 -11.25 21.89
CA TYR A 464 20.49 -9.96 22.14
C TYR A 464 19.61 -9.09 23.04
N ARG A 465 19.96 -7.81 23.16
CA ARG A 465 19.13 -6.85 23.87
C ARG A 465 18.58 -5.83 22.88
N VAL A 466 17.70 -4.95 23.33
CA VAL A 466 17.06 -4.02 22.41
C VAL A 466 18.04 -2.99 21.84
N SER A 467 19.00 -2.53 22.64
CA SER A 467 19.94 -1.52 22.15
C SER A 467 20.80 -2.05 21.00
N SER A 468 21.35 -3.26 21.15
CA SER A 468 22.19 -3.81 20.10
C SER A 468 21.41 -4.05 18.81
N TYR A 469 20.20 -4.59 18.91
CA TYR A 469 19.38 -4.77 17.72
C TYR A 469 19.05 -3.45 17.06
N PHE A 470 18.67 -2.45 17.86
CA PHE A 470 18.33 -1.14 17.32
C PHE A 470 19.50 -0.49 16.60
N LEU A 471 20.70 -0.55 17.19
CA LEU A 471 21.87 0.02 16.54
C LEU A 471 22.33 -0.78 15.33
N GLY A 472 22.24 -2.11 15.38
CA GLY A 472 22.63 -2.92 14.24
C GLY A 472 21.72 -2.74 13.05
N LYS A 473 20.42 -2.61 13.27
CA LYS A 473 19.51 -2.35 12.18
C LYS A 473 19.52 -0.89 11.73
N LEU A 474 20.27 -0.05 12.44
CA LEU A 474 20.41 1.36 12.09
C LEU A 474 21.69 1.65 11.32
N LEU A 475 22.81 1.05 11.72
CA LEU A 475 24.10 1.31 11.09
C LEU A 475 24.21 0.76 9.68
N SER A 476 23.51 -0.33 9.36
CA SER A 476 23.72 -1.06 8.12
C SER A 476 22.48 -1.10 7.26
N ASP A 477 21.39 -0.48 7.72
CA ASP A 477 20.17 -0.50 6.92
C ASP A 477 19.71 0.91 6.56
N LEU A 478 19.70 1.81 7.53
CA LEU A 478 19.25 3.18 7.29
C LEU A 478 20.40 4.12 6.96
N LEU A 479 21.55 3.97 7.63
CA LEU A 479 22.66 4.88 7.40
C LEU A 479 23.16 4.85 5.96
N PRO A 480 23.47 3.69 5.36
CA PRO A 480 24.04 3.71 4.00
C PRO A 480 23.01 3.85 2.89
N MET A 481 21.74 3.56 3.13
CA MET A 481 20.72 3.64 2.11
C MET A 481 20.01 4.99 2.07
N ARG A 482 20.36 5.92 2.96
CA ARG A 482 19.84 7.27 2.90
C ARG A 482 20.87 8.29 2.48
N MET A 483 22.15 8.08 2.83
CA MET A 483 23.22 8.96 2.41
C MET A 483 23.45 8.93 0.90
N LEU A 484 23.31 7.77 0.27
CA LEU A 484 23.62 7.64 -1.16
C LEU A 484 22.72 8.49 -2.04
N PRO A 485 21.39 8.48 -1.90
CA PRO A 485 20.56 9.29 -2.82
C PRO A 485 20.88 10.77 -2.79
N SER A 486 21.20 11.33 -1.62
CA SER A 486 21.59 12.74 -1.57
C SER A 486 22.86 13.00 -2.36
N ILE A 487 23.86 12.13 -2.23
CA ILE A 487 25.09 12.30 -2.98
C ILE A 487 24.82 12.20 -4.48
N ILE A 488 24.00 11.23 -4.88
CA ILE A 488 23.70 11.08 -6.31
C ILE A 488 22.97 12.30 -6.84
N PHE A 489 22.00 12.81 -6.08
CA PHE A 489 21.27 14.00 -6.52
C PHE A 489 22.20 15.20 -6.62
N THR A 490 23.06 15.42 -5.64
CA THR A 490 23.88 16.61 -5.60
C THR A 490 24.96 16.64 -6.67
N CYS A 491 25.56 15.50 -7.01
CA CYS A 491 26.64 15.48 -7.99
C CYS A 491 26.15 15.52 -9.42
N ILE A 492 24.85 15.37 -9.67
CA ILE A 492 24.29 15.38 -11.01
C ILE A 492 23.60 16.70 -11.32
N VAL A 493 22.71 17.15 -10.43
CA VAL A 493 21.88 18.31 -10.73
C VAL A 493 22.64 19.61 -10.52
N TYR A 494 23.77 19.59 -9.80
CA TYR A 494 24.42 20.85 -9.44
C TYR A 494 25.06 21.50 -10.66
N PHE A 495 26.03 20.83 -11.28
CA PHE A 495 26.76 21.43 -12.38
C PHE A 495 25.96 21.49 -13.67
N MET A 496 24.99 20.60 -13.85
CA MET A 496 24.06 20.70 -14.96
C MET A 496 23.11 21.89 -14.80
N LEU A 497 23.06 22.48 -13.61
CA LEU A 497 22.24 23.66 -13.36
C LEU A 497 23.11 24.90 -13.26
N GLY A 498 24.17 24.88 -12.45
CA GLY A 498 25.01 26.04 -12.27
C GLY A 498 24.53 26.90 -11.14
N LEU A 499 24.34 26.30 -9.96
CA LEU A 499 23.77 27.02 -8.82
C LEU A 499 24.72 28.07 -8.30
N LYS A 500 25.90 27.66 -7.82
CA LYS A 500 26.89 28.59 -7.32
C LYS A 500 28.28 27.96 -7.43
N PRO A 501 29.11 28.40 -8.36
CA PRO A 501 30.39 27.69 -8.59
C PRO A 501 31.39 27.91 -7.47
N LYS A 502 31.13 27.34 -6.30
CA LYS A 502 32.04 27.42 -5.17
C LYS A 502 32.17 26.04 -4.54
N ALA A 503 33.32 25.79 -3.91
CA ALA A 503 33.55 24.49 -3.29
C ALA A 503 32.67 24.28 -2.07
N ASP A 504 32.47 25.32 -1.26
CA ASP A 504 31.73 25.17 -0.01
C ASP A 504 30.23 25.01 -0.22
N ALA A 505 29.67 25.69 -1.23
CA ALA A 505 28.24 25.58 -1.49
C ALA A 505 27.82 24.18 -1.87
N PHE A 506 28.63 23.47 -2.67
CA PHE A 506 28.33 22.10 -3.05
C PHE A 506 28.21 21.20 -1.83
N PHE A 507 29.18 21.27 -0.93
CA PHE A 507 29.14 20.48 0.28
C PHE A 507 28.04 20.90 1.23
N VAL A 508 27.73 22.19 1.30
CA VAL A 508 26.62 22.63 2.15
C VAL A 508 25.30 22.05 1.64
N MET A 509 25.10 22.07 0.32
CA MET A 509 23.89 21.48 -0.24
C MET A 509 23.81 19.98 0.01
N MET A 510 24.93 19.27 -0.16
CA MET A 510 24.92 17.83 0.11
C MET A 510 24.63 17.55 1.58
N PHE A 511 25.24 18.31 2.48
CA PHE A 511 25.03 18.13 3.92
C PHE A 511 23.58 18.39 4.29
N THR A 512 22.98 19.46 3.75
CA THR A 512 21.58 19.74 4.05
C THR A 512 20.66 18.65 3.53
N LEU A 513 20.90 18.15 2.32
CA LEU A 513 20.07 17.05 1.83
C LEU A 513 20.22 15.81 2.67
N MET A 514 21.44 15.48 3.11
CA MET A 514 21.64 14.33 3.99
C MET A 514 20.87 14.49 5.29
N MET A 515 20.93 15.69 5.89
CA MET A 515 20.19 15.91 7.13
C MET A 515 18.69 15.81 6.93
N VAL A 516 18.15 16.34 5.84
CA VAL A 516 16.72 16.25 5.61
C VAL A 516 16.29 14.79 5.47
N ALA A 517 17.05 14.01 4.69
CA ALA A 517 16.71 12.60 4.53
C ALA A 517 16.80 11.85 5.85
N TYR A 518 17.87 12.10 6.63
CA TYR A 518 18.02 11.42 7.91
C TYR A 518 16.89 11.77 8.87
N SER A 519 16.51 13.05 8.93
CA SER A 519 15.42 13.46 9.81
C SER A 519 14.10 12.83 9.41
N ALA A 520 13.78 12.81 8.12
CA ALA A 520 12.54 12.19 7.68
C ALA A 520 12.54 10.70 7.99
N SER A 521 13.67 10.02 7.77
CA SER A 521 13.74 8.59 8.09
C SER A 521 13.60 8.35 9.58
N SER A 522 14.23 9.18 10.42
CA SER A 522 14.12 9.01 11.86
C SER A 522 12.70 9.22 12.35
N MET A 523 11.99 10.21 11.79
CA MET A 523 10.59 10.37 12.17
C MET A 523 9.76 9.18 11.69
N ALA A 524 10.07 8.65 10.50
CA ALA A 524 9.40 7.45 10.03
C ALA A 524 9.58 6.29 11.00
N LEU A 525 10.80 6.07 11.46
CA LEU A 525 11.06 5.04 12.45
C LEU A 525 10.34 5.29 13.76
N ALA A 526 10.30 6.54 14.21
CA ALA A 526 9.61 6.87 15.46
C ALA A 526 8.12 6.62 15.38
N ILE A 527 7.51 6.79 14.20
CA ILE A 527 6.08 6.54 14.08
C ILE A 527 5.80 5.04 14.08
N ALA A 528 6.48 4.29 13.23
CA ALA A 528 6.24 2.85 13.10
C ALA A 528 7.39 2.10 13.76
N ALA A 529 7.26 1.90 15.07
CA ALA A 529 8.27 1.22 15.87
C ALA A 529 7.64 0.16 16.76
N GLY A 530 6.86 -0.75 16.18
CA GLY A 530 6.17 -1.75 16.95
C GLY A 530 4.79 -2.07 16.41
N GLN A 531 4.39 -1.37 15.36
CA GLN A 531 3.16 -1.72 14.66
C GLN A 531 3.35 -3.01 13.87
N SER A 532 2.23 -3.68 13.61
CA SER A 532 2.27 -4.95 12.90
C SER A 532 1.97 -4.82 11.41
N VAL A 533 1.37 -3.71 10.98
CA VAL A 533 1.06 -3.49 9.58
C VAL A 533 1.68 -2.17 9.15
N VAL A 534 1.69 -1.94 7.83
CA VAL A 534 2.18 -0.70 7.24
C VAL A 534 1.07 0.16 6.68
N SER A 535 -0.14 -0.38 6.54
CA SER A 535 -1.24 0.38 5.95
C SER A 535 -1.68 1.54 6.81
N VAL A 536 -1.31 1.58 8.08
CA VAL A 536 -1.72 2.64 8.99
C VAL A 536 -0.60 3.66 9.26
N ALA A 537 0.66 3.22 9.32
CA ALA A 537 1.75 4.16 9.54
C ALA A 537 2.00 5.03 8.33
N THR A 538 1.97 4.44 7.13
CA THR A 538 2.22 5.20 5.91
C THR A 538 1.18 6.28 5.66
N LEU A 539 -0.10 6.00 5.89
CA LEU A 539 -1.11 7.03 5.70
C LEU A 539 -0.91 8.19 6.65
N LEU A 540 -0.64 7.89 7.93
CA LEU A 540 -0.40 8.94 8.90
C LEU A 540 0.83 9.77 8.54
N MET A 541 1.90 9.11 8.11
CA MET A 541 3.09 9.85 7.71
C MET A 541 2.87 10.68 6.46
N THR A 542 2.12 10.18 5.49
CA THR A 542 1.82 10.98 4.31
C THR A 542 1.02 12.22 4.69
N ILE A 543 0.00 12.06 5.52
CA ILE A 543 -0.79 13.21 5.93
C ILE A 543 0.01 14.17 6.80
N CYS A 544 1.02 13.66 7.53
CA CYS A 544 1.88 14.56 8.31
C CYS A 544 2.85 15.31 7.42
N PHE A 545 3.43 14.64 6.42
CA PHE A 545 4.34 15.30 5.50
C PHE A 545 3.64 16.31 4.62
N VAL A 546 2.36 16.11 4.31
CA VAL A 546 1.64 17.13 3.55
C VAL A 546 1.57 18.44 4.32
N PHE A 547 1.21 18.36 5.62
CA PHE A 547 1.18 19.57 6.45
C PHE A 547 2.58 20.14 6.63
N MET A 548 3.59 19.29 6.79
CA MET A 548 4.96 19.79 6.86
C MET A 548 5.36 20.53 5.58
N MET A 549 4.90 20.07 4.43
CA MET A 549 5.20 20.71 3.15
C MET A 549 4.46 22.02 3.01
N ILE A 550 3.26 22.13 3.59
CA ILE A 550 2.51 23.38 3.53
C ILE A 550 3.30 24.50 4.19
N PHE A 551 3.89 24.25 5.34
CA PHE A 551 4.65 25.26 6.07
C PHE A 551 6.13 25.25 5.69
N SER A 552 6.42 25.32 4.39
CA SER A 552 7.80 25.25 3.94
C SER A 552 8.36 26.63 3.63
N GLY A 553 7.59 27.46 2.92
CA GLY A 553 8.04 28.80 2.60
C GLY A 553 7.78 29.18 1.17
N LEU A 554 7.45 28.21 0.32
CA LEU A 554 7.18 28.50 -1.07
C LEU A 554 5.68 28.62 -1.34
N LEU A 555 4.89 27.70 -0.79
CA LEU A 555 3.45 27.71 -1.08
C LEU A 555 2.75 28.83 -0.32
N VAL A 556 3.30 29.28 0.80
CA VAL A 556 2.71 30.36 1.57
C VAL A 556 3.84 31.17 2.20
N ASN A 557 3.66 32.49 2.24
CA ASN A 557 4.65 33.36 2.83
C ASN A 557 4.58 33.25 4.34
N LEU A 558 5.69 32.84 4.96
CA LEU A 558 5.71 32.56 6.39
C LEU A 558 5.58 33.79 7.26
N THR A 559 5.68 35.00 6.68
CA THR A 559 5.53 36.22 7.46
C THR A 559 4.10 36.72 7.50
N THR A 560 3.21 36.15 6.69
CA THR A 560 1.81 36.56 6.68
C THR A 560 0.92 35.66 7.51
N ILE A 561 1.48 34.70 8.23
CA ILE A 561 0.70 33.78 9.03
C ILE A 561 0.17 34.51 10.25
N ALA A 562 -1.00 34.09 10.74
CA ALA A 562 -1.52 34.62 11.98
C ALA A 562 -0.63 34.19 13.14
N SER A 563 -0.61 35.00 14.20
CA SER A 563 0.27 34.74 15.32
C SER A 563 -0.07 33.43 16.03
N TRP A 564 -1.34 33.04 16.03
CA TRP A 564 -1.76 31.81 16.68
C TRP A 564 -1.54 30.58 15.81
N LEU A 565 -1.12 30.77 14.56
CA LEU A 565 -0.80 29.64 13.69
C LEU A 565 0.64 29.64 13.22
N SER A 566 1.39 30.73 13.40
CA SER A 566 2.75 30.82 12.93
C SER A 566 3.70 29.88 13.67
N TRP A 567 3.39 29.49 14.90
CA TRP A 567 4.25 28.59 15.64
C TRP A 567 4.34 27.20 15.01
N LEU A 568 3.29 26.76 14.32
CA LEU A 568 3.29 25.45 13.68
C LEU A 568 4.41 25.28 12.68
N GLN A 569 4.97 26.37 12.15
CA GLN A 569 6.09 26.29 11.22
C GLN A 569 7.35 25.73 11.87
N TYR A 570 7.45 25.74 13.20
CA TYR A 570 8.67 25.26 13.83
C TYR A 570 8.74 23.75 13.87
N PHE A 571 7.67 23.05 13.49
CA PHE A 571 7.64 21.59 13.43
C PHE A 571 7.69 21.08 12.00
N SER A 572 8.45 21.72 11.12
CA SER A 572 8.50 21.35 9.72
C SER A 572 9.93 21.09 9.29
N ILE A 573 10.26 19.83 9.02
CA ILE A 573 11.57 19.43 8.51
C ILE A 573 11.82 20.04 7.13
N PRO A 574 10.88 19.94 6.17
CA PRO A 574 11.14 20.55 4.86
C PRO A 574 11.40 22.03 4.93
N ARG A 575 10.76 22.76 5.84
CA ARG A 575 11.06 24.18 5.99
C ARG A 575 12.50 24.39 6.42
N TYR A 576 12.98 23.60 7.38
CA TYR A 576 14.35 23.74 7.84
C TYR A 576 15.35 23.43 6.72
N GLY A 577 15.10 22.40 5.92
CA GLY A 577 15.98 22.14 4.80
C GLY A 577 15.93 23.19 3.71
N PHE A 578 14.72 23.63 3.35
CA PHE A 578 14.54 24.61 2.29
C PHE A 578 15.13 25.96 2.64
N THR A 579 14.99 26.38 3.90
CA THR A 579 15.58 27.64 4.31
C THR A 579 17.10 27.61 4.17
N ALA A 580 17.73 26.51 4.58
CA ALA A 580 19.17 26.41 4.44
C ALA A 580 19.59 26.40 2.97
N LEU A 581 18.87 25.65 2.13
CA LEU A 581 19.21 25.63 0.71
C LEU A 581 19.08 27.01 0.08
N GLN A 582 17.98 27.72 0.38
CA GLN A 582 17.79 29.06 -0.17
C GLN A 582 18.84 30.04 0.33
N HIS A 583 19.16 30.00 1.62
CA HIS A 583 20.21 30.87 2.15
C HIS A 583 21.56 30.56 1.52
N ASN A 584 21.80 29.30 1.17
CA ASN A 584 23.03 28.95 0.48
C ASN A 584 23.06 29.44 -0.96
N GLU A 585 21.94 29.39 -1.66
CA GLU A 585 21.90 29.73 -3.07
C GLU A 585 21.75 31.22 -3.38
N PHE A 586 20.98 31.96 -2.60
CA PHE A 586 20.57 33.30 -3.00
C PHE A 586 21.43 34.40 -2.38
N LEU A 587 22.65 34.09 -1.96
CA LEU A 587 23.45 35.10 -1.28
C LEU A 587 24.53 35.67 -2.19
N GLY A 588 24.26 36.85 -2.74
CA GLY A 588 25.23 37.51 -3.59
C GLY A 588 24.89 37.44 -5.07
N GLN A 589 23.59 37.32 -5.37
CA GLN A 589 23.12 37.16 -6.73
C GLN A 589 22.33 38.41 -7.13
N ASN A 590 22.53 38.87 -8.36
CA ASN A 590 21.71 39.94 -8.91
C ASN A 590 20.78 39.37 -9.97
N PHE A 591 19.51 39.78 -9.94
CA PHE A 591 18.50 39.22 -10.82
C PHE A 591 17.86 40.28 -11.71
N CYS A 592 18.55 41.39 -11.92
CA CYS A 592 18.06 42.42 -12.83
C CYS A 592 19.18 42.82 -13.79
N PRO A 593 19.03 42.53 -15.09
CA PRO A 593 20.10 42.85 -16.02
C PRO A 593 20.25 44.35 -16.23
N GLY A 594 21.44 44.85 -15.93
CA GLY A 594 21.71 46.26 -16.09
C GLY A 594 21.20 47.14 -14.97
N LEU A 595 21.09 46.62 -13.75
CA LEU A 595 20.61 47.41 -12.62
C LEU A 595 21.48 47.08 -11.42
N ASN A 596 22.33 48.03 -11.01
CA ASN A 596 23.19 47.83 -9.85
C ASN A 596 22.38 48.16 -8.61
N ALA A 597 21.70 47.16 -8.07
CA ALA A 597 20.89 47.32 -6.86
C ALA A 597 21.70 47.07 -5.60
N THR A 598 22.96 46.67 -5.74
CA THR A 598 23.82 46.46 -4.57
C THR A 598 24.02 47.76 -3.80
N GLY A 599 24.25 48.86 -4.51
CA GLY A 599 24.37 50.16 -3.86
C GLY A 599 23.05 50.62 -3.29
N ASN A 600 22.06 50.79 -4.16
CA ASN A 600 20.72 51.18 -3.74
C ASN A 600 19.71 50.68 -4.77
N ASN A 601 18.45 50.69 -4.38
CA ASN A 601 17.36 50.33 -5.28
C ASN A 601 16.61 51.57 -5.72
N PRO A 602 16.84 52.07 -6.93
CA PRO A 602 16.11 53.27 -7.38
C PRO A 602 14.62 53.03 -7.52
N CYS A 603 14.19 51.79 -7.68
CA CYS A 603 12.80 51.45 -7.88
C CYS A 603 12.32 50.53 -6.78
N ASN A 604 11.17 50.86 -6.21
CA ASN A 604 10.55 50.07 -5.16
C ASN A 604 9.75 48.94 -5.80
N TYR A 605 9.49 47.90 -5.01
CA TYR A 605 8.84 46.68 -5.51
C TYR A 605 9.63 46.06 -6.66
N ALA A 606 10.93 45.90 -6.45
CA ALA A 606 11.82 45.45 -7.51
C ALA A 606 12.41 44.06 -7.30
N THR A 607 12.70 43.67 -6.05
CA THR A 607 13.38 42.42 -5.69
C THR A 607 14.45 42.04 -6.71
N CYS A 608 15.33 42.99 -7.03
CA CYS A 608 16.39 42.74 -8.00
C CYS A 608 17.54 41.94 -7.42
N THR A 609 17.74 42.00 -6.10
CA THR A 609 18.88 41.37 -5.46
C THR A 609 18.43 40.16 -4.67
N GLY A 610 19.28 39.12 -4.66
CA GLY A 610 18.97 37.90 -3.92
C GLY A 610 18.72 38.11 -2.45
N GLU A 611 19.47 39.01 -1.80
CA GLU A 611 19.24 39.32 -0.40
C GLU A 611 17.82 39.83 -0.14
N GLU A 612 17.27 40.63 -1.06
CA GLU A 612 15.91 41.10 -0.91
C GLU A 612 14.92 39.95 -0.88
N TYR A 613 15.10 38.95 -1.75
CA TYR A 613 14.22 37.79 -1.71
C TYR A 613 14.30 37.05 -0.39
N LEU A 614 15.52 36.84 0.13
CA LEU A 614 15.67 36.16 1.40
C LEU A 614 15.00 36.92 2.54
N VAL A 615 15.15 38.24 2.56
CA VAL A 615 14.51 39.02 3.62
C VAL A 615 12.99 39.00 3.45
N LYS A 616 12.52 39.05 2.21
CA LYS A 616 11.08 39.00 1.97
C LYS A 616 10.49 37.66 2.38
N GLN A 617 11.28 36.59 2.32
CA GLN A 617 10.80 35.28 2.73
C GLN A 617 10.93 35.04 4.23
N GLY A 618 11.45 36.01 4.97
CA GLY A 618 11.61 35.86 6.41
C GLY A 618 12.85 35.13 6.85
N ILE A 619 13.89 35.07 6.02
CA ILE A 619 15.10 34.32 6.29
C ILE A 619 16.17 35.28 6.78
N ASP A 620 16.83 34.92 7.87
CA ASP A 620 17.92 35.74 8.38
C ASP A 620 19.09 35.68 7.41
N LEU A 621 19.85 36.78 7.33
CA LEU A 621 20.99 36.86 6.43
C LEU A 621 22.31 36.51 7.10
N SER A 622 22.32 36.33 8.42
CA SER A 622 23.54 35.96 9.12
C SER A 622 23.87 34.49 8.87
N PRO A 623 25.14 34.11 8.98
CA PRO A 623 25.48 32.68 8.90
C PRO A 623 24.79 31.84 9.96
N TRP A 624 24.50 32.41 11.13
CA TRP A 624 23.68 31.70 12.10
C TRP A 624 22.31 31.38 11.53
N GLY A 625 21.77 32.28 10.71
CA GLY A 625 20.51 32.01 10.03
C GLY A 625 20.59 30.87 9.06
N LEU A 626 21.79 30.39 8.77
CA LEU A 626 21.95 29.18 7.97
C LEU A 626 22.17 27.96 8.86
N TRP A 627 23.07 28.06 9.84
CA TRP A 627 23.44 26.90 10.63
C TRP A 627 22.39 26.50 11.67
N LYS A 628 21.49 27.40 12.06
CA LYS A 628 20.45 27.03 12.99
C LYS A 628 19.48 26.02 12.39
N ASN A 629 19.33 26.01 11.06
CA ASN A 629 18.50 24.98 10.42
C ASN A 629 19.07 23.59 10.67
N HIS A 630 20.37 23.41 10.47
CA HIS A 630 20.99 22.13 10.74
C HIS A 630 20.99 21.79 12.22
N VAL A 631 21.11 22.78 13.09
CA VAL A 631 20.99 22.50 14.53
C VAL A 631 19.60 21.94 14.84
N ALA A 632 18.56 22.56 14.29
CA ALA A 632 17.21 22.07 14.51
C ALA A 632 17.02 20.67 13.94
N LEU A 633 17.57 20.41 12.75
CA LEU A 633 17.43 19.09 12.15
C LEU A 633 18.10 18.02 13.00
N ALA A 634 19.30 18.31 13.52
CA ALA A 634 19.98 17.36 14.39
C ALA A 634 19.19 17.10 15.68
N CYS A 635 18.63 18.16 16.27
CA CYS A 635 17.81 17.96 17.47
C CYS A 635 16.61 17.08 17.18
N MET A 636 15.93 17.32 16.05
CA MET A 636 14.81 16.47 15.66
C MET A 636 15.23 15.02 15.46
N ILE A 637 16.40 14.80 14.85
CA ILE A 637 16.91 13.45 14.66
C ILE A 637 17.06 12.76 16.01
N VAL A 638 17.70 13.43 16.96
CA VAL A 638 17.94 12.80 18.26
C VAL A 638 16.63 12.49 18.96
N ILE A 639 15.68 13.43 18.97
CA ILE A 639 14.41 13.20 19.66
C ILE A 639 13.66 12.03 19.04
N PHE A 640 13.59 11.98 17.71
CA PHE A 640 12.84 10.92 17.06
C PHE A 640 13.51 9.56 17.26
N LEU A 641 14.83 9.49 17.20
CA LEU A 641 15.50 8.22 17.45
C LEU A 641 15.27 7.74 18.88
N THR A 642 15.32 8.64 19.86
CA THR A 642 15.04 8.23 21.23
C THR A 642 13.61 7.74 21.39
N ILE A 643 12.66 8.43 20.74
CA ILE A 643 11.27 8.00 20.82
C ILE A 643 11.10 6.61 20.22
N ALA A 644 11.73 6.36 19.08
CA ALA A 644 11.63 5.03 18.46
C ALA A 644 12.25 3.96 19.34
N TYR A 645 13.40 4.24 19.95
CA TYR A 645 14.02 3.24 20.82
C TYR A 645 13.16 2.95 22.03
N LEU A 646 12.55 3.98 22.63
CA LEU A 646 11.65 3.75 23.75
C LEU A 646 10.42 2.94 23.32
N LYS A 647 9.86 3.23 22.15
CA LYS A 647 8.72 2.45 21.67
C LYS A 647 9.09 0.99 21.48
N LEU A 648 10.30 0.72 20.98
CA LEU A 648 10.76 -0.67 20.88
C LEU A 648 10.98 -1.29 22.25
N LEU A 649 11.49 -0.52 23.21
CA LEU A 649 11.82 -1.07 24.51
C LEU A 649 10.58 -1.53 25.26
N PHE A 650 9.51 -0.75 25.22
CA PHE A 650 8.28 -1.06 25.94
C PHE A 650 7.29 -1.86 25.10
N LEU A 651 7.77 -2.60 24.10
CA LEU A 651 6.88 -3.42 23.31
C LEU A 651 6.42 -4.64 24.12
N LYS A 652 5.26 -5.17 23.74
CA LYS A 652 4.72 -6.38 24.37
C LYS A 652 5.48 -7.57 23.83
N LYS A 653 6.27 -8.22 24.70
CA LYS A 653 7.15 -9.31 24.30
C LYS A 653 6.56 -10.68 24.61
N TYR A 654 5.24 -10.83 24.57
CA TYR A 654 4.62 -12.10 24.91
C TYR A 654 3.53 -12.48 23.91
N GLY B 34 -33.39 -37.04 -16.23
CA GLY B 34 -32.25 -37.20 -17.09
C GLY B 34 -31.04 -36.39 -16.64
N ALA B 35 -30.52 -35.56 -17.53
CA ALA B 35 -29.38 -34.68 -17.26
C ALA B 35 -28.14 -35.50 -16.87
N VAL B 36 -27.68 -36.28 -17.85
CA VAL B 36 -26.49 -37.12 -17.70
C VAL B 36 -25.39 -36.48 -18.54
N LEU B 37 -24.26 -36.18 -17.92
CA LEU B 37 -23.13 -35.59 -18.62
C LEU B 37 -22.18 -36.69 -19.06
N SER B 38 -21.58 -36.52 -20.23
CA SER B 38 -20.60 -37.49 -20.74
C SER B 38 -19.41 -36.76 -21.33
N PHE B 39 -18.23 -37.34 -21.18
CA PHE B 39 -17.07 -36.76 -21.83
C PHE B 39 -16.15 -37.88 -22.34
N HIS B 40 -15.77 -37.78 -23.61
CA HIS B 40 -15.06 -38.84 -24.31
C HIS B 40 -13.77 -38.30 -24.89
N ASN B 41 -12.68 -39.02 -24.65
CA ASN B 41 -11.36 -38.73 -25.24
C ASN B 41 -10.94 -37.28 -24.98
N ILE B 42 -11.13 -36.83 -23.75
CA ILE B 42 -10.78 -35.46 -23.38
C ILE B 42 -9.27 -35.30 -23.46
N CYS B 43 -8.82 -34.23 -24.12
CA CYS B 43 -7.40 -33.88 -24.19
C CYS B 43 -7.30 -32.36 -24.19
N TYR B 44 -6.58 -31.81 -23.23
CA TYR B 44 -6.43 -30.37 -23.12
C TYR B 44 -4.96 -29.98 -23.11
N ARG B 45 -4.61 -29.02 -23.96
CA ARG B 45 -3.26 -28.51 -24.09
C ARG B 45 -3.26 -27.02 -23.81
N VAL B 46 -2.47 -26.59 -22.84
CA VAL B 46 -2.42 -25.19 -22.44
C VAL B 46 -1.76 -24.36 -23.54
N LYS B 61 2.78 -28.21 -23.34
CA LYS B 61 2.39 -28.76 -22.05
C LYS B 61 0.94 -29.24 -22.05
N GLU B 62 0.76 -30.54 -22.26
CA GLU B 62 -0.57 -31.15 -22.23
C GLU B 62 -0.93 -31.41 -20.78
N ILE B 63 -1.89 -30.65 -20.24
CA ILE B 63 -2.26 -30.79 -18.84
C ILE B 63 -3.31 -31.84 -18.58
N LEU B 64 -3.99 -32.32 -19.61
CA LEU B 64 -5.00 -33.37 -19.48
C LEU B 64 -4.83 -34.38 -20.60
N SER B 65 -4.37 -35.58 -20.25
CA SER B 65 -4.24 -36.68 -21.21
C SER B 65 -5.61 -37.31 -21.43
N ASN B 66 -5.64 -38.50 -22.02
CA ASN B 66 -6.91 -39.17 -22.33
C ASN B 66 -7.73 -39.36 -21.07
N ILE B 67 -8.88 -38.69 -21.00
CA ILE B 67 -9.81 -38.78 -19.87
C ILE B 67 -11.16 -39.18 -20.42
N ASN B 68 -11.78 -40.19 -19.81
CA ASN B 68 -13.14 -40.60 -20.13
C ASN B 68 -13.97 -40.61 -18.86
N GLY B 69 -15.29 -40.58 -19.01
CA GLY B 69 -16.18 -40.66 -17.87
C GLY B 69 -17.58 -40.18 -18.16
N ILE B 70 -18.53 -40.75 -17.44
CA ILE B 70 -19.94 -40.38 -17.50
C ILE B 70 -20.37 -39.97 -16.11
N MET B 71 -20.81 -38.72 -15.97
CA MET B 71 -21.34 -38.23 -14.70
C MET B 71 -22.86 -38.38 -14.72
N LYS B 72 -23.37 -39.30 -13.91
CA LYS B 72 -24.78 -39.60 -13.77
C LYS B 72 -25.41 -38.65 -12.76
N PRO B 73 -26.75 -38.55 -12.75
CA PRO B 73 -27.41 -37.73 -11.73
C PRO B 73 -27.16 -38.26 -10.32
N GLY B 74 -26.42 -37.49 -9.52
CA GLY B 74 -26.07 -37.90 -8.18
C GLY B 74 -25.11 -36.94 -7.53
N LEU B 75 -24.04 -37.45 -6.92
CA LEU B 75 -23.04 -36.63 -6.25
C LEU B 75 -21.67 -37.05 -6.76
N ASN B 76 -21.26 -36.46 -7.88
CA ASN B 76 -20.01 -36.81 -8.53
C ASN B 76 -18.87 -35.96 -8.02
N ALA B 77 -17.80 -36.61 -7.58
CA ALA B 77 -16.68 -35.95 -6.95
C ALA B 77 -15.41 -36.18 -7.75
N ILE B 78 -14.54 -35.17 -7.76
CA ILE B 78 -13.24 -35.24 -8.42
C ILE B 78 -12.17 -35.10 -7.35
N LEU B 79 -11.26 -36.06 -7.29
CA LEU B 79 -10.22 -36.11 -6.27
C LEU B 79 -8.85 -36.22 -6.92
N GLY B 80 -7.85 -35.79 -6.16
CA GLY B 80 -6.48 -35.82 -6.62
C GLY B 80 -5.65 -34.76 -5.93
N PRO B 81 -4.35 -34.73 -6.20
CA PRO B 81 -3.48 -33.70 -5.63
C PRO B 81 -3.75 -32.35 -6.29
N THR B 82 -3.17 -31.31 -5.69
CA THR B 82 -3.42 -29.95 -6.16
C THR B 82 -2.93 -29.75 -7.59
N GLY B 83 -1.76 -30.30 -7.92
CA GLY B 83 -1.21 -30.13 -9.24
C GLY B 83 -1.83 -30.97 -10.32
N GLY B 84 -2.71 -31.91 -9.96
CA GLY B 84 -3.37 -32.77 -10.92
C GLY B 84 -4.43 -32.05 -11.71
N GLY B 85 -5.21 -32.81 -12.46
CA GLY B 85 -6.26 -32.24 -13.28
C GLY B 85 -7.57 -32.11 -12.52
N LYS B 86 -7.49 -32.19 -11.19
CA LYS B 86 -8.69 -32.09 -10.36
C LYS B 86 -9.47 -30.82 -10.65
N SER B 87 -8.81 -29.67 -10.61
CA SER B 87 -9.47 -28.41 -10.88
C SER B 87 -9.56 -28.11 -12.37
N SER B 88 -8.62 -28.59 -13.17
CA SER B 88 -8.58 -28.30 -14.59
C SER B 88 -9.64 -29.05 -15.37
N LEU B 89 -10.21 -30.12 -14.80
CA LEU B 89 -11.29 -30.86 -15.44
C LEU B 89 -12.66 -30.29 -15.16
N LEU B 90 -12.86 -29.72 -13.97
CA LEU B 90 -14.13 -29.09 -13.65
C LEU B 90 -14.38 -27.89 -14.57
N ASP B 91 -13.35 -27.08 -14.81
CA ASP B 91 -13.47 -25.94 -15.71
C ASP B 91 -13.53 -26.33 -17.17
N VAL B 92 -13.26 -27.59 -17.51
CA VAL B 92 -13.45 -28.06 -18.88
C VAL B 92 -14.84 -28.63 -19.07
N LEU B 93 -15.34 -29.35 -18.06
CA LEU B 93 -16.70 -29.88 -18.14
C LEU B 93 -17.73 -28.77 -18.27
N ALA B 94 -17.57 -27.70 -17.50
CA ALA B 94 -18.33 -26.48 -17.69
C ALA B 94 -17.59 -25.59 -18.69
N ALA B 95 -18.32 -24.74 -19.38
CA ALA B 95 -17.70 -23.86 -20.36
C ALA B 95 -16.90 -22.77 -19.66
N ARG B 96 -15.78 -23.13 -19.05
CA ARG B 96 -14.99 -22.18 -18.27
C ARG B 96 -13.55 -22.06 -18.74
N LYS B 97 -13.17 -22.75 -19.81
CA LYS B 97 -11.83 -22.65 -20.36
C LYS B 97 -11.91 -22.37 -21.85
N ASP B 98 -10.86 -21.77 -22.39
CA ASP B 98 -10.84 -21.46 -23.80
C ASP B 98 -10.87 -22.73 -24.63
N PRO B 99 -11.79 -22.85 -25.59
CA PRO B 99 -11.92 -24.07 -26.39
C PRO B 99 -10.80 -24.30 -27.39
N SER B 100 -9.73 -23.49 -27.35
CA SER B 100 -8.62 -23.70 -28.27
C SER B 100 -7.92 -25.02 -28.00
N GLY B 101 -7.71 -25.36 -26.74
CA GLY B 101 -6.97 -26.55 -26.36
C GLY B 101 -7.79 -27.79 -26.10
N LEU B 102 -9.12 -27.67 -26.06
CA LEU B 102 -9.97 -28.83 -25.78
C LEU B 102 -10.10 -29.67 -27.06
N SER B 103 -9.77 -30.96 -26.95
CA SER B 103 -9.76 -31.86 -28.09
C SER B 103 -10.62 -33.09 -27.82
N GLY B 104 -11.48 -33.02 -26.80
CA GLY B 104 -12.35 -34.10 -26.45
C GLY B 104 -13.72 -34.00 -27.11
N ASP B 105 -14.71 -34.59 -26.46
CA ASP B 105 -16.09 -34.47 -26.94
C ASP B 105 -17.01 -34.64 -25.73
N VAL B 106 -17.69 -33.57 -25.36
CA VAL B 106 -18.56 -33.56 -24.17
C VAL B 106 -20.00 -33.45 -24.63
N LEU B 107 -20.88 -34.25 -24.03
CA LEU B 107 -22.28 -34.32 -24.43
C LEU B 107 -23.20 -34.24 -23.23
N ILE B 108 -24.39 -33.71 -23.46
CA ILE B 108 -25.49 -33.72 -22.49
C ILE B 108 -26.61 -34.54 -23.10
N ASN B 109 -26.97 -35.65 -22.46
CA ASN B 109 -27.99 -36.57 -22.95
C ASN B 109 -27.70 -37.02 -24.38
N GLY B 110 -26.42 -37.22 -24.68
CA GLY B 110 -26.04 -37.72 -25.99
C GLY B 110 -26.03 -36.69 -27.09
N ALA B 111 -26.06 -35.40 -26.76
CA ALA B 111 -25.99 -34.34 -27.75
C ALA B 111 -24.99 -33.29 -27.29
N PRO B 112 -24.30 -32.65 -28.22
CA PRO B 112 -23.32 -31.62 -27.82
C PRO B 112 -24.00 -30.46 -27.12
N ARG B 113 -23.27 -29.88 -26.17
CA ARG B 113 -23.83 -28.80 -25.36
C ARG B 113 -24.09 -27.57 -26.23
N PRO B 114 -25.18 -26.86 -25.99
CA PRO B 114 -25.48 -25.66 -26.80
C PRO B 114 -24.60 -24.49 -26.44
N ALA B 115 -24.85 -23.34 -27.05
CA ALA B 115 -24.05 -22.15 -26.78
C ALA B 115 -24.35 -21.56 -25.42
N ASN B 116 -25.59 -21.68 -24.95
CA ASN B 116 -26.02 -21.09 -23.68
C ASN B 116 -25.90 -22.07 -22.52
N PHE B 117 -24.96 -23.01 -22.62
CA PHE B 117 -24.77 -23.98 -21.54
C PHE B 117 -24.28 -23.33 -20.26
N LYS B 118 -23.42 -22.31 -20.36
CA LYS B 118 -22.97 -21.61 -19.17
C LYS B 118 -24.09 -20.81 -18.52
N CYS B 119 -25.10 -20.41 -19.31
CA CYS B 119 -26.22 -19.67 -18.75
C CYS B 119 -27.25 -20.58 -18.07
N ASN B 120 -27.18 -21.89 -18.33
CA ASN B 120 -28.14 -22.84 -17.77
C ASN B 120 -27.48 -23.91 -16.92
N SER B 121 -26.37 -23.59 -16.27
CA SER B 121 -25.69 -24.53 -15.39
C SER B 121 -24.93 -23.75 -14.34
N GLY B 122 -25.35 -23.87 -13.09
CA GLY B 122 -24.73 -23.11 -12.02
C GLY B 122 -23.30 -23.54 -11.76
N TYR B 123 -22.48 -22.56 -11.36
CA TYR B 123 -21.08 -22.80 -11.01
C TYR B 123 -20.78 -22.01 -9.73
N VAL B 124 -20.46 -22.73 -8.66
CA VAL B 124 -20.17 -22.10 -7.38
C VAL B 124 -18.66 -21.90 -7.28
N VAL B 125 -18.22 -20.65 -7.32
CA VAL B 125 -16.81 -20.32 -7.20
C VAL B 125 -16.33 -20.69 -5.80
N GLN B 126 -15.07 -21.10 -5.69
CA GLN B 126 -14.51 -21.49 -4.40
C GLN B 126 -14.56 -20.34 -3.42
N ASP B 127 -13.83 -19.26 -3.70
CA ASP B 127 -13.88 -18.08 -2.86
C ASP B 127 -15.22 -17.37 -3.08
N ASP B 128 -15.91 -17.07 -1.98
CA ASP B 128 -17.23 -16.46 -2.07
C ASP B 128 -17.11 -15.06 -2.66
N VAL B 129 -17.91 -14.77 -3.67
CA VAL B 129 -17.93 -13.46 -4.30
C VAL B 129 -19.22 -12.71 -3.98
N VAL B 130 -19.93 -13.12 -2.94
CA VAL B 130 -21.11 -12.38 -2.50
C VAL B 130 -20.67 -11.06 -1.89
N MET B 131 -21.45 -10.01 -2.19
CA MET B 131 -21.18 -8.70 -1.63
C MET B 131 -21.70 -8.66 -0.20
N GLY B 132 -20.81 -8.40 0.75
CA GLY B 132 -21.20 -8.42 2.15
C GLY B 132 -22.08 -7.26 2.55
N THR B 133 -22.03 -6.16 1.80
CA THR B 133 -22.80 -4.97 2.17
C THR B 133 -24.29 -5.19 2.05
N LEU B 134 -24.76 -5.82 0.99
CA LEU B 134 -26.18 -6.12 0.89
C LEU B 134 -26.52 -7.34 1.73
N THR B 135 -27.83 -7.61 1.82
CA THR B 135 -28.31 -8.75 2.58
C THR B 135 -28.44 -9.97 1.68
N VAL B 136 -28.67 -11.13 2.30
CA VAL B 136 -28.86 -12.37 1.54
C VAL B 136 -30.03 -12.24 0.59
N ARG B 137 -31.16 -11.75 1.09
CA ARG B 137 -32.35 -11.61 0.25
C ARG B 137 -32.09 -10.66 -0.90
N GLU B 138 -31.43 -9.53 -0.64
CA GLU B 138 -31.11 -8.60 -1.72
C GLU B 138 -30.08 -9.15 -2.69
N ASN B 139 -29.10 -9.93 -2.21
CA ASN B 139 -28.12 -10.53 -3.12
C ASN B 139 -28.80 -11.46 -4.10
N LEU B 140 -29.59 -12.41 -3.60
CA LEU B 140 -30.20 -13.32 -4.56
C LEU B 140 -31.40 -12.71 -5.27
N GLN B 141 -31.94 -11.60 -4.77
CA GLN B 141 -32.88 -10.81 -5.56
C GLN B 141 -32.21 -10.16 -6.75
N PHE B 142 -31.00 -9.63 -6.54
CA PHE B 142 -30.23 -9.09 -7.66
C PHE B 142 -29.94 -10.16 -8.69
N SER B 143 -29.55 -11.35 -8.23
CA SER B 143 -29.34 -12.46 -9.16
C SER B 143 -30.60 -12.85 -9.92
N ALA B 144 -31.75 -12.92 -9.23
CA ALA B 144 -33.00 -13.25 -9.90
C ALA B 144 -33.42 -12.18 -10.89
N ALA B 145 -33.07 -10.92 -10.62
CA ALA B 145 -33.41 -9.83 -11.52
C ALA B 145 -32.58 -9.83 -12.79
N LEU B 146 -31.51 -10.63 -12.85
CA LEU B 146 -30.63 -10.62 -14.00
C LEU B 146 -30.69 -11.93 -14.78
N ARG B 147 -30.58 -13.08 -14.11
CA ARG B 147 -30.60 -14.34 -14.83
C ARG B 147 -31.98 -14.72 -15.36
N LEU B 148 -33.03 -14.16 -14.80
CA LEU B 148 -34.37 -14.57 -15.20
C LEU B 148 -34.82 -13.73 -16.38
N ALA B 149 -36.07 -13.90 -16.79
CA ALA B 149 -36.63 -13.14 -17.89
C ALA B 149 -37.48 -12.02 -17.34
N THR B 150 -37.58 -10.93 -18.12
CA THR B 150 -38.40 -9.80 -17.73
C THR B 150 -39.86 -9.97 -18.11
N THR B 151 -40.21 -11.09 -18.75
CA THR B 151 -41.61 -11.36 -19.03
C THR B 151 -42.42 -11.54 -17.74
N MET B 152 -41.85 -12.26 -16.78
CA MET B 152 -42.54 -12.52 -15.52
C MET B 152 -42.46 -11.31 -14.60
N THR B 153 -43.53 -11.07 -13.86
CA THR B 153 -43.61 -9.94 -12.95
C THR B 153 -42.65 -10.13 -11.78
N ASN B 154 -42.58 -9.12 -10.91
CA ASN B 154 -41.73 -9.21 -9.73
C ASN B 154 -42.27 -10.18 -8.70
N HIS B 155 -43.58 -10.45 -8.73
CA HIS B 155 -44.17 -11.39 -7.78
C HIS B 155 -43.60 -12.78 -7.98
N GLU B 156 -43.46 -13.23 -9.24
CA GLU B 156 -42.92 -14.56 -9.49
C GLU B 156 -41.43 -14.65 -9.14
N LYS B 157 -40.67 -13.59 -9.45
CA LYS B 157 -39.27 -13.59 -9.04
C LYS B 157 -39.15 -13.67 -7.53
N ASN B 158 -39.98 -12.92 -6.81
CA ASN B 158 -39.94 -12.94 -5.35
C ASN B 158 -40.39 -14.29 -4.79
N GLU B 159 -41.39 -14.94 -5.38
CA GLU B 159 -41.80 -16.23 -4.88
C GLU B 159 -40.74 -17.29 -5.14
N ARG B 160 -40.05 -17.22 -6.29
CA ARG B 160 -38.92 -18.12 -6.51
C ARG B 160 -37.80 -17.85 -5.52
N ILE B 161 -37.55 -16.58 -5.20
CA ILE B 161 -36.57 -16.23 -4.18
C ILE B 161 -36.95 -16.86 -2.85
N ASN B 162 -38.22 -16.74 -2.47
CA ASN B 162 -38.69 -17.31 -1.22
C ASN B 162 -38.55 -18.83 -1.20
N ARG B 163 -38.90 -19.48 -2.31
CA ARG B 163 -38.75 -20.93 -2.41
C ARG B 163 -37.29 -21.34 -2.27
N VAL B 164 -36.38 -20.61 -2.90
CA VAL B 164 -34.96 -20.94 -2.79
C VAL B 164 -34.47 -20.80 -1.36
N ILE B 165 -34.82 -19.70 -0.69
CA ILE B 165 -34.32 -19.52 0.68
C ILE B 165 -34.98 -20.50 1.64
N GLN B 166 -36.22 -20.91 1.38
CA GLN B 166 -36.87 -21.90 2.23
C GLN B 166 -36.27 -23.29 2.04
N GLU B 167 -36.06 -23.70 0.78
CA GLU B 167 -35.48 -25.01 0.51
C GLU B 167 -34.04 -25.08 1.02
N LEU B 168 -33.27 -24.01 0.83
CA LEU B 168 -31.88 -24.04 1.27
C LEU B 168 -31.75 -23.80 2.77
N GLY B 169 -32.82 -23.36 3.42
CA GLY B 169 -32.79 -23.12 4.85
C GLY B 169 -32.13 -21.80 5.18
N LEU B 170 -32.64 -20.73 4.56
CA LEU B 170 -32.07 -19.39 4.75
C LEU B 170 -33.17 -18.43 5.18
N ASP B 171 -34.03 -18.84 6.11
CA ASP B 171 -35.08 -17.98 6.62
C ASP B 171 -34.71 -17.25 7.89
N LYS B 172 -33.79 -17.79 8.69
CA LYS B 172 -33.38 -17.12 9.91
C LYS B 172 -32.56 -15.87 9.64
N VAL B 173 -31.73 -15.90 8.59
CA VAL B 173 -30.86 -14.77 8.27
C VAL B 173 -31.21 -14.24 6.89
N ALA B 174 -32.47 -14.35 6.50
CA ALA B 174 -32.89 -13.92 5.18
C ALA B 174 -32.67 -12.42 4.99
N ASP B 175 -33.00 -11.62 5.99
CA ASP B 175 -32.94 -10.17 5.90
C ASP B 175 -31.74 -9.57 6.63
N SER B 176 -30.66 -10.34 6.77
CA SER B 176 -29.49 -9.88 7.49
C SER B 176 -28.31 -9.70 6.52
N LYS B 177 -27.41 -8.79 6.89
CA LYS B 177 -26.25 -8.50 6.06
C LYS B 177 -25.26 -9.66 6.10
N VAL B 178 -24.60 -9.89 4.96
CA VAL B 178 -23.63 -10.98 4.87
C VAL B 178 -22.40 -10.67 5.72
N GLY B 179 -21.85 -9.47 5.60
CA GLY B 179 -20.76 -9.07 6.46
C GLY B 179 -19.46 -8.77 5.73
N THR B 180 -18.95 -7.57 5.92
CA THR B 180 -17.67 -7.14 5.35
C THR B 180 -16.57 -7.41 6.39
N GLN B 181 -15.36 -6.87 6.23
CA GLN B 181 -14.32 -7.04 7.23
C GLN B 181 -14.49 -6.14 8.45
N PHE B 182 -14.98 -4.91 8.26
CA PHE B 182 -15.21 -4.03 9.40
C PHE B 182 -16.45 -4.42 10.19
N ILE B 183 -17.54 -4.76 9.50
CA ILE B 183 -18.81 -5.09 10.14
C ILE B 183 -19.02 -6.60 10.03
N ARG B 184 -19.65 -7.19 11.03
CA ARG B 184 -19.83 -8.63 11.09
C ARG B 184 -21.28 -9.02 10.78
N GLY B 185 -21.42 -10.11 10.05
CA GLY B 185 -22.72 -10.62 9.67
C GLY B 185 -22.86 -12.11 9.92
N VAL B 186 -23.34 -12.85 8.93
CA VAL B 186 -23.55 -14.29 9.06
C VAL B 186 -22.21 -14.99 9.13
N SER B 187 -22.21 -16.25 9.55
CA SER B 187 -21.00 -17.04 9.63
C SER B 187 -20.66 -17.61 8.26
N GLY B 188 -19.51 -18.28 8.15
CA GLY B 188 -19.05 -18.79 6.88
C GLY B 188 -19.98 -19.79 6.22
N GLY B 189 -20.63 -20.65 7.02
CA GLY B 189 -21.57 -21.60 6.45
C GLY B 189 -22.72 -20.94 5.73
N GLU B 190 -23.33 -19.93 6.36
CA GLU B 190 -24.42 -19.20 5.73
C GLU B 190 -23.97 -18.43 4.50
N ARG B 191 -22.76 -17.86 4.52
CA ARG B 191 -22.25 -17.18 3.33
C ARG B 191 -22.06 -18.17 2.18
N LYS B 192 -21.48 -19.33 2.46
CA LYS B 192 -21.31 -20.34 1.41
C LYS B 192 -22.66 -20.82 0.89
N ARG B 193 -23.64 -21.02 1.78
CA ARG B 193 -24.98 -21.40 1.34
C ARG B 193 -25.64 -20.32 0.50
N THR B 194 -25.45 -19.04 0.86
CA THR B 194 -25.98 -17.96 0.02
C THR B 194 -25.34 -17.99 -1.36
N SER B 195 -24.02 -18.17 -1.42
CA SER B 195 -23.35 -18.27 -2.70
C SER B 195 -23.87 -19.45 -3.52
N ILE B 196 -24.13 -20.58 -2.87
CA ILE B 196 -24.72 -21.73 -3.56
C ILE B 196 -26.09 -21.38 -4.13
N GLY B 197 -26.93 -20.73 -3.32
CA GLY B 197 -28.26 -20.36 -3.76
C GLY B 197 -28.29 -19.28 -4.82
N MET B 198 -27.20 -18.53 -4.97
CA MET B 198 -27.15 -17.49 -5.99
C MET B 198 -27.37 -18.06 -7.40
N GLU B 199 -26.76 -19.21 -7.70
CA GLU B 199 -26.94 -19.83 -9.00
C GLU B 199 -28.12 -20.79 -9.06
N LEU B 200 -28.76 -21.06 -7.93
CA LEU B 200 -29.91 -21.95 -7.89
C LEU B 200 -31.19 -21.27 -8.32
N ILE B 201 -31.14 -19.96 -8.58
CA ILE B 201 -32.35 -19.20 -8.88
C ILE B 201 -32.98 -19.68 -10.18
N THR B 202 -32.15 -19.92 -11.19
CA THR B 202 -32.63 -20.36 -12.50
C THR B 202 -32.81 -21.86 -12.60
N ASP B 203 -32.96 -22.54 -11.45
CA ASP B 203 -33.10 -24.00 -11.30
C ASP B 203 -32.18 -24.73 -12.28
N PRO B 204 -30.87 -24.63 -12.11
CA PRO B 204 -29.96 -25.27 -13.06
C PRO B 204 -30.13 -26.78 -13.04
N SER B 205 -30.00 -27.39 -14.22
CA SER B 205 -30.11 -28.84 -14.32
C SER B 205 -28.83 -29.51 -13.84
N ILE B 206 -27.69 -28.88 -14.04
CA ILE B 206 -26.38 -29.39 -13.63
C ILE B 206 -25.71 -28.32 -12.79
N LEU B 207 -25.11 -28.72 -11.68
CA LEU B 207 -24.46 -27.78 -10.78
C LEU B 207 -23.01 -28.18 -10.52
N PHE B 208 -22.10 -27.24 -10.78
CA PHE B 208 -20.67 -27.45 -10.59
C PHE B 208 -20.20 -26.69 -9.37
N LEU B 209 -19.31 -27.30 -8.61
CA LEU B 209 -18.76 -26.66 -7.42
C LEU B 209 -17.27 -26.88 -7.35
N ASP B 210 -16.53 -25.82 -7.04
CA ASP B 210 -15.08 -25.85 -6.98
C ASP B 210 -14.70 -25.83 -5.50
N GLU B 211 -14.45 -27.03 -4.96
CA GLU B 211 -14.00 -27.23 -3.58
C GLU B 211 -14.89 -26.53 -2.57
N PRO B 212 -16.13 -26.99 -2.38
CA PRO B 212 -17.03 -26.33 -1.42
C PRO B 212 -16.59 -26.46 0.03
N THR B 213 -15.67 -27.37 0.34
CA THR B 213 -15.22 -27.58 1.71
C THR B 213 -14.05 -26.68 2.10
N THR B 214 -13.21 -26.29 1.16
CA THR B 214 -12.06 -25.46 1.47
C THR B 214 -12.49 -24.12 2.06
N GLY B 215 -11.73 -23.67 3.05
CA GLY B 215 -12.06 -22.44 3.74
C GLY B 215 -13.12 -22.57 4.80
N LEU B 216 -13.59 -23.79 5.06
CA LEU B 216 -14.62 -24.04 6.05
C LEU B 216 -14.02 -24.85 7.20
N ASP B 217 -14.86 -25.22 8.15
CA ASP B 217 -14.40 -26.04 9.26
C ASP B 217 -15.07 -27.41 9.22
N SER B 218 -14.70 -28.29 10.15
CA SER B 218 -15.24 -29.64 10.19
C SER B 218 -16.73 -29.71 10.48
N SER B 219 -17.28 -28.76 11.24
CA SER B 219 -18.68 -28.84 11.63
C SER B 219 -19.61 -28.54 10.45
N THR B 220 -19.32 -27.48 9.69
CA THR B 220 -20.23 -27.05 8.64
C THR B 220 -19.97 -27.72 7.31
N ALA B 221 -18.81 -28.37 7.14
CA ALA B 221 -18.54 -29.08 5.89
C ALA B 221 -19.54 -30.21 5.67
N ASN B 222 -19.80 -31.01 6.71
CA ASN B 222 -20.81 -32.05 6.59
C ASN B 222 -22.20 -31.47 6.40
N ALA B 223 -22.49 -30.31 6.99
CA ALA B 223 -23.78 -29.67 6.75
C ALA B 223 -23.94 -29.30 5.27
N VAL B 224 -22.92 -28.70 4.67
CA VAL B 224 -23.00 -28.33 3.27
C VAL B 224 -23.10 -29.57 2.39
N LEU B 225 -22.31 -30.60 2.69
CA LEU B 225 -22.35 -31.82 1.89
C LEU B 225 -23.70 -32.51 2.00
N LEU B 226 -24.29 -32.54 3.20
CA LEU B 226 -25.62 -33.12 3.37
C LEU B 226 -26.67 -32.32 2.65
N LEU B 227 -26.55 -30.99 2.65
CA LEU B 227 -27.46 -30.16 1.87
C LEU B 227 -27.37 -30.51 0.39
N LEU B 228 -26.15 -30.65 -0.13
CA LEU B 228 -25.98 -31.03 -1.53
C LEU B 228 -26.56 -32.40 -1.83
N LYS B 229 -26.33 -33.36 -0.94
CA LYS B 229 -26.87 -34.71 -1.15
C LYS B 229 -28.40 -34.70 -1.15
N ARG B 230 -29.00 -33.97 -0.20
CA ARG B 230 -30.46 -33.87 -0.15
C ARG B 230 -31.00 -33.20 -1.41
N MET B 231 -30.32 -32.17 -1.90
CA MET B 231 -30.70 -31.54 -3.16
C MET B 231 -30.61 -32.51 -4.33
N SER B 232 -29.57 -33.34 -4.37
CA SER B 232 -29.41 -34.33 -5.43
C SER B 232 -30.37 -35.49 -5.32
N LYS B 233 -30.97 -35.72 -4.14
CA LYS B 233 -31.92 -36.82 -3.98
C LYS B 233 -33.12 -36.68 -4.89
N GLN B 234 -33.59 -35.45 -5.13
CA GLN B 234 -34.66 -35.24 -6.09
C GLN B 234 -34.20 -35.62 -7.50
N GLY B 235 -32.90 -35.50 -7.75
CA GLY B 235 -32.31 -35.85 -9.02
C GLY B 235 -31.78 -34.65 -9.77
N ARG B 236 -30.48 -34.41 -9.66
CA ARG B 236 -29.85 -33.25 -10.27
C ARG B 236 -28.35 -33.48 -10.26
N THR B 237 -27.74 -33.47 -11.43
CA THR B 237 -26.30 -33.74 -11.52
C THR B 237 -25.52 -32.69 -10.75
N ILE B 238 -24.66 -33.13 -9.85
CA ILE B 238 -23.84 -32.25 -9.03
C ILE B 238 -22.40 -32.72 -9.14
N ILE B 239 -21.58 -31.97 -9.86
CA ILE B 239 -20.18 -32.29 -10.08
C ILE B 239 -19.34 -31.32 -9.28
N PHE B 240 -18.44 -31.84 -8.44
CA PHE B 240 -17.67 -30.92 -7.61
C PHE B 240 -16.26 -31.46 -7.44
N SER B 241 -15.33 -30.51 -7.24
CA SER B 241 -13.97 -30.82 -6.82
C SER B 241 -13.92 -30.84 -5.30
N ILE B 242 -13.05 -31.68 -4.76
CA ILE B 242 -12.95 -31.88 -3.31
C ILE B 242 -11.48 -31.97 -2.94
N HIS B 243 -11.10 -31.31 -1.84
CA HIS B 243 -9.72 -31.31 -1.38
C HIS B 243 -9.67 -31.87 0.04
N GLN B 244 -8.94 -32.96 0.22
CA GLN B 244 -8.75 -33.64 1.50
C GLN B 244 -10.07 -33.87 2.22
N PRO B 245 -10.92 -34.78 1.71
CA PRO B 245 -12.20 -35.02 2.38
C PRO B 245 -12.05 -35.91 3.60
N ARG B 246 -13.16 -36.17 4.28
CA ARG B 246 -13.21 -37.07 5.42
C ARG B 246 -14.10 -38.24 5.06
N TYR B 247 -13.95 -39.35 5.80
CA TYR B 247 -14.84 -40.47 5.57
C TYR B 247 -16.28 -40.17 5.97
N SER B 248 -16.49 -39.19 6.85
CA SER B 248 -17.84 -38.78 7.19
C SER B 248 -18.59 -38.21 6.00
N ILE B 249 -17.88 -37.66 5.02
CA ILE B 249 -18.50 -37.17 3.80
C ILE B 249 -18.23 -38.06 2.59
N PHE B 250 -17.23 -38.95 2.66
CA PHE B 250 -16.90 -39.80 1.53
C PHE B 250 -18.02 -40.76 1.19
N LYS B 251 -18.76 -41.25 2.18
CA LYS B 251 -19.81 -42.22 1.91
C LYS B 251 -20.94 -41.63 1.08
N LEU B 252 -21.04 -40.31 0.99
CA LEU B 252 -22.10 -39.66 0.24
C LEU B 252 -21.85 -39.66 -1.26
N PHE B 253 -20.60 -39.81 -1.69
CA PHE B 253 -20.29 -39.75 -3.11
C PHE B 253 -20.90 -40.92 -3.86
N ASP B 254 -21.27 -40.68 -5.11
CA ASP B 254 -21.80 -41.72 -5.98
C ASP B 254 -20.92 -42.03 -7.18
N SER B 255 -19.97 -41.16 -7.52
CA SER B 255 -19.07 -41.40 -8.64
C SER B 255 -17.79 -40.62 -8.40
N LEU B 256 -16.70 -41.34 -8.13
CA LEU B 256 -15.41 -40.73 -7.82
C LEU B 256 -14.52 -40.77 -9.06
N THR B 257 -13.85 -39.64 -9.33
CA THR B 257 -12.92 -39.54 -10.45
C THR B 257 -11.56 -39.12 -9.92
N LEU B 258 -10.58 -40.01 -10.02
CA LEU B 258 -9.26 -39.75 -9.49
C LEU B 258 -8.32 -39.29 -10.60
N LEU B 259 -7.65 -38.16 -10.36
CA LEU B 259 -6.75 -37.57 -11.33
C LEU B 259 -5.38 -37.38 -10.71
N ALA B 260 -4.34 -37.59 -11.52
CA ALA B 260 -2.98 -37.38 -11.04
C ALA B 260 -2.12 -36.95 -12.24
N SER B 261 -1.62 -35.72 -12.19
CA SER B 261 -0.77 -35.15 -13.25
C SER B 261 -1.44 -35.27 -14.61
N GLY B 262 -2.75 -35.05 -14.65
CA GLY B 262 -3.50 -35.10 -15.89
C GLY B 262 -3.89 -36.50 -16.33
N ARG B 263 -3.51 -37.52 -15.59
CA ARG B 263 -3.85 -38.89 -15.96
C ARG B 263 -4.97 -39.42 -15.07
N LEU B 264 -5.99 -39.98 -15.69
CA LEU B 264 -7.08 -40.60 -14.96
C LEU B 264 -6.63 -41.92 -14.37
N MET B 265 -6.93 -42.13 -13.09
CA MET B 265 -6.43 -43.31 -12.38
C MET B 265 -7.54 -44.22 -11.90
N PHE B 266 -8.76 -43.69 -11.70
CA PHE B 266 -9.92 -44.51 -11.44
C PHE B 266 -11.16 -43.72 -11.80
N HIS B 267 -12.19 -44.42 -12.24
CA HIS B 267 -13.49 -43.81 -12.46
C HIS B 267 -14.57 -44.89 -12.38
N GLY B 268 -15.59 -44.63 -11.57
CA GLY B 268 -16.65 -45.57 -11.35
C GLY B 268 -17.36 -45.27 -10.05
N PRO B 269 -18.09 -46.24 -9.52
CA PRO B 269 -18.75 -46.05 -8.22
C PRO B 269 -17.73 -45.73 -7.14
N ALA B 270 -18.06 -44.75 -6.29
CA ALA B 270 -17.14 -44.33 -5.26
C ALA B 270 -17.02 -45.37 -4.15
N GLN B 271 -18.00 -46.25 -3.99
CA GLN B 271 -17.95 -47.23 -2.92
C GLN B 271 -17.08 -48.42 -3.25
N GLU B 272 -16.65 -48.56 -4.52
CA GLU B 272 -15.84 -49.69 -4.94
C GLU B 272 -14.39 -49.30 -5.22
N ALA B 273 -14.03 -48.04 -4.99
CA ALA B 273 -12.65 -47.62 -5.20
C ALA B 273 -11.71 -48.26 -4.20
N LEU B 274 -12.13 -48.38 -2.94
CA LEU B 274 -11.26 -48.96 -1.92
C LEU B 274 -10.94 -50.41 -2.23
N GLY B 275 -11.94 -51.21 -2.64
CA GLY B 275 -11.67 -52.56 -3.10
C GLY B 275 -10.83 -52.63 -4.35
N TYR B 276 -11.04 -51.69 -5.28
CA TYR B 276 -10.22 -51.62 -6.49
C TYR B 276 -8.74 -51.47 -6.12
N PHE B 277 -8.42 -50.52 -5.25
CA PHE B 277 -7.03 -50.32 -4.88
C PHE B 277 -6.51 -51.40 -3.95
N GLU B 278 -7.39 -52.08 -3.19
CA GLU B 278 -6.97 -53.24 -2.44
C GLU B 278 -6.56 -54.39 -3.34
N SER B 279 -7.29 -54.62 -4.43
CA SER B 279 -6.94 -55.68 -5.37
C SER B 279 -5.76 -55.32 -6.25
N ALA B 280 -5.26 -54.09 -6.16
CA ALA B 280 -4.07 -53.69 -6.90
C ALA B 280 -2.78 -53.86 -6.10
N GLY B 281 -2.87 -54.34 -4.86
CA GLY B 281 -1.69 -54.57 -4.06
C GLY B 281 -1.41 -53.48 -3.05
N TYR B 282 -2.46 -52.85 -2.54
CA TYR B 282 -2.32 -51.76 -1.57
C TYR B 282 -3.37 -51.98 -0.48
N HIS B 283 -2.92 -52.25 0.74
CA HIS B 283 -3.84 -52.48 1.84
C HIS B 283 -4.13 -51.20 2.60
N CYS B 284 -5.39 -51.02 2.97
CA CYS B 284 -5.81 -49.88 3.78
C CYS B 284 -5.80 -50.28 5.24
N GLU B 285 -4.92 -49.66 6.02
CA GLU B 285 -4.82 -49.97 7.45
C GLU B 285 -6.10 -49.55 8.17
N ALA B 286 -6.39 -50.24 9.27
CA ALA B 286 -7.56 -49.90 10.06
C ALA B 286 -7.41 -48.51 10.67
N TYR B 287 -8.54 -47.81 10.81
CA TYR B 287 -8.56 -46.43 11.29
C TYR B 287 -7.69 -45.53 10.42
N ASN B 288 -7.90 -45.63 9.11
CA ASN B 288 -7.21 -44.79 8.14
C ASN B 288 -8.22 -44.31 7.13
N ASN B 289 -8.15 -43.04 6.79
CA ASN B 289 -9.11 -42.45 5.87
C ASN B 289 -8.94 -43.03 4.47
N PRO B 290 -10.00 -43.57 3.85
CA PRO B 290 -9.85 -44.06 2.47
C PRO B 290 -9.43 -42.98 1.49
N ALA B 291 -9.86 -41.73 1.70
CA ALA B 291 -9.43 -40.64 0.83
C ALA B 291 -7.92 -40.42 0.93
N ASP B 292 -7.40 -40.32 2.16
CA ASP B 292 -5.97 -40.23 2.34
C ASP B 292 -5.26 -41.49 1.88
N PHE B 293 -5.92 -42.65 2.00
CA PHE B 293 -5.36 -43.89 1.47
C PHE B 293 -5.16 -43.81 -0.04
N PHE B 294 -6.15 -43.26 -0.77
CA PHE B 294 -5.98 -43.07 -2.20
C PHE B 294 -4.90 -42.03 -2.51
N LEU B 295 -4.90 -40.91 -1.77
CA LEU B 295 -3.94 -39.86 -2.05
C LEU B 295 -2.49 -40.28 -1.78
N ASP B 296 -2.25 -41.11 -0.77
CA ASP B 296 -0.90 -41.58 -0.51
C ASP B 296 -0.39 -42.46 -1.65
N ILE B 297 -1.24 -43.32 -2.19
CA ILE B 297 -0.87 -44.09 -3.36
C ILE B 297 -0.63 -43.17 -4.56
N ILE B 298 -1.50 -42.17 -4.74
CA ILE B 298 -1.37 -41.28 -5.88
C ILE B 298 -0.05 -40.52 -5.84
N ASN B 299 0.30 -39.98 -4.66
CA ASN B 299 1.58 -39.31 -4.51
C ASN B 299 2.72 -40.31 -4.62
N GLY B 300 2.61 -41.44 -3.92
CA GLY B 300 3.64 -42.45 -3.97
C GLY B 300 4.60 -42.39 -2.79
N ASP B 301 4.05 -42.31 -1.59
CA ASP B 301 4.83 -42.24 -0.37
C ASP B 301 5.21 -43.66 0.06
N SER B 302 6.52 -43.91 0.18
CA SER B 302 6.97 -45.22 0.65
C SER B 302 6.58 -45.48 2.09
N THR B 303 6.63 -44.45 2.95
CA THR B 303 6.21 -44.57 4.34
C THR B 303 4.71 -44.72 4.49
N ALA B 304 3.96 -44.64 3.40
CA ALA B 304 2.51 -44.77 3.41
C ALA B 304 2.15 -46.25 3.50
N VAL B 305 0.89 -46.58 3.18
CA VAL B 305 0.32 -47.91 3.37
C VAL B 305 1.20 -48.99 2.74
N ALA B 306 1.13 -50.19 3.30
CA ALA B 306 2.01 -51.28 2.91
C ALA B 306 1.37 -52.08 1.78
N LEU B 307 2.19 -52.87 1.10
CA LEU B 307 1.74 -53.68 -0.03
C LEU B 307 1.06 -54.95 0.45
N ASN B 308 0.36 -55.62 -0.47
CA ASN B 308 -0.27 -56.90 -0.21
C ASN B 308 0.71 -58.02 -0.55
N ARG B 309 0.22 -59.26 -0.56
CA ARG B 309 1.02 -60.43 -0.92
C ARG B 309 0.66 -60.81 -2.35
N GLU B 310 1.67 -61.19 -3.14
CA GLU B 310 1.46 -61.39 -4.56
C GLU B 310 1.52 -62.87 -4.92
N GLU B 311 0.46 -63.38 -5.55
CA GLU B 311 0.39 -64.75 -6.05
C GLU B 311 0.39 -64.72 -7.57
N ASP B 312 1.57 -64.81 -8.18
CA ASP B 312 1.66 -64.89 -9.63
C ASP B 312 1.95 -66.33 -10.05
N PHE B 313 1.34 -66.73 -11.16
CA PHE B 313 1.55 -68.06 -11.71
C PHE B 313 2.61 -68.02 -12.80
N LYS B 326 8.07 -46.47 -16.61
CA LYS B 326 6.85 -46.65 -15.86
C LYS B 326 7.08 -46.65 -14.34
N PRO B 327 7.70 -45.59 -13.80
CA PRO B 327 8.03 -45.61 -12.36
C PRO B 327 6.82 -45.73 -11.45
N LEU B 328 5.92 -44.75 -11.46
CA LEU B 328 4.68 -44.89 -10.70
C LEU B 328 3.43 -44.44 -11.46
N ILE B 329 3.55 -43.36 -12.22
CA ILE B 329 2.35 -42.67 -12.69
C ILE B 329 1.75 -43.32 -13.93
N GLU B 330 2.57 -43.96 -14.77
CA GLU B 330 2.06 -44.60 -15.97
C GLU B 330 1.76 -46.08 -15.77
N LYS B 331 2.12 -46.65 -14.62
CA LYS B 331 1.74 -48.04 -14.36
C LYS B 331 0.30 -48.11 -13.85
N LEU B 332 -0.09 -47.18 -12.97
CA LEU B 332 -1.44 -47.19 -12.44
C LEU B 332 -2.48 -46.83 -13.50
N ALA B 333 -2.19 -45.85 -14.36
CA ALA B 333 -3.12 -45.54 -15.46
C ALA B 333 -3.26 -46.73 -16.40
N GLU B 334 -2.14 -47.37 -16.73
CA GLU B 334 -2.17 -48.57 -17.56
C GLU B 334 -2.95 -49.70 -16.91
N ILE B 335 -2.87 -49.83 -15.58
CA ILE B 335 -3.69 -50.82 -14.89
C ILE B 335 -5.17 -50.53 -15.12
N TYR B 336 -5.58 -49.27 -14.99
CA TYR B 336 -6.98 -48.94 -15.16
C TYR B 336 -7.43 -49.10 -16.60
N VAL B 337 -6.52 -48.91 -17.57
CA VAL B 337 -6.91 -49.00 -18.97
C VAL B 337 -7.40 -50.40 -19.32
N ASN B 338 -6.69 -51.43 -18.85
CA ASN B 338 -7.07 -52.81 -19.12
C ASN B 338 -8.00 -53.39 -18.06
N SER B 339 -8.70 -52.54 -17.32
CA SER B 339 -9.59 -53.00 -16.26
C SER B 339 -11.01 -53.14 -16.78
N SER B 340 -11.84 -53.84 -16.02
CA SER B 340 -13.23 -54.02 -16.38
C SER B 340 -14.02 -52.73 -16.29
N PHE B 341 -13.66 -51.84 -15.37
CA PHE B 341 -14.33 -50.54 -15.28
C PHE B 341 -14.15 -49.73 -16.56
N TYR B 342 -12.94 -49.74 -17.12
CA TYR B 342 -12.71 -49.04 -18.37
C TYR B 342 -13.55 -49.60 -19.52
N LYS B 343 -13.64 -50.92 -19.65
CA LYS B 343 -14.45 -51.50 -20.70
C LYS B 343 -15.92 -51.17 -20.52
N GLU B 344 -16.42 -51.28 -19.28
CA GLU B 344 -17.82 -50.94 -19.02
C GLU B 344 -18.13 -49.48 -19.30
N THR B 345 -17.22 -48.58 -18.93
CA THR B 345 -17.38 -47.17 -19.25
C THR B 345 -17.34 -46.91 -20.75
N LYS B 346 -16.40 -47.53 -21.47
CA LYS B 346 -16.28 -47.31 -22.91
C LYS B 346 -17.49 -47.84 -23.66
N ALA B 347 -18.04 -48.98 -23.26
CA ALA B 347 -19.23 -49.48 -23.93
C ALA B 347 -20.40 -48.50 -23.80
N GLU B 348 -20.63 -47.97 -22.61
CA GLU B 348 -21.69 -46.99 -22.43
C GLU B 348 -21.39 -45.69 -23.17
N LEU B 349 -20.12 -45.28 -23.21
CA LEU B 349 -19.76 -44.07 -23.94
C LEU B 349 -20.03 -44.23 -25.43
N HIS B 350 -19.71 -45.39 -25.99
CA HIS B 350 -19.93 -45.64 -27.42
C HIS B 350 -21.37 -46.01 -27.74
N GLN B 351 -22.18 -46.33 -26.74
CA GLN B 351 -23.61 -46.48 -26.98
C GLN B 351 -24.25 -45.17 -27.40
N LEU B 352 -23.83 -44.06 -26.79
CA LEU B 352 -24.35 -42.74 -27.14
C LEU B 352 -23.77 -42.25 -28.45
N TYR B 369 -28.90 -11.23 -25.71
CA TYR B 369 -29.15 -11.44 -24.29
C TYR B 369 -30.64 -11.52 -23.99
N THR B 370 -30.97 -11.73 -22.71
CA THR B 370 -32.35 -11.78 -22.27
C THR B 370 -32.84 -10.42 -21.77
N THR B 371 -32.02 -9.74 -20.97
CA THR B 371 -32.38 -8.45 -20.41
C THR B 371 -31.87 -7.33 -21.31
N SER B 372 -32.56 -6.19 -21.24
CA SER B 372 -32.20 -5.03 -22.04
C SER B 372 -30.94 -4.37 -21.47
N PHE B 373 -30.46 -3.33 -22.16
CA PHE B 373 -29.30 -2.61 -21.67
C PHE B 373 -29.63 -1.79 -20.43
N CYS B 374 -30.72 -1.03 -20.47
CA CYS B 374 -31.12 -0.22 -19.32
C CYS B 374 -31.47 -1.06 -18.10
N HIS B 375 -32.15 -2.19 -18.30
CA HIS B 375 -32.56 -3.03 -17.19
C HIS B 375 -31.36 -3.61 -16.45
N GLN B 376 -30.25 -3.83 -17.14
CA GLN B 376 -29.03 -4.29 -16.49
C GLN B 376 -28.04 -3.17 -16.21
N LEU B 377 -28.37 -1.94 -16.59
CA LEU B 377 -27.61 -0.79 -16.12
C LEU B 377 -28.12 -0.31 -14.77
N ARG B 378 -29.44 -0.21 -14.63
CA ARG B 378 -30.04 0.25 -13.38
C ARG B 378 -29.67 -0.66 -12.22
N TRP B 379 -29.68 -1.97 -12.43
CA TRP B 379 -29.40 -2.90 -11.34
C TRP B 379 -27.94 -2.87 -10.93
N VAL B 380 -27.01 -2.78 -11.89
CA VAL B 380 -25.60 -2.66 -11.53
C VAL B 380 -25.35 -1.37 -10.77
N SER B 381 -25.94 -0.26 -11.24
CA SER B 381 -25.76 1.01 -10.54
C SER B 381 -26.36 0.97 -9.14
N LYS B 382 -27.54 0.38 -8.99
CA LYS B 382 -28.16 0.26 -7.67
C LYS B 382 -27.33 -0.58 -6.72
N ARG B 383 -26.80 -1.70 -7.21
CA ARG B 383 -25.95 -2.53 -6.37
C ARG B 383 -24.68 -1.80 -5.97
N SER B 384 -24.07 -1.05 -6.90
CA SER B 384 -22.89 -0.27 -6.54
C SER B 384 -23.20 0.80 -5.52
N PHE B 385 -24.34 1.48 -5.67
CA PHE B 385 -24.72 2.51 -4.71
C PHE B 385 -24.99 1.92 -3.33
N LYS B 386 -25.67 0.77 -3.28
CA LYS B 386 -25.88 0.10 -2.00
C LYS B 386 -24.57 -0.34 -1.37
N ASN B 387 -23.63 -0.84 -2.18
CA ASN B 387 -22.31 -1.17 -1.65
C ASN B 387 -21.60 0.05 -1.09
N LEU B 388 -21.69 1.18 -1.79
CA LEU B 388 -21.08 2.41 -1.33
C LEU B 388 -21.68 2.92 -0.02
N LEU B 389 -23.00 2.90 0.11
CA LEU B 389 -23.66 3.42 1.31
C LEU B 389 -23.70 2.42 2.45
N GLY B 390 -23.46 1.13 2.19
CA GLY B 390 -23.58 0.13 3.24
C GLY B 390 -22.40 0.15 4.20
N ASN B 391 -21.26 0.66 3.74
CA ASN B 391 -20.03 0.68 4.54
C ASN B 391 -19.46 2.10 4.64
N PRO B 392 -20.10 3.01 5.39
CA PRO B 392 -19.67 4.42 5.43
C PRO B 392 -18.35 4.60 6.17
N GLN B 393 -17.28 4.07 5.59
CA GLN B 393 -15.93 4.33 6.06
C GLN B 393 -14.97 4.72 4.96
N ALA B 394 -15.34 4.59 3.70
CA ALA B 394 -14.48 5.03 2.61
C ALA B 394 -14.96 6.35 2.02
N SER B 395 -16.27 6.61 2.05
CA SER B 395 -16.81 7.90 1.65
C SER B 395 -16.72 8.92 2.76
N ILE B 396 -17.12 8.55 3.98
CA ILE B 396 -17.09 9.49 5.10
C ILE B 396 -15.67 9.89 5.47
N ALA B 397 -14.71 8.97 5.35
CA ALA B 397 -13.33 9.31 5.72
C ALA B 397 -12.78 10.41 4.82
N GLN B 398 -12.91 10.24 3.50
CA GLN B 398 -12.46 11.29 2.60
C GLN B 398 -13.30 12.56 2.69
N ILE B 399 -14.60 12.44 2.95
CA ILE B 399 -15.40 13.64 3.17
C ILE B 399 -14.87 14.43 4.36
N ILE B 400 -14.58 13.75 5.46
CA ILE B 400 -14.10 14.42 6.67
C ILE B 400 -12.73 15.03 6.42
N VAL B 401 -11.83 14.28 5.77
CA VAL B 401 -10.50 14.83 5.55
C VAL B 401 -10.55 16.03 4.60
N THR B 402 -11.42 16.01 3.59
CA THR B 402 -11.59 17.19 2.74
C THR B 402 -12.12 18.37 3.54
N VAL B 403 -13.10 18.13 4.42
CA VAL B 403 -13.65 19.22 5.22
C VAL B 403 -12.59 19.83 6.12
N VAL B 404 -11.80 19.02 6.82
CA VAL B 404 -10.72 19.58 7.65
C VAL B 404 -9.62 20.23 6.84
N LEU B 405 -9.29 19.69 5.66
CA LEU B 405 -8.27 20.32 4.83
C LEU B 405 -8.72 21.70 4.36
N GLY B 406 -9.98 21.82 3.94
CA GLY B 406 -10.49 23.12 3.56
C GLY B 406 -10.46 24.15 4.69
N LEU B 407 -10.89 23.75 5.89
CA LEU B 407 -10.85 24.67 7.02
C LEU B 407 -9.42 25.08 7.35
N VAL B 408 -8.49 24.13 7.35
CA VAL B 408 -7.11 24.48 7.65
C VAL B 408 -6.55 25.43 6.60
N ILE B 409 -6.72 25.09 5.32
CA ILE B 409 -6.19 25.94 4.25
C ILE B 409 -6.77 27.34 4.34
N GLY B 410 -8.07 27.45 4.62
CA GLY B 410 -8.65 28.75 4.88
C GLY B 410 -8.03 29.43 6.09
N ALA B 411 -7.58 28.65 7.07
CA ALA B 411 -6.94 29.23 8.24
C ALA B 411 -5.58 29.85 7.93
N ILE B 412 -4.69 29.15 7.22
CA ILE B 412 -3.40 29.77 6.90
C ILE B 412 -3.58 30.94 5.94
N TYR B 413 -4.37 30.76 4.88
CA TYR B 413 -4.47 31.75 3.82
C TYR B 413 -5.56 32.78 4.06
N PHE B 414 -5.89 33.05 5.33
CA PHE B 414 -6.95 34.01 5.63
C PHE B 414 -6.52 35.41 5.23
N GLY B 415 -7.41 36.12 4.52
CA GLY B 415 -7.18 37.51 4.20
C GLY B 415 -6.06 37.75 3.22
N LEU B 416 -6.27 37.38 1.96
CA LEU B 416 -5.27 37.58 0.91
C LEU B 416 -5.14 39.06 0.62
N LYS B 417 -3.93 39.60 0.78
CA LYS B 417 -3.69 41.01 0.57
C LYS B 417 -3.19 41.28 -0.84
N ASN B 418 -3.41 42.50 -1.31
CA ASN B 418 -2.91 42.94 -2.62
C ASN B 418 -1.60 43.69 -2.46
N ASP B 419 -0.59 42.98 -1.96
CA ASP B 419 0.73 43.55 -1.77
C ASP B 419 1.79 42.64 -2.40
N SER B 420 3.06 42.89 -2.09
CA SER B 420 4.14 42.12 -2.69
C SER B 420 4.00 40.63 -2.42
N THR B 421 3.38 40.24 -1.32
CA THR B 421 3.20 38.84 -0.98
C THR B 421 1.89 38.25 -1.47
N GLY B 422 1.04 39.06 -2.11
CA GLY B 422 -0.21 38.52 -2.63
C GLY B 422 -0.06 37.54 -3.76
N ILE B 423 0.88 37.81 -4.68
CA ILE B 423 1.10 36.91 -5.81
C ILE B 423 1.56 35.55 -5.34
N GLN B 424 2.52 35.52 -4.41
CA GLN B 424 3.04 34.26 -3.91
C GLN B 424 1.96 33.43 -3.23
N ASN B 425 1.16 34.07 -2.36
CA ASN B 425 0.11 33.34 -1.66
C ASN B 425 -0.95 32.83 -2.62
N ARG B 426 -1.36 33.66 -3.59
CA ARG B 426 -2.37 33.23 -4.54
C ARG B 426 -1.86 32.05 -5.37
N ALA B 427 -0.63 32.15 -5.87
CA ALA B 427 -0.07 31.06 -6.65
C ALA B 427 0.06 29.78 -5.84
N GLY B 428 0.55 29.86 -4.60
CA GLY B 428 0.67 28.68 -3.78
C GLY B 428 -0.66 28.03 -3.45
N VAL B 429 -1.66 28.83 -3.07
CA VAL B 429 -2.95 28.26 -2.72
C VAL B 429 -3.67 27.70 -3.94
N LEU B 430 -3.48 28.29 -5.12
CA LEU B 430 -4.10 27.73 -6.31
C LEU B 430 -3.37 26.49 -6.82
N PHE B 431 -2.06 26.40 -6.57
CA PHE B 431 -1.32 25.21 -6.97
C PHE B 431 -1.61 24.04 -6.06
N PHE B 432 -1.68 24.27 -4.74
CA PHE B 432 -1.88 23.18 -3.81
C PHE B 432 -3.24 22.52 -4.01
N LEU B 433 -4.28 23.31 -4.29
CA LEU B 433 -5.60 22.73 -4.49
C LEU B 433 -5.61 21.80 -5.69
N THR B 434 -5.00 22.22 -6.81
CA THR B 434 -4.94 21.37 -7.98
C THR B 434 -4.10 20.12 -7.73
N THR B 435 -2.96 20.26 -7.04
CA THR B 435 -2.15 19.10 -6.74
C THR B 435 -2.88 18.10 -5.86
N ASN B 436 -3.59 18.58 -4.83
CA ASN B 436 -4.37 17.70 -4.00
C ASN B 436 -5.50 17.03 -4.76
N GLN B 437 -6.18 17.78 -5.64
CA GLN B 437 -7.26 17.22 -6.43
C GLN B 437 -6.74 16.12 -7.36
N CYS B 438 -5.52 16.28 -7.88
CA CYS B 438 -4.93 15.24 -8.71
C CYS B 438 -4.49 14.04 -7.89
N PHE B 439 -3.86 14.27 -6.73
CA PHE B 439 -3.33 13.16 -5.93
C PHE B 439 -4.41 12.41 -5.17
N SER B 440 -5.60 12.98 -5.02
CA SER B 440 -6.67 12.29 -4.32
C SER B 440 -7.32 11.20 -5.15
N SER B 441 -7.05 11.15 -6.45
CA SER B 441 -7.62 10.14 -7.33
C SER B 441 -6.75 8.91 -7.47
N VAL B 442 -5.61 8.86 -6.77
CA VAL B 442 -4.80 7.65 -6.80
C VAL B 442 -5.55 6.48 -6.19
N SER B 443 -6.36 6.74 -5.17
CA SER B 443 -7.16 5.71 -4.52
C SER B 443 -8.36 5.27 -5.34
N ALA B 444 -8.45 5.69 -6.60
CA ALA B 444 -9.54 5.29 -7.49
C ALA B 444 -9.25 3.99 -8.22
N VAL B 445 -8.14 3.33 -7.91
CA VAL B 445 -7.83 2.03 -8.51
C VAL B 445 -8.54 0.87 -7.82
N GLU B 446 -9.23 1.12 -6.71
CA GLU B 446 -10.04 0.11 -6.04
C GLU B 446 -11.40 -0.07 -6.69
N LEU B 447 -11.59 0.41 -7.92
CA LEU B 447 -12.86 0.30 -8.61
C LEU B 447 -12.99 -0.97 -9.41
N PHE B 448 -12.00 -1.30 -10.23
CA PHE B 448 -12.03 -2.49 -11.07
C PHE B 448 -10.99 -3.53 -10.66
N VAL B 449 -10.40 -3.40 -9.49
CA VAL B 449 -9.39 -4.34 -9.02
C VAL B 449 -9.93 -5.23 -7.90
N VAL B 450 -10.54 -4.62 -6.88
CA VAL B 450 -11.09 -5.41 -5.79
C VAL B 450 -12.31 -6.22 -6.24
N GLU B 451 -12.81 -5.95 -7.43
CA GLU B 451 -14.00 -6.62 -7.94
C GLU B 451 -13.70 -7.34 -9.27
N LYS B 452 -12.43 -7.62 -9.53
CA LYS B 452 -12.07 -8.25 -10.80
C LYS B 452 -12.58 -9.68 -10.88
N LYS B 453 -12.31 -10.50 -9.85
CA LYS B 453 -12.77 -11.88 -9.86
C LYS B 453 -14.27 -11.97 -9.93
N LEU B 454 -14.96 -11.19 -9.10
CA LEU B 454 -16.42 -11.18 -9.12
C LEU B 454 -16.93 -10.73 -10.48
N PHE B 455 -16.32 -9.70 -11.07
CA PHE B 455 -16.77 -9.21 -12.38
C PHE B 455 -16.61 -10.28 -13.44
N ILE B 456 -15.47 -10.98 -13.46
CA ILE B 456 -15.27 -12.04 -14.43
C ILE B 456 -16.34 -13.12 -14.24
N HIS B 457 -16.65 -13.46 -13.00
CA HIS B 457 -17.69 -14.45 -12.76
C HIS B 457 -19.05 -13.98 -13.27
N GLU B 458 -19.43 -12.73 -12.98
CA GLU B 458 -20.70 -12.25 -13.54
C GLU B 458 -20.70 -12.25 -15.06
N TYR B 459 -19.58 -11.91 -15.69
CA TYR B 459 -19.59 -11.83 -17.15
C TYR B 459 -19.70 -13.20 -17.78
N ILE B 460 -18.96 -14.19 -17.28
CA ILE B 460 -19.11 -15.53 -17.84
C ILE B 460 -20.50 -16.09 -17.57
N SER B 461 -21.06 -15.82 -16.39
CA SER B 461 -22.32 -16.47 -16.04
C SER B 461 -23.49 -16.03 -16.94
N GLY B 462 -23.44 -14.81 -17.46
CA GLY B 462 -24.51 -14.31 -18.31
C GLY B 462 -25.35 -13.22 -17.67
N TYR B 463 -24.82 -12.60 -16.64
CA TYR B 463 -25.49 -11.47 -15.99
C TYR B 463 -25.61 -10.27 -16.93
N TYR B 464 -24.48 -9.69 -17.33
CA TYR B 464 -24.55 -8.49 -18.14
C TYR B 464 -23.49 -8.47 -19.22
N ARG B 465 -23.31 -7.30 -19.85
CA ARG B 465 -22.23 -7.10 -20.81
C ARG B 465 -21.25 -6.09 -20.26
N VAL B 466 -20.14 -5.87 -20.95
CA VAL B 466 -19.10 -4.99 -20.43
C VAL B 466 -19.54 -3.54 -20.37
N SER B 467 -20.27 -3.05 -21.37
CA SER B 467 -20.66 -1.65 -21.40
C SER B 467 -21.57 -1.30 -20.24
N SER B 468 -22.58 -2.13 -19.96
CA SER B 468 -23.51 -1.85 -18.87
C SER B 468 -22.81 -1.88 -17.51
N TYR B 469 -21.94 -2.86 -17.28
CA TYR B 469 -21.18 -2.88 -16.03
C TYR B 469 -20.28 -1.67 -15.90
N PHE B 470 -19.59 -1.30 -16.98
CA PHE B 470 -18.70 -0.14 -16.95
C PHE B 470 -19.45 1.14 -16.63
N LEU B 471 -20.61 1.36 -17.26
CA LEU B 471 -21.39 2.56 -16.98
C LEU B 471 -22.04 2.53 -15.60
N GLY B 472 -22.50 1.36 -15.14
CA GLY B 472 -23.08 1.28 -13.81
C GLY B 472 -22.09 1.52 -12.70
N LYS B 473 -20.86 1.03 -12.85
CA LYS B 473 -19.83 1.30 -11.86
C LYS B 473 -19.22 2.68 -12.03
N LEU B 474 -19.62 3.41 -13.07
CA LEU B 474 -19.15 4.77 -13.29
C LEU B 474 -20.13 5.82 -12.79
N LEU B 475 -21.43 5.62 -13.00
CA LEU B 475 -22.45 6.59 -12.63
C LEU B 475 -22.65 6.72 -11.13
N SER B 476 -22.41 5.66 -10.37
CA SER B 476 -22.79 5.60 -8.97
C SER B 476 -21.60 5.40 -8.05
N ASP B 477 -20.40 5.31 -8.63
CA ASP B 477 -19.22 5.10 -7.79
C ASP B 477 -18.21 6.24 -7.95
N LEU B 478 -17.94 6.63 -9.20
CA LEU B 478 -16.97 7.69 -9.45
C LEU B 478 -17.61 9.06 -9.59
N LEU B 479 -18.77 9.13 -10.26
CA LEU B 479 -19.39 10.43 -10.48
C LEU B 479 -19.77 11.14 -9.19
N PRO B 480 -20.48 10.53 -8.23
CA PRO B 480 -20.89 11.28 -7.03
C PRO B 480 -19.81 11.43 -5.97
N MET B 481 -18.80 10.56 -5.96
CA MET B 481 -17.75 10.63 -4.97
C MET B 481 -16.57 11.49 -5.41
N ARG B 482 -16.61 12.05 -6.61
CA ARG B 482 -15.57 12.97 -7.05
C ARG B 482 -16.04 14.41 -7.13
N MET B 483 -17.31 14.63 -7.47
CA MET B 483 -17.87 15.98 -7.50
C MET B 483 -17.96 16.62 -6.13
N LEU B 484 -18.23 15.83 -5.09
CA LEU B 484 -18.44 16.39 -3.76
C LEU B 484 -17.20 17.08 -3.18
N PRO B 485 -16.01 16.48 -3.20
CA PRO B 485 -14.84 17.16 -2.60
C PRO B 485 -14.53 18.51 -3.22
N SER B 486 -14.70 18.67 -4.52
CA SER B 486 -14.49 19.97 -5.14
C SER B 486 -15.48 21.00 -4.63
N ILE B 487 -16.75 20.64 -4.49
CA ILE B 487 -17.74 21.55 -3.95
C ILE B 487 -17.40 21.93 -2.52
N ILE B 488 -17.00 20.95 -1.71
CA ILE B 488 -16.65 21.24 -0.33
C ILE B 488 -15.45 22.18 -0.26
N PHE B 489 -14.43 21.94 -1.08
CA PHE B 489 -13.26 22.82 -1.09
C PHE B 489 -13.63 24.24 -1.51
N THR B 490 -14.44 24.37 -2.56
CA THR B 490 -14.73 25.69 -3.11
C THR B 490 -15.61 26.54 -2.21
N CYS B 491 -16.58 25.96 -1.52
CA CYS B 491 -17.50 26.75 -0.69
C CYS B 491 -16.90 27.11 0.67
N ILE B 492 -15.75 26.55 1.04
CA ILE B 492 -15.11 26.83 2.31
C ILE B 492 -13.93 27.77 2.14
N VAL B 493 -13.03 27.47 1.20
CA VAL B 493 -11.79 28.22 1.10
C VAL B 493 -11.96 29.52 0.33
N TYR B 494 -13.04 29.68 -0.42
CA TYR B 494 -13.18 30.86 -1.27
C TYR B 494 -13.38 32.12 -0.44
N PHE B 495 -14.47 32.18 0.30
CA PHE B 495 -14.81 33.41 1.02
C PHE B 495 -13.94 33.61 2.26
N MET B 496 -13.39 32.55 2.83
CA MET B 496 -12.41 32.66 3.89
C MET B 496 -11.09 33.20 3.37
N LEU B 497 -10.90 33.25 2.04
CA LEU B 497 -9.69 33.80 1.45
C LEU B 497 -9.99 35.14 0.80
N GLY B 498 -11.03 35.25 -0.02
CA GLY B 498 -11.33 36.48 -0.70
C GLY B 498 -10.64 36.57 -2.04
N LEU B 499 -10.82 35.54 -2.86
CA LEU B 499 -10.10 35.47 -4.13
C LEU B 499 -10.60 36.53 -5.11
N LYS B 500 -11.87 36.47 -5.48
CA LYS B 500 -12.44 37.46 -6.38
C LYS B 500 -13.94 37.54 -6.17
N PRO B 501 -14.46 38.59 -5.54
CA PRO B 501 -15.88 38.61 -5.18
C PRO B 501 -16.79 38.77 -6.39
N LYS B 502 -16.90 37.72 -7.20
CA LYS B 502 -17.79 37.72 -8.35
C LYS B 502 -18.51 36.38 -8.41
N ALA B 503 -19.72 36.41 -8.98
CA ALA B 503 -20.50 35.18 -9.09
C ALA B 503 -19.89 34.19 -10.06
N ASP B 504 -19.37 34.67 -11.19
CA ASP B 504 -18.86 33.76 -12.22
C ASP B 504 -17.54 33.11 -11.84
N ALA B 505 -16.67 33.83 -11.13
CA ALA B 505 -15.38 33.27 -10.73
C ALA B 505 -15.53 32.08 -9.80
N PHE B 506 -16.48 32.14 -8.86
CA PHE B 506 -16.72 31.03 -7.95
C PHE B 506 -17.07 29.75 -8.72
N PHE B 507 -18.01 29.86 -9.66
CA PHE B 507 -18.41 28.71 -10.45
C PHE B 507 -17.32 28.26 -11.40
N VAL B 508 -16.51 29.17 -11.94
CA VAL B 508 -15.40 28.76 -12.78
C VAL B 508 -14.39 27.95 -11.98
N MET B 509 -14.08 28.38 -10.76
CA MET B 509 -13.18 27.63 -9.92
C MET B 509 -13.74 26.26 -9.58
N MET B 510 -15.03 26.18 -9.23
CA MET B 510 -15.64 24.88 -8.95
C MET B 510 -15.60 23.97 -10.17
N PHE B 511 -15.91 24.50 -11.35
CA PHE B 511 -15.91 23.71 -12.57
C PHE B 511 -14.51 23.20 -12.88
N THR B 512 -13.49 24.05 -12.74
CA THR B 512 -12.12 23.61 -13.00
C THR B 512 -11.68 22.53 -12.04
N LEU B 513 -12.00 22.68 -10.74
CA LEU B 513 -11.65 21.62 -9.80
C LEU B 513 -12.37 20.31 -10.12
N MET B 514 -13.64 20.37 -10.48
CA MET B 514 -14.36 19.16 -10.87
C MET B 514 -13.71 18.50 -12.07
N MET B 515 -13.34 19.28 -13.08
CA MET B 515 -12.71 18.70 -14.27
C MET B 515 -11.36 18.09 -13.94
N VAL B 516 -10.57 18.72 -13.08
CA VAL B 516 -9.27 18.14 -12.72
C VAL B 516 -9.46 16.82 -12.00
N ALA B 517 -10.40 16.78 -11.04
CA ALA B 517 -10.64 15.53 -10.33
C ALA B 517 -11.15 14.43 -11.26
N TYR B 518 -12.07 14.78 -12.17
CA TYR B 518 -12.59 13.80 -13.10
C TYR B 518 -11.51 13.27 -14.03
N SER B 519 -10.64 14.16 -14.53
CA SER B 519 -9.56 13.72 -15.41
C SER B 519 -8.58 12.81 -14.68
N ALA B 520 -8.21 13.15 -13.45
CA ALA B 520 -7.30 12.29 -12.69
C ALA B 520 -7.94 10.93 -12.44
N SER B 521 -9.22 10.90 -12.07
CA SER B 521 -9.89 9.62 -11.85
C SER B 521 -10.00 8.80 -13.13
N SER B 522 -10.28 9.45 -14.26
CA SER B 522 -10.37 8.72 -15.52
C SER B 522 -9.01 8.13 -15.91
N MET B 523 -7.93 8.88 -15.72
CA MET B 523 -6.61 8.31 -15.97
C MET B 523 -6.32 7.16 -15.02
N ALA B 524 -6.74 7.28 -13.76
CA ALA B 524 -6.56 6.20 -12.81
C ALA B 524 -7.27 4.92 -13.26
N LEU B 525 -8.52 5.04 -13.70
CA LEU B 525 -9.22 3.90 -14.24
C LEU B 525 -8.58 3.35 -15.50
N ALA B 526 -8.04 4.23 -16.36
CA ALA B 526 -7.37 3.77 -17.58
C ALA B 526 -6.12 2.96 -17.27
N ILE B 527 -5.36 3.35 -16.25
CA ILE B 527 -4.15 2.60 -15.93
C ILE B 527 -4.48 1.23 -15.35
N ALA B 528 -5.37 1.18 -14.36
CA ALA B 528 -5.69 -0.07 -13.68
C ALA B 528 -7.11 -0.48 -14.06
N ALA B 529 -7.20 -1.26 -15.16
CA ALA B 529 -8.47 -1.71 -15.69
C ALA B 529 -8.41 -3.20 -16.02
N GLY B 530 -8.02 -4.04 -15.07
CA GLY B 530 -7.85 -5.45 -15.34
C GLY B 530 -6.66 -6.05 -14.61
N GLN B 531 -5.93 -5.21 -13.87
CA GLN B 531 -4.89 -5.72 -13.00
C GLN B 531 -5.51 -6.41 -11.80
N SER B 532 -4.74 -7.32 -11.19
CA SER B 532 -5.23 -8.09 -10.05
C SER B 532 -4.78 -7.53 -8.71
N VAL B 533 -3.75 -6.68 -8.68
CA VAL B 533 -3.27 -6.08 -7.46
C VAL B 533 -3.26 -4.57 -7.60
N VAL B 534 -3.07 -3.88 -6.48
CA VAL B 534 -2.98 -2.43 -6.46
C VAL B 534 -1.56 -1.94 -6.17
N SER B 535 -0.66 -2.83 -5.74
CA SER B 535 0.68 -2.40 -5.38
C SER B 535 1.50 -1.97 -6.59
N VAL B 536 1.07 -2.30 -7.79
CA VAL B 536 1.80 -1.92 -9.00
C VAL B 536 1.14 -0.75 -9.72
N ALA B 537 -0.18 -0.62 -9.68
CA ALA B 537 -0.83 0.50 -10.32
C ALA B 537 -0.58 1.81 -9.57
N THR B 538 -0.62 1.77 -8.24
CA THR B 538 -0.42 2.98 -7.45
C THR B 538 0.98 3.55 -7.55
N LEU B 539 2.02 2.70 -7.59
CA LEU B 539 3.37 3.23 -7.71
C LEU B 539 3.58 3.93 -9.05
N LEU B 540 3.12 3.31 -10.14
CA LEU B 540 3.19 3.95 -11.44
C LEU B 540 2.35 5.23 -11.47
N MET B 541 1.20 5.21 -10.82
CA MET B 541 0.34 6.37 -10.75
C MET B 541 1.03 7.54 -10.06
N THR B 542 1.66 7.27 -8.92
CA THR B 542 2.38 8.30 -8.19
C THR B 542 3.55 8.83 -9.00
N ILE B 543 4.34 7.94 -9.61
CA ILE B 543 5.47 8.40 -10.38
C ILE B 543 5.04 9.19 -11.61
N CYS B 544 3.86 8.90 -12.17
CA CYS B 544 3.35 9.69 -13.28
C CYS B 544 2.87 11.05 -12.82
N PHE B 545 2.15 11.10 -11.69
CA PHE B 545 1.66 12.37 -11.18
C PHE B 545 2.77 13.28 -10.71
N VAL B 546 3.90 12.73 -10.26
CA VAL B 546 5.02 13.58 -9.87
C VAL B 546 5.55 14.35 -11.08
N PHE B 547 5.77 13.66 -12.20
CA PHE B 547 6.19 14.34 -13.41
C PHE B 547 5.13 15.29 -13.94
N MET B 548 3.85 14.92 -13.83
CA MET B 548 2.79 15.85 -14.18
C MET B 548 2.82 17.11 -13.33
N MET B 549 3.18 16.98 -12.06
CA MET B 549 3.27 18.13 -11.17
C MET B 549 4.49 19.00 -11.48
N ILE B 550 5.57 18.37 -11.94
CA ILE B 550 6.76 19.14 -12.29
C ILE B 550 6.45 20.15 -13.40
N PHE B 551 5.71 19.73 -14.42
CA PHE B 551 5.36 20.59 -15.55
C PHE B 551 4.04 21.32 -15.31
N SER B 552 3.91 21.99 -14.17
CA SER B 552 2.66 22.67 -13.84
C SER B 552 2.74 24.16 -14.15
N GLY B 553 3.83 24.81 -13.74
CA GLY B 553 3.98 26.22 -14.00
C GLY B 553 4.51 27.00 -12.80
N LEU B 554 4.48 26.37 -11.62
CA LEU B 554 4.96 27.05 -10.43
C LEU B 554 6.39 26.63 -10.09
N LEU B 555 6.70 25.35 -10.18
CA LEU B 555 8.03 24.88 -9.81
C LEU B 555 9.07 25.23 -10.87
N VAL B 556 8.65 25.40 -12.12
CA VAL B 556 9.56 25.77 -13.19
C VAL B 556 8.81 26.65 -14.17
N ASN B 557 9.49 27.67 -14.68
CA ASN B 557 8.90 28.57 -15.66
C ASN B 557 8.79 27.87 -17.01
N LEU B 558 7.57 27.73 -17.51
CA LEU B 558 7.32 26.95 -18.71
C LEU B 558 7.87 27.60 -19.98
N THR B 559 8.29 28.86 -19.92
CA THR B 559 8.87 29.51 -21.09
C THR B 559 10.38 29.33 -21.19
N THR B 560 11.02 28.79 -20.16
CA THR B 560 12.45 28.57 -20.17
C THR B 560 12.85 27.14 -20.50
N ILE B 561 11.89 26.29 -20.83
CA ILE B 561 12.19 24.90 -21.16
C ILE B 561 12.83 24.84 -22.54
N ALA B 562 13.71 23.86 -22.75
CA ALA B 562 14.26 23.63 -24.07
C ALA B 562 13.18 23.17 -25.03
N SER B 563 13.40 23.46 -26.32
CA SER B 563 12.38 23.16 -27.32
C SER B 563 12.10 21.66 -27.43
N TRP B 564 13.11 20.82 -27.18
CA TRP B 564 12.95 19.39 -27.26
C TRP B 564 12.32 18.78 -26.02
N LEU B 565 12.14 19.57 -24.97
CA LEU B 565 11.46 19.10 -23.76
C LEU B 565 10.18 19.86 -23.46
N SER B 566 9.93 21.00 -24.09
CA SER B 566 8.76 21.81 -23.81
C SER B 566 7.45 21.14 -24.21
N TRP B 567 7.48 20.21 -25.17
CA TRP B 567 6.26 19.53 -25.57
C TRP B 567 5.68 18.65 -24.48
N LEU B 568 6.51 18.13 -23.58
CA LEU B 568 6.04 17.29 -22.50
C LEU B 568 5.03 17.98 -21.60
N GLN B 569 5.01 19.31 -21.59
CA GLN B 569 4.03 20.05 -20.80
C GLN B 569 2.60 19.85 -21.28
N TYR B 570 2.41 19.40 -22.52
CA TYR B 570 1.05 19.25 -23.02
C TYR B 570 0.37 17.99 -22.48
N PHE B 571 1.10 17.13 -21.78
CA PHE B 571 0.54 15.93 -21.17
C PHE B 571 0.40 16.07 -19.66
N SER B 572 0.05 17.24 -19.16
CA SER B 572 -0.02 17.50 -17.72
C SER B 572 -1.39 18.03 -17.36
N ILE B 573 -2.18 17.21 -16.66
CA ILE B 573 -3.49 17.60 -16.13
C ILE B 573 -3.36 18.73 -15.11
N PRO B 574 -2.47 18.64 -14.11
CA PRO B 574 -2.33 19.75 -13.16
C PRO B 574 -2.00 21.07 -13.83
N ARG B 575 -1.19 21.06 -14.88
CA ARG B 575 -0.91 22.31 -15.58
C ARG B 575 -2.17 22.90 -16.19
N TYR B 576 -3.01 22.06 -16.80
CA TYR B 576 -4.24 22.56 -17.39
C TYR B 576 -5.18 23.13 -16.34
N GLY B 577 -5.30 22.48 -15.19
CA GLY B 577 -6.12 23.04 -14.12
C GLY B 577 -5.55 24.32 -13.53
N PHE B 578 -4.24 24.34 -13.25
CA PHE B 578 -3.59 25.48 -12.64
C PHE B 578 -3.62 26.71 -13.54
N THR B 579 -3.43 26.52 -14.84
CA THR B 579 -3.49 27.65 -15.76
C THR B 579 -4.88 28.29 -15.74
N ALA B 580 -5.93 27.48 -15.76
CA ALA B 580 -7.28 28.03 -15.70
C ALA B 580 -7.53 28.73 -14.38
N LEU B 581 -7.10 28.15 -13.27
CA LEU B 581 -7.31 28.82 -11.98
C LEU B 581 -6.57 30.15 -11.92
N GLN B 582 -5.32 30.19 -12.37
CA GLN B 582 -4.55 31.43 -12.37
C GLN B 582 -5.16 32.48 -13.30
N HIS B 583 -5.58 32.08 -14.50
CA HIS B 583 -6.22 33.03 -15.41
C HIS B 583 -7.53 33.55 -14.83
N ASN B 584 -8.21 32.74 -14.03
CA ASN B 584 -9.42 33.21 -13.37
C ASN B 584 -9.13 34.17 -12.24
N GLU B 585 -8.06 33.96 -11.47
CA GLU B 585 -7.79 34.76 -10.29
C GLU B 585 -7.02 36.05 -10.57
N PHE B 586 -6.08 36.07 -11.51
CA PHE B 586 -5.14 37.17 -11.63
C PHE B 586 -5.53 38.20 -12.68
N LEU B 587 -6.81 38.25 -13.06
CA LEU B 587 -7.18 39.16 -14.15
C LEU B 587 -7.85 40.42 -13.61
N GLY B 588 -7.09 41.50 -13.53
CA GLY B 588 -7.63 42.77 -13.08
C GLY B 588 -7.23 43.13 -11.68
N GLN B 589 -6.07 42.63 -11.24
CA GLN B 589 -5.59 42.83 -9.88
C GLN B 589 -4.34 43.70 -9.93
N ASN B 590 -4.22 44.63 -8.99
CA ASN B 590 -3.00 45.40 -8.82
C ASN B 590 -2.30 44.95 -7.55
N PHE B 591 -0.98 44.80 -7.62
CA PHE B 591 -0.20 44.27 -6.51
C PHE B 591 0.89 45.23 -6.06
N CYS B 592 0.72 46.51 -6.33
CA CYS B 592 1.66 47.52 -5.87
C CYS B 592 0.90 48.67 -5.23
N PRO B 593 1.01 48.86 -3.92
CA PRO B 593 0.24 49.93 -3.27
C PRO B 593 0.78 51.30 -3.65
N GLY B 594 -0.11 52.13 -4.19
CA GLY B 594 0.26 53.46 -4.59
C GLY B 594 0.98 53.55 -5.91
N LEU B 595 0.78 52.59 -6.81
CA LEU B 595 1.42 52.62 -8.11
C LEU B 595 0.40 52.20 -9.16
N ASN B 596 0.02 53.12 -10.03
CA ASN B 596 -0.94 52.83 -11.09
C ASN B 596 -0.18 52.33 -12.30
N ALA B 597 -0.08 51.00 -12.42
CA ALA B 597 0.60 50.38 -13.54
C ALA B 597 -0.37 50.02 -14.66
N THR B 598 -1.65 50.28 -14.48
CA THR B 598 -2.64 50.00 -15.52
C THR B 598 -2.38 50.85 -16.77
N GLY B 599 -2.08 52.13 -16.58
CA GLY B 599 -1.72 52.98 -17.69
C GLY B 599 -0.38 52.61 -18.28
N ASN B 600 0.68 52.74 -17.48
CA ASN B 600 2.02 52.35 -17.87
C ASN B 600 2.81 51.95 -16.64
N ASN B 601 3.94 51.30 -16.87
CA ASN B 601 4.84 50.91 -15.78
C ASN B 601 6.07 51.81 -15.81
N PRO B 602 6.18 52.80 -14.91
CA PRO B 602 7.36 53.66 -14.90
C PRO B 602 8.63 52.92 -14.54
N CYS B 603 8.52 51.76 -13.90
CA CYS B 603 9.67 50.98 -13.47
C CYS B 603 9.65 49.60 -14.12
N ASN B 604 10.81 49.19 -14.59
CA ASN B 604 10.97 47.87 -15.20
C ASN B 604 11.30 46.85 -14.13
N TYR B 605 11.02 45.58 -14.42
CA TYR B 605 11.16 44.50 -13.44
C TYR B 605 10.29 44.76 -12.21
N ALA B 606 9.01 45.05 -12.45
CA ALA B 606 8.10 45.44 -11.39
C ALA B 606 6.99 44.45 -11.09
N THR B 607 6.46 43.75 -12.11
CA THR B 607 5.32 42.85 -12.03
C THR B 607 4.26 43.37 -11.04
N CYS B 608 3.89 44.63 -11.18
CA CYS B 608 2.91 45.23 -10.29
C CYS B 608 1.48 44.82 -10.62
N THR B 609 1.22 44.43 -11.86
CA THR B 609 -0.13 44.12 -12.29
C THR B 609 -0.28 42.62 -12.53
N GLY B 610 -1.47 42.11 -12.22
CA GLY B 610 -1.75 40.69 -12.40
C GLY B 610 -1.57 40.20 -13.82
N GLU B 611 -1.93 41.01 -14.82
CA GLU B 611 -1.71 40.64 -16.21
C GLU B 611 -0.25 40.41 -16.53
N GLU B 612 0.65 41.21 -15.95
CA GLU B 612 2.07 40.99 -16.16
C GLU B 612 2.51 39.62 -15.65
N TYR B 613 2.01 39.19 -14.49
CA TYR B 613 2.36 37.87 -13.99
C TYR B 613 1.87 36.77 -14.92
N LEU B 614 0.63 36.90 -15.42
CA LEU B 614 0.11 35.88 -16.33
C LEU B 614 0.92 35.81 -17.62
N VAL B 615 1.30 36.96 -18.18
CA VAL B 615 2.10 36.93 -19.40
C VAL B 615 3.50 36.39 -19.11
N LYS B 616 4.06 36.72 -17.95
CA LYS B 616 5.38 36.20 -17.59
C LYS B 616 5.35 34.69 -17.38
N GLN B 617 4.21 34.15 -17.00
CA GLN B 617 4.09 32.71 -16.82
C GLN B 617 3.75 31.98 -18.11
N GLY B 618 3.60 32.69 -19.22
CA GLY B 618 3.27 32.08 -20.49
C GLY B 618 1.80 31.80 -20.71
N ILE B 619 0.91 32.49 -20.00
CA ILE B 619 -0.53 32.26 -20.08
C ILE B 619 -1.13 33.33 -20.97
N ASP B 620 -1.93 32.91 -21.94
CA ASP B 620 -2.59 33.86 -22.83
C ASP B 620 -3.69 34.58 -22.05
N LEU B 621 -3.93 35.83 -22.41
CA LEU B 621 -4.87 36.67 -21.68
C LEU B 621 -6.28 36.65 -22.28
N SER B 622 -6.48 36.03 -23.43
CA SER B 622 -7.80 35.95 -24.02
C SER B 622 -8.67 34.94 -23.27
N PRO B 623 -9.99 35.10 -23.32
CA PRO B 623 -10.86 34.07 -22.73
C PRO B 623 -10.67 32.69 -23.33
N TRP B 624 -10.27 32.60 -24.60
CA TRP B 624 -9.89 31.31 -25.16
C TRP B 624 -8.72 30.71 -24.40
N GLY B 625 -7.80 31.55 -23.94
CA GLY B 625 -6.71 31.07 -23.12
C GLY B 625 -7.15 30.52 -21.78
N LEU B 626 -8.43 30.73 -21.43
CA LEU B 626 -8.99 30.08 -20.25
C LEU B 626 -9.75 28.83 -20.62
N TRP B 627 -10.61 28.90 -21.63
CA TRP B 627 -11.48 27.77 -21.95
C TRP B 627 -10.77 26.63 -22.66
N LYS B 628 -9.62 26.87 -23.29
CA LYS B 628 -8.91 25.78 -23.92
C LYS B 628 -8.37 24.78 -22.90
N ASN B 629 -8.13 25.22 -21.66
CA ASN B 629 -7.74 24.28 -20.61
C ASN B 629 -8.84 23.26 -20.35
N HIS B 630 -10.08 23.71 -20.20
CA HIS B 630 -11.19 22.79 -20.02
C HIS B 630 -11.44 21.94 -21.25
N VAL B 631 -11.24 22.48 -22.45
CA VAL B 631 -11.35 21.65 -23.64
C VAL B 631 -10.35 20.51 -23.61
N ALA B 632 -9.09 20.80 -23.26
CA ALA B 632 -8.08 19.77 -23.15
C ALA B 632 -8.42 18.75 -22.07
N LEU B 633 -8.93 19.22 -20.93
CA LEU B 633 -9.30 18.29 -19.85
C LEU B 633 -10.41 17.35 -20.29
N ALA B 634 -11.43 17.86 -20.99
CA ALA B 634 -12.50 17.01 -21.48
C ALA B 634 -11.99 15.99 -22.49
N CYS B 635 -11.09 16.42 -23.39
CA CYS B 635 -10.53 15.47 -24.34
C CYS B 635 -9.76 14.36 -23.64
N MET B 636 -8.96 14.72 -22.64
CA MET B 636 -8.25 13.71 -21.85
C MET B 636 -9.21 12.75 -21.15
N ILE B 637 -10.31 13.28 -20.61
CA ILE B 637 -11.32 12.43 -19.97
C ILE B 637 -11.84 11.40 -20.95
N VAL B 638 -12.23 11.85 -22.14
CA VAL B 638 -12.80 10.93 -23.12
C VAL B 638 -11.79 9.87 -23.53
N ILE B 639 -10.55 10.27 -23.82
CA ILE B 639 -9.56 9.29 -24.27
C ILE B 639 -9.29 8.26 -23.18
N PHE B 640 -9.14 8.71 -21.93
CA PHE B 640 -8.82 7.78 -20.86
C PHE B 640 -9.98 6.84 -20.56
N LEU B 641 -11.22 7.33 -20.61
CA LEU B 641 -12.36 6.44 -20.41
C LEU B 641 -12.45 5.40 -21.51
N THR B 642 -12.23 5.80 -22.76
CA THR B 642 -12.25 4.82 -23.85
C THR B 642 -11.15 3.78 -23.68
N ILE B 643 -9.96 4.21 -23.26
CA ILE B 643 -8.87 3.26 -23.06
C ILE B 643 -9.23 2.27 -21.96
N ALA B 644 -9.81 2.76 -20.86
CA ALA B 644 -10.21 1.86 -19.78
C ALA B 644 -11.28 0.87 -20.23
N TYR B 645 -12.26 1.33 -21.00
CA TYR B 645 -13.30 0.42 -21.46
C TYR B 645 -12.73 -0.63 -22.41
N LEU B 646 -11.81 -0.25 -23.29
CA LEU B 646 -11.18 -1.24 -24.15
C LEU B 646 -10.35 -2.24 -23.34
N LYS B 647 -9.63 -1.77 -22.34
CA LYS B 647 -8.86 -2.70 -21.50
C LYS B 647 -9.77 -3.69 -20.79
N LEU B 648 -10.95 -3.23 -20.34
CA LEU B 648 -11.91 -4.16 -19.75
C LEU B 648 -12.48 -5.12 -20.79
N LEU B 649 -12.72 -4.64 -22.01
CA LEU B 649 -13.35 -5.46 -23.03
C LEU B 649 -12.47 -6.64 -23.42
N PHE B 650 -11.17 -6.40 -23.60
CA PHE B 650 -10.24 -7.43 -24.04
C PHE B 650 -9.59 -8.17 -22.89
N LEU B 651 -10.24 -8.21 -21.73
CA LEU B 651 -9.70 -8.96 -20.60
C LEU B 651 -9.84 -10.45 -20.83
N LYS B 652 -8.94 -11.22 -20.21
CA LYS B 652 -8.99 -12.68 -20.28
C LYS B 652 -10.13 -13.17 -19.39
N LYS B 653 -11.18 -13.71 -19.99
CA LYS B 653 -12.38 -14.11 -19.27
C LYS B 653 -12.43 -15.61 -18.98
N TYR B 654 -11.27 -16.24 -18.80
CA TYR B 654 -11.24 -17.68 -18.56
C TYR B 654 -10.32 -18.04 -17.40
N VAL C 2 -8.29 -52.96 19.96
CA VAL C 2 -9.21 -51.83 19.91
C VAL C 2 -10.65 -52.32 20.07
N GLN C 3 -10.89 -53.58 19.74
CA GLN C 3 -12.20 -54.19 19.90
C GLN C 3 -12.26 -54.99 21.18
N LEU C 4 -13.48 -55.29 21.62
CA LEU C 4 -13.73 -55.96 22.89
C LEU C 4 -14.59 -57.18 22.58
N GLN C 5 -14.00 -58.37 22.63
CA GLN C 5 -14.73 -59.60 22.33
C GLN C 5 -14.85 -60.44 23.59
N GLU C 6 -15.71 -61.45 23.52
CA GLU C 6 -15.82 -62.43 24.59
C GLU C 6 -16.07 -63.82 24.00
N SER C 7 -15.70 -64.82 24.79
CA SER C 7 -15.77 -66.22 24.37
C SER C 7 -16.43 -67.03 25.47
N GLY C 8 -17.22 -68.02 25.06
CA GLY C 8 -17.90 -68.91 25.98
C GLY C 8 -17.93 -70.34 25.48
N GLY C 9 -19.08 -71.00 25.61
CA GLY C 9 -19.21 -72.36 25.11
C GLY C 9 -20.65 -72.81 25.13
N GLY C 10 -20.86 -74.00 24.57
CA GLY C 10 -22.18 -74.62 24.58
C GLY C 10 -22.25 -75.85 25.45
N LEU C 11 -22.94 -75.74 26.58
CA LEU C 11 -23.02 -76.83 27.53
C LEU C 11 -24.09 -77.83 27.10
N VAL C 12 -23.83 -79.11 27.34
CA VAL C 12 -24.76 -80.17 26.95
C VAL C 12 -25.66 -80.53 28.13
N GLN C 13 -25.05 -80.98 29.22
CA GLN C 13 -25.83 -81.41 30.38
C GLN C 13 -25.80 -80.35 31.48
N PRO C 14 -26.94 -79.94 32.02
CA PRO C 14 -26.93 -78.89 33.04
C PRO C 14 -26.28 -79.36 34.33
N GLY C 15 -25.75 -78.39 35.07
CA GLY C 15 -25.04 -78.66 36.31
C GLY C 15 -23.53 -78.59 36.21
N GLY C 16 -22.98 -78.47 35.01
CA GLY C 16 -21.55 -78.39 34.83
C GLY C 16 -21.01 -77.01 35.13
N SER C 17 -19.69 -76.89 35.03
CA SER C 17 -18.99 -75.64 35.29
C SER C 17 -18.38 -75.12 33.99
N LEU C 18 -18.69 -73.87 33.65
CA LEU C 18 -18.20 -73.26 32.43
C LEU C 18 -17.68 -71.86 32.70
N ARG C 19 -16.59 -71.50 32.02
CA ARG C 19 -15.91 -70.23 32.22
C ARG C 19 -15.94 -69.43 30.94
N LEU C 20 -16.52 -68.23 31.01
CA LEU C 20 -16.53 -67.26 29.93
C LEU C 20 -15.42 -66.25 30.13
N SER C 21 -14.89 -65.73 29.04
CA SER C 21 -13.82 -64.75 29.10
C SER C 21 -14.22 -63.51 28.32
N CYS C 22 -13.90 -62.34 28.88
CA CYS C 22 -14.16 -61.05 28.24
C CYS C 22 -12.81 -60.41 27.93
N ALA C 23 -12.32 -60.63 26.72
CA ALA C 23 -11.00 -60.15 26.34
C ALA C 23 -11.10 -58.83 25.58
N ALA C 24 -10.09 -57.99 25.78
CA ALA C 24 -9.98 -56.73 25.08
C ALA C 24 -8.56 -56.59 24.55
N SER C 25 -8.43 -56.15 23.30
CA SER C 25 -7.15 -55.94 22.66
C SER C 25 -6.98 -54.48 22.30
N GLY C 26 -5.73 -54.03 22.19
CA GLY C 26 -5.46 -52.64 21.89
C GLY C 26 -5.26 -51.80 23.14
N PHE C 27 -6.26 -51.79 24.02
CA PHE C 27 -6.21 -51.03 25.26
C PHE C 27 -6.22 -51.96 26.47
N THR C 28 -5.45 -51.59 27.48
CA THR C 28 -5.38 -52.39 28.70
C THR C 28 -6.62 -52.18 29.56
N LEU C 29 -7.09 -53.27 30.17
CA LEU C 29 -8.29 -53.27 31.00
C LEU C 29 -8.02 -52.87 32.44
N GLY C 30 -6.76 -52.68 32.83
CA GLY C 30 -6.46 -52.35 34.21
C GLY C 30 -6.93 -50.97 34.62
N TYR C 31 -7.21 -50.10 33.67
CA TYR C 31 -7.73 -48.77 33.94
C TYR C 31 -9.24 -48.72 34.03
N TYR C 32 -9.91 -49.84 33.81
CA TYR C 32 -11.36 -49.84 33.65
C TYR C 32 -11.99 -50.78 34.67
N ALA C 33 -13.32 -50.74 34.70
CA ALA C 33 -14.15 -51.57 35.55
C ALA C 33 -15.15 -52.28 34.66
N VAL C 34 -15.16 -53.60 34.71
CA VAL C 34 -15.96 -54.40 33.77
C VAL C 34 -17.26 -54.81 34.44
N GLY C 35 -18.29 -55.04 33.62
CA GLY C 35 -19.59 -55.47 34.11
C GLY C 35 -20.22 -56.50 33.20
N TRP C 36 -20.60 -57.64 33.78
CA TRP C 36 -21.23 -58.73 33.05
C TRP C 36 -22.74 -58.54 33.10
N PHE C 37 -23.35 -58.25 31.96
CA PHE C 37 -24.79 -58.09 31.86
C PHE C 37 -25.40 -59.27 31.11
N ARG C 38 -26.68 -59.52 31.35
CA ARG C 38 -27.34 -60.72 30.84
C ARG C 38 -28.63 -60.33 30.14
N GLN C 39 -28.81 -60.84 28.92
CA GLN C 39 -30.04 -60.65 28.17
C GLN C 39 -30.43 -61.98 27.54
N ALA C 40 -31.74 -62.20 27.40
CA ALA C 40 -32.27 -63.43 26.83
C ALA C 40 -33.31 -63.10 25.77
N PRO C 41 -33.54 -64.00 24.80
CA PRO C 41 -34.55 -63.70 23.76
C PRO C 41 -35.96 -63.87 24.29
N GLY C 42 -36.46 -62.84 24.97
CA GLY C 42 -37.80 -62.86 25.50
C GLY C 42 -37.89 -62.25 26.88
N LYS C 43 -36.74 -61.88 27.44
CA LYS C 43 -36.71 -61.28 28.77
C LYS C 43 -36.14 -59.88 28.70
N GLU C 44 -35.96 -59.24 29.85
CA GLU C 44 -35.43 -57.89 29.94
C GLU C 44 -33.92 -57.93 30.17
N ARG C 45 -33.31 -56.76 30.20
CA ARG C 45 -31.87 -56.62 30.36
C ARG C 45 -31.54 -56.47 31.84
N GLU C 46 -30.76 -57.40 32.38
CA GLU C 46 -30.33 -57.35 33.76
C GLU C 46 -28.85 -57.70 33.86
N GLY C 47 -28.14 -56.99 34.73
CA GLY C 47 -26.74 -57.26 34.96
C GLY C 47 -26.52 -58.39 35.96
N VAL C 48 -25.26 -58.77 36.10
CA VAL C 48 -24.89 -59.82 37.04
C VAL C 48 -24.14 -59.23 38.22
N SER C 49 -22.98 -58.64 37.95
CA SER C 49 -22.14 -58.08 39.01
C SER C 49 -21.12 -57.13 38.36
N CYS C 50 -20.14 -56.70 39.16
CA CYS C 50 -19.20 -55.66 38.75
C CYS C 50 -17.77 -56.12 39.01
N ILE C 51 -16.84 -55.20 38.75
CA ILE C 51 -15.45 -55.34 39.15
C ILE C 51 -14.92 -53.95 39.42
N SER C 52 -14.16 -53.80 40.49
CA SER C 52 -13.55 -52.52 40.84
C SER C 52 -12.09 -52.53 40.45
N SER C 53 -11.61 -51.39 39.96
CA SER C 53 -10.24 -51.25 39.49
C SER C 53 -9.24 -51.11 40.62
N SER C 54 -9.70 -50.80 41.84
CA SER C 54 -8.80 -50.59 42.97
C SER C 54 -8.99 -51.68 44.03
N ASP C 55 -10.20 -51.87 44.53
CA ASP C 55 -10.44 -52.88 45.56
C ASP C 55 -10.83 -54.20 44.91
N GLY C 56 -11.37 -55.13 45.69
CA GLY C 56 -11.73 -56.43 45.16
C GLY C 56 -13.02 -56.40 44.36
N SER C 57 -13.83 -57.43 44.49
CA SER C 57 -15.05 -57.55 43.68
C SER C 57 -16.26 -57.23 44.54
N THR C 58 -17.38 -56.98 43.87
CA THR C 58 -18.65 -56.70 44.51
C THR C 58 -19.75 -57.40 43.75
N TYR C 59 -20.86 -57.68 44.44
CA TYR C 59 -21.94 -58.47 43.88
C TYR C 59 -23.27 -57.81 44.22
N TYR C 60 -24.05 -57.48 43.19
CA TYR C 60 -25.41 -56.97 43.38
C TYR C 60 -26.36 -57.72 42.46
N PRO C 61 -26.51 -59.04 42.66
CA PRO C 61 -27.45 -59.80 41.83
C PRO C 61 -28.83 -59.85 42.44
N ASP C 62 -29.76 -60.54 41.78
CA ASP C 62 -31.12 -60.72 42.29
C ASP C 62 -31.36 -62.11 42.86
N SER C 63 -31.13 -63.16 42.07
CA SER C 63 -31.31 -64.52 42.55
C SER C 63 -30.10 -65.39 42.31
N VAL C 64 -29.10 -64.92 41.58
CA VAL C 64 -27.90 -65.70 41.29
C VAL C 64 -26.84 -65.25 42.29
N LYS C 65 -26.79 -65.95 43.42
CA LYS C 65 -25.85 -65.61 44.47
C LYS C 65 -25.06 -66.81 44.96
N GLY C 66 -24.96 -67.87 44.17
CA GLY C 66 -24.27 -69.06 44.59
C GLY C 66 -22.82 -69.09 44.13
N ARG C 67 -22.50 -69.99 43.20
CA ARG C 67 -21.14 -70.15 42.71
C ARG C 67 -20.97 -69.33 41.43
N PHE C 68 -20.87 -68.02 41.59
CA PHE C 68 -20.36 -67.12 40.57
C PHE C 68 -19.10 -66.46 41.14
N THR C 69 -17.94 -66.85 40.65
CA THR C 69 -16.68 -66.24 41.04
C THR C 69 -16.26 -65.23 39.98
N ILE C 70 -15.35 -64.35 40.37
CA ILE C 70 -14.80 -63.35 39.47
C ILE C 70 -13.29 -63.34 39.54
N SER C 71 -12.66 -63.00 38.43
CA SER C 71 -11.20 -62.94 38.36
C SER C 71 -10.80 -62.04 37.22
N ARG C 72 -9.97 -61.04 37.52
CA ARG C 72 -9.42 -60.14 36.52
C ARG C 72 -7.93 -60.43 36.40
N ASP C 73 -7.49 -60.84 35.21
CA ASP C 73 -6.10 -61.15 34.96
C ASP C 73 -5.55 -60.05 34.05
N ASN C 74 -4.67 -59.23 34.60
CA ASN C 74 -4.06 -58.16 33.83
C ASN C 74 -2.93 -58.65 32.93
N ALA C 75 -2.31 -59.77 33.27
CA ALA C 75 -1.25 -60.32 32.41
C ALA C 75 -1.80 -60.69 31.05
N LYS C 76 -2.96 -61.34 31.01
CA LYS C 76 -3.61 -61.66 29.75
C LYS C 76 -4.61 -60.59 29.32
N ASN C 77 -4.78 -59.54 30.12
CA ASN C 77 -5.68 -58.43 29.80
C ASN C 77 -7.10 -58.92 29.56
N THR C 78 -7.68 -59.55 30.57
CA THR C 78 -9.02 -60.13 30.43
C THR C 78 -9.65 -60.28 31.81
N VAL C 79 -10.95 -60.59 31.79
CA VAL C 79 -11.69 -60.93 33.00
C VAL C 79 -12.45 -62.22 32.73
N TYR C 80 -12.87 -62.91 33.79
CA TYR C 80 -13.49 -64.22 33.65
C TYR C 80 -14.79 -64.28 34.44
N LEU C 81 -15.70 -65.13 33.97
CA LEU C 81 -16.94 -65.43 34.67
C LEU C 81 -17.09 -66.94 34.76
N GLN C 82 -17.13 -67.45 35.99
CA GLN C 82 -17.32 -68.86 36.24
C GLN C 82 -18.80 -69.14 36.46
N MET C 83 -19.23 -70.35 36.13
CA MET C 83 -20.57 -70.78 36.52
C MET C 83 -20.46 -72.25 36.93
N ASN C 84 -20.92 -72.56 38.13
CA ASN C 84 -20.90 -73.92 38.66
C ASN C 84 -22.28 -74.46 38.99
N SER C 85 -23.17 -73.63 39.54
CA SER C 85 -24.48 -74.07 39.99
C SER C 85 -25.36 -74.41 38.79
N LEU C 86 -26.51 -75.04 39.10
CA LEU C 86 -27.47 -75.39 38.07
C LEU C 86 -27.98 -74.15 37.35
N LYS C 87 -28.45 -73.16 38.11
CA LYS C 87 -28.92 -71.88 37.57
C LYS C 87 -29.96 -72.10 36.49
N PRO C 88 -31.20 -72.42 36.85
CA PRO C 88 -32.22 -72.73 35.83
C PRO C 88 -32.37 -71.68 34.73
N GLU C 89 -31.85 -70.47 34.92
CA GLU C 89 -31.83 -69.49 33.84
C GLU C 89 -30.79 -69.95 32.83
N ASP C 90 -31.19 -70.10 31.57
CA ASP C 90 -30.38 -70.77 30.57
C ASP C 90 -30.31 -69.96 29.29
N THR C 91 -29.23 -70.21 28.53
CA THR C 91 -29.08 -69.74 27.16
C THR C 91 -29.27 -68.22 27.06
N ALA C 92 -28.35 -67.51 27.68
CA ALA C 92 -28.34 -66.05 27.68
C ALA C 92 -27.15 -65.54 26.88
N VAL C 93 -27.34 -64.36 26.28
CA VAL C 93 -26.29 -63.75 25.48
C VAL C 93 -25.10 -63.32 26.31
N TYR C 94 -25.33 -62.81 27.52
CA TYR C 94 -24.26 -62.42 28.43
C TYR C 94 -23.35 -61.35 27.84
N TYR C 95 -23.86 -60.15 27.64
CA TYR C 95 -23.05 -59.04 27.17
C TYR C 95 -22.06 -58.61 28.25
N CYS C 96 -20.99 -57.93 27.82
CA CYS C 96 -19.90 -57.52 28.71
C CYS C 96 -19.53 -56.08 28.40
N ALA C 97 -19.72 -55.19 29.37
CA ALA C 97 -19.47 -53.76 29.20
C ALA C 97 -18.37 -53.30 30.15
N THR C 98 -18.04 -52.01 30.06
CA THR C 98 -16.99 -51.45 30.91
C THR C 98 -17.21 -49.96 31.09
N THR C 99 -16.69 -49.43 32.19
CA THR C 99 -16.69 -48.00 32.47
C THR C 99 -15.55 -47.69 33.43
N VAL C 100 -15.08 -46.45 33.38
CA VAL C 100 -13.90 -46.04 34.13
C VAL C 100 -14.29 -45.04 35.22
N ARG C 101 -14.32 -45.49 36.47
CA ARG C 101 -14.54 -44.63 37.62
C ARG C 101 -13.62 -45.11 38.74
N ILE C 102 -13.51 -44.31 39.81
CA ILE C 102 -12.59 -44.60 40.90
C ILE C 102 -13.35 -44.88 42.19
N ASN C 103 -14.50 -44.23 42.37
CA ASN C 103 -15.22 -44.33 43.62
C ASN C 103 -15.80 -45.73 43.80
N ASN C 104 -16.30 -46.00 45.00
CA ASN C 104 -16.88 -47.30 45.32
C ASN C 104 -18.32 -47.34 44.82
N SER C 105 -19.10 -48.34 45.24
CA SER C 105 -20.49 -48.49 44.84
C SER C 105 -20.62 -48.62 43.33
N CYS C 106 -20.15 -49.74 42.77
CA CYS C 106 -20.17 -49.99 41.34
C CYS C 106 -21.55 -49.77 40.71
N LYS C 107 -22.61 -50.19 41.39
CA LYS C 107 -23.96 -50.23 40.82
C LYS C 107 -24.49 -48.87 40.40
N GLU C 108 -23.75 -47.78 40.66
CA GLU C 108 -24.18 -46.44 40.28
C GLU C 108 -23.48 -45.97 39.00
N TYR C 109 -22.80 -46.86 38.29
CA TYR C 109 -22.09 -46.46 37.08
C TYR C 109 -22.98 -46.65 35.85
N GLN C 110 -22.40 -46.52 34.66
CA GLN C 110 -23.18 -46.61 33.43
C GLN C 110 -22.86 -47.84 32.61
N TYR C 111 -21.59 -48.27 32.63
CA TYR C 111 -21.14 -49.47 31.92
C TYR C 111 -21.52 -49.48 30.46
N HIS C 112 -20.94 -48.58 29.66
CA HIS C 112 -21.22 -48.53 28.24
C HIS C 112 -20.70 -49.80 27.56
N GLY C 113 -21.55 -50.45 26.78
CA GLY C 113 -21.21 -51.68 26.12
C GLY C 113 -20.45 -51.46 24.83
N TRP C 114 -19.78 -52.53 24.38
CA TRP C 114 -18.95 -52.43 23.19
C TRP C 114 -19.43 -53.30 22.04
N GLY C 115 -19.56 -54.62 22.28
CA GLY C 115 -19.85 -55.53 21.20
C GLY C 115 -20.90 -56.59 21.49
N GLN C 116 -21.10 -57.50 20.54
CA GLN C 116 -22.07 -58.58 20.69
C GLN C 116 -21.49 -59.66 21.60
N GLY C 117 -22.31 -60.63 22.00
CA GLY C 117 -21.91 -61.60 23.00
C GLY C 117 -21.98 -63.02 22.48
N THR C 118 -21.59 -63.95 23.34
CA THR C 118 -21.62 -65.37 23.01
C THR C 118 -22.99 -65.93 23.37
N GLN C 119 -23.14 -67.25 23.26
CA GLN C 119 -24.39 -67.89 23.61
C GLN C 119 -24.08 -69.27 24.20
N VAL C 120 -24.85 -69.65 25.21
CA VAL C 120 -24.67 -70.92 25.89
C VAL C 120 -25.92 -71.77 25.70
N THR C 121 -25.76 -73.07 25.94
CA THR C 121 -26.85 -74.04 25.82
C THR C 121 -26.97 -74.83 27.11
N VAL C 122 -28.21 -75.14 27.49
CA VAL C 122 -28.50 -75.96 28.65
C VAL C 122 -29.65 -76.87 28.30
N SER C 123 -29.49 -78.17 28.56
CA SER C 123 -30.56 -79.13 28.30
C SER C 123 -31.51 -79.22 29.48
N VAL D 2 28.20 57.11 -21.33
CA VAL D 2 27.70 58.41 -21.78
C VAL D 2 28.11 58.67 -23.22
N GLN D 3 29.38 58.40 -23.54
CA GLN D 3 29.90 58.56 -24.89
C GLN D 3 30.57 57.26 -25.32
N LEU D 4 30.31 56.85 -26.56
CA LEU D 4 30.79 55.59 -27.10
C LEU D 4 31.49 55.83 -28.43
N GLN D 5 32.53 55.04 -28.69
CA GLN D 5 33.30 55.18 -29.93
C GLN D 5 33.56 53.78 -30.49
N GLU D 6 33.48 53.67 -31.81
CA GLU D 6 33.64 52.38 -32.50
C GLU D 6 35.03 52.27 -33.11
N SER D 7 35.55 51.04 -33.18
CA SER D 7 36.84 50.82 -33.83
C SER D 7 36.93 49.38 -34.31
N GLY D 8 37.76 49.18 -35.33
CA GLY D 8 37.96 47.87 -35.91
C GLY D 8 38.23 47.94 -37.41
N PRO D 9 38.34 46.78 -38.05
CA PRO D 9 38.58 46.76 -39.49
C PRO D 9 37.28 46.91 -40.27
N GLY D 10 37.44 46.99 -41.59
CA GLY D 10 36.30 47.14 -42.48
C GLY D 10 36.29 46.19 -43.65
N LEU D 11 37.29 45.31 -43.72
CA LEU D 11 37.43 44.34 -44.81
C LEU D 11 37.93 43.03 -44.20
N VAL D 12 37.02 42.08 -44.00
CA VAL D 12 37.34 40.78 -43.44
C VAL D 12 37.09 39.72 -44.50
N LYS D 13 38.07 38.85 -44.72
CA LYS D 13 37.91 37.78 -45.68
C LYS D 13 36.82 36.80 -45.22
N PRO D 14 36.05 36.25 -46.14
CA PRO D 14 34.99 35.32 -45.77
C PRO D 14 35.54 34.04 -45.13
N SER D 15 34.66 33.38 -44.37
CA SER D 15 35.03 32.19 -43.60
C SER D 15 36.20 32.47 -42.66
N GLN D 16 36.14 33.60 -41.96
CA GLN D 16 37.20 34.00 -41.04
C GLN D 16 36.61 34.58 -39.76
N SER D 17 37.44 35.26 -38.97
CA SER D 17 37.02 35.81 -37.69
C SER D 17 37.03 37.33 -37.76
N LEU D 18 36.00 37.94 -37.17
CA LEU D 18 35.82 39.38 -37.13
C LEU D 18 35.95 39.85 -35.70
N SER D 19 36.67 40.96 -35.49
CA SER D 19 36.87 41.51 -34.15
C SER D 19 36.64 43.00 -34.20
N LEU D 20 35.75 43.49 -33.33
CA LEU D 20 35.42 44.90 -33.23
C LEU D 20 35.57 45.34 -31.78
N THR D 21 35.65 46.66 -31.56
CA THR D 21 35.81 47.17 -30.20
C THR D 21 35.02 48.45 -30.02
N CYS D 22 34.38 48.60 -28.87
CA CYS D 22 33.69 49.82 -28.48
C CYS D 22 34.36 50.37 -27.23
N THR D 23 34.78 51.63 -27.29
CA THR D 23 35.40 52.33 -26.18
C THR D 23 34.39 53.26 -25.53
N VAL D 24 34.33 53.20 -24.20
CA VAL D 24 33.36 53.95 -23.41
C VAL D 24 34.09 55.04 -22.68
N THR D 25 33.59 56.28 -22.79
CA THR D 25 34.12 57.41 -22.04
C THR D 25 32.96 58.18 -21.43
N GLY D 26 33.19 58.73 -20.24
CA GLY D 26 32.18 59.43 -19.49
C GLY D 26 31.41 58.57 -18.50
N PHE D 27 31.64 57.25 -18.49
CA PHE D 27 30.94 56.36 -17.58
C PHE D 27 31.75 55.09 -17.42
N SER D 28 31.46 54.34 -16.36
CA SER D 28 32.16 53.11 -16.08
C SER D 28 31.39 51.91 -16.61
N ILE D 29 32.11 51.00 -17.27
CA ILE D 29 31.49 49.82 -17.86
C ILE D 29 31.08 48.79 -16.82
N THR D 30 31.53 48.93 -15.57
CA THR D 30 31.21 47.98 -14.51
C THR D 30 30.31 48.61 -13.46
N SER D 31 29.82 49.82 -13.71
CA SER D 31 29.06 50.52 -12.68
C SER D 31 27.59 50.11 -12.67
N ASP D 32 26.85 50.44 -13.73
CA ASP D 32 25.40 50.22 -13.67
C ASP D 32 24.77 49.57 -14.88
N TYR D 33 25.19 49.94 -16.09
CA TYR D 33 24.39 49.64 -17.26
C TYR D 33 24.82 48.35 -17.95
N ALA D 34 24.03 47.95 -18.94
CA ALA D 34 24.37 46.86 -19.84
C ALA D 34 24.77 47.44 -21.20
N TRP D 35 25.69 46.76 -21.89
CA TRP D 35 26.27 47.26 -23.12
C TRP D 35 26.00 46.29 -24.26
N ASN D 36 25.39 46.79 -25.33
CA ASN D 36 24.81 45.97 -26.38
C ASN D 36 25.59 46.09 -27.69
N TRP D 37 25.22 45.26 -28.66
CA TRP D 37 25.73 45.37 -30.02
C TRP D 37 24.55 45.24 -30.98
N ILE D 38 24.37 46.23 -31.86
CA ILE D 38 23.28 46.24 -32.82
C ILE D 38 23.87 46.39 -34.22
N ARG D 39 23.51 45.47 -35.11
CA ARG D 39 23.99 45.55 -36.49
C ARG D 39 22.84 45.89 -37.42
N GLN D 40 23.07 46.86 -38.31
CA GLN D 40 22.10 47.27 -39.30
C GLN D 40 22.53 46.74 -40.66
N PHE D 41 21.70 45.88 -41.24
CA PHE D 41 22.06 45.18 -42.46
C PHE D 41 22.13 46.15 -43.63
N PRO D 42 22.74 45.75 -44.76
CA PRO D 42 22.75 46.64 -45.94
C PRO D 42 21.35 46.84 -46.48
N GLY D 43 20.58 47.67 -45.76
CA GLY D 43 19.18 47.89 -46.04
C GLY D 43 18.60 48.73 -44.93
N LYS D 44 17.41 48.37 -44.44
CA LYS D 44 16.76 49.12 -43.38
C LYS D 44 16.19 48.17 -42.33
N LYS D 45 17.00 47.19 -41.93
CA LYS D 45 16.64 46.25 -40.88
C LYS D 45 17.61 46.42 -39.72
N LEU D 46 17.14 46.06 -38.52
CA LEU D 46 17.96 46.11 -37.33
C LEU D 46 17.90 44.78 -36.62
N GLU D 47 19.00 44.42 -35.97
CA GLU D 47 19.09 43.16 -35.24
C GLU D 47 19.93 43.37 -33.99
N TRP D 48 19.42 42.91 -32.86
CA TRP D 48 20.15 42.95 -31.60
C TRP D 48 20.94 41.64 -31.46
N MET D 49 22.26 41.76 -31.36
CA MET D 49 23.13 40.58 -31.36
C MET D 49 23.33 40.04 -29.94
N GLY D 50 23.74 40.91 -29.03
CA GLY D 50 23.93 40.48 -27.65
C GLY D 50 24.45 41.63 -26.81
N TYR D 51 24.41 41.41 -25.50
CA TYR D 51 24.84 42.42 -24.54
C TYR D 51 25.66 41.77 -23.43
N ILE D 52 26.37 42.62 -22.70
CA ILE D 52 27.15 42.22 -21.53
C ILE D 52 26.71 43.10 -20.36
N ASN D 53 26.51 42.47 -19.20
CA ASN D 53 26.08 43.19 -18.02
C ASN D 53 27.25 43.96 -17.42
N PHE D 54 26.99 44.59 -16.27
CA PHE D 54 28.06 45.34 -15.60
C PHE D 54 28.96 44.44 -14.76
N ASP D 55 28.51 43.22 -14.47
CA ASP D 55 29.31 42.30 -13.69
C ASP D 55 30.08 41.31 -14.57
N GLY D 56 29.54 40.99 -15.74
CA GLY D 56 30.20 40.07 -16.65
C GLY D 56 29.23 39.13 -17.31
N GLY D 57 27.98 39.15 -16.88
CA GLY D 57 26.97 38.30 -17.49
C GLY D 57 26.71 38.73 -18.92
N THR D 58 26.79 37.78 -19.85
CA THR D 58 26.62 38.06 -21.27
C THR D 58 25.41 37.27 -21.77
N THR D 59 24.56 37.92 -22.55
CA THR D 59 23.39 37.28 -23.15
C THR D 59 23.41 37.53 -24.65
N TYR D 60 23.27 36.45 -25.42
CA TYR D 60 23.34 36.50 -26.87
C TYR D 60 22.00 36.12 -27.50
N ASN D 61 21.83 36.53 -28.75
CA ASN D 61 20.68 36.23 -29.59
C ASN D 61 20.71 34.77 -30.04
N PRO D 62 19.57 34.08 -30.03
CA PRO D 62 19.54 32.69 -30.51
C PRO D 62 19.90 32.56 -31.99
N SER D 63 19.76 33.61 -32.78
CA SER D 63 20.08 33.52 -34.20
C SER D 63 21.55 33.19 -34.42
N LEU D 64 22.44 33.82 -33.66
CA LEU D 64 23.87 33.56 -33.77
C LEU D 64 24.21 32.37 -32.89
N ARG D 65 24.09 31.17 -33.45
CA ARG D 65 24.30 29.93 -32.70
C ARG D 65 25.80 29.72 -32.54
N GLY D 66 26.32 30.11 -31.39
CA GLY D 66 27.74 29.93 -31.10
C GLY D 66 28.68 30.65 -32.03
N ARG D 67 28.27 31.82 -32.53
CA ARG D 67 29.12 32.63 -33.39
C ARG D 67 29.57 33.94 -32.76
N ILE D 68 29.05 34.32 -31.60
CA ILE D 68 29.28 35.63 -31.01
C ILE D 68 29.87 35.46 -29.63
N SER D 69 30.93 36.22 -29.34
CA SER D 69 31.53 36.22 -28.00
C SER D 69 31.95 37.64 -27.68
N ILE D 70 31.43 38.20 -26.59
CA ILE D 70 31.75 39.56 -26.20
C ILE D 70 32.60 39.53 -24.93
N THR D 71 33.69 40.27 -24.94
CA THR D 71 34.64 40.28 -23.83
C THR D 71 34.99 41.71 -23.47
N ARG D 72 35.00 42.02 -22.18
CA ARG D 72 35.22 43.39 -21.72
C ARG D 72 36.59 43.53 -21.08
N ASP D 73 37.16 44.73 -21.21
CA ASP D 73 38.38 45.09 -20.52
C ASP D 73 38.13 46.35 -19.72
N THR D 74 38.34 46.25 -18.41
CA THR D 74 38.07 47.35 -17.49
C THR D 74 39.13 48.44 -17.55
N SER D 75 40.40 48.06 -17.73
CA SER D 75 41.51 49.02 -17.72
C SER D 75 41.32 50.09 -18.79
N LYS D 76 41.08 49.68 -20.03
CA LYS D 76 40.81 50.62 -21.10
C LYS D 76 39.34 50.95 -21.24
N ASN D 77 38.47 50.39 -20.39
CA ASN D 77 37.06 50.74 -20.35
C ASN D 77 36.37 50.46 -21.69
N GLN D 78 36.63 49.29 -22.25
CA GLN D 78 36.09 48.91 -23.56
C GLN D 78 35.41 47.55 -23.49
N PHE D 79 34.60 47.27 -24.51
CA PHE D 79 34.11 45.91 -24.72
C PHE D 79 34.26 45.55 -26.19
N PHE D 80 34.76 44.35 -26.44
CA PHE D 80 35.11 43.85 -27.76
C PHE D 80 34.15 42.74 -28.17
N LEU D 81 33.99 42.60 -29.48
CA LEU D 81 33.07 41.64 -30.09
C LEU D 81 33.86 40.73 -31.00
N GLN D 82 33.68 39.42 -30.85
CA GLN D 82 34.26 38.44 -31.75
C GLN D 82 33.15 37.66 -32.45
N LEU D 83 33.20 37.64 -33.77
CA LEU D 83 32.23 36.91 -34.60
C LEU D 83 33.00 35.96 -35.51
N ARG D 84 32.89 34.67 -35.26
CA ARG D 84 33.64 33.69 -36.02
C ARG D 84 32.82 33.18 -37.21
N SER D 85 33.54 32.69 -38.22
CA SER D 85 32.94 32.13 -39.43
C SER D 85 32.04 33.15 -40.13
N VAL D 86 32.63 34.30 -40.46
CA VAL D 86 31.90 35.36 -41.13
C VAL D 86 31.55 34.92 -42.54
N THR D 87 30.43 35.44 -43.05
CA THR D 87 29.95 35.07 -44.37
C THR D 87 29.73 36.30 -45.23
N PRO D 88 29.77 36.15 -46.56
CA PRO D 88 29.51 37.29 -47.44
C PRO D 88 28.28 38.10 -47.10
N GLU D 89 27.19 37.46 -46.67
CA GLU D 89 25.94 38.16 -46.43
C GLU D 89 25.90 38.87 -45.08
N ASP D 90 26.95 38.79 -44.28
CA ASP D 90 27.06 39.55 -43.03
C ASP D 90 27.83 40.84 -43.31
N THR D 91 27.15 41.81 -43.92
CA THR D 91 27.77 43.06 -44.31
C THR D 91 27.11 44.26 -43.62
N ALA D 92 26.86 44.16 -42.32
CA ALA D 92 26.11 45.18 -41.60
C ALA D 92 27.03 46.21 -40.97
N THR D 93 26.45 47.36 -40.60
CA THR D 93 27.15 48.40 -39.86
C THR D 93 26.84 48.24 -38.38
N TYR D 94 27.88 48.26 -37.55
CA TYR D 94 27.75 47.83 -36.16
C TYR D 94 27.82 49.01 -35.21
N TYR D 95 26.76 49.20 -34.43
CA TYR D 95 26.67 50.18 -33.37
C TYR D 95 26.81 49.49 -32.03
N CYS D 96 27.36 50.22 -31.06
CA CYS D 96 27.43 49.75 -29.66
C CYS D 96 26.59 50.73 -28.83
N ALA D 97 25.47 50.23 -28.33
CA ALA D 97 24.55 51.04 -27.53
C ALA D 97 24.64 50.65 -26.06
N THR D 98 23.96 51.43 -25.23
CA THR D 98 23.88 51.18 -23.80
C THR D 98 22.44 50.88 -23.39
N PHE D 99 22.31 50.12 -22.31
CA PHE D 99 21.01 49.65 -21.81
C PHE D 99 20.87 50.08 -20.36
N TYR D 100 19.86 50.90 -20.09
CA TYR D 100 19.68 51.42 -18.73
C TYR D 100 19.20 50.32 -17.79
N GLY D 101 18.20 49.54 -18.20
CA GLY D 101 17.69 48.49 -17.34
C GLY D 101 16.47 48.91 -16.57
N ALA D 102 16.61 49.90 -15.70
CA ALA D 102 15.46 50.42 -14.97
C ALA D 102 14.42 51.06 -15.89
N LYS D 103 14.82 51.48 -17.09
CA LYS D 103 13.90 52.01 -18.08
C LYS D 103 13.61 51.02 -19.19
N GLY D 104 14.60 50.20 -19.57
CA GLY D 104 14.39 49.16 -20.55
C GLY D 104 14.67 49.54 -21.98
N THR D 105 15.20 50.74 -22.23
CA THR D 105 15.42 51.21 -23.58
C THR D 105 16.89 51.59 -23.80
N LEU D 106 17.29 51.64 -25.06
CA LEU D 106 18.66 51.95 -25.45
C LEU D 106 18.81 53.46 -25.61
N ASP D 107 19.49 54.09 -24.65
CA ASP D 107 19.60 55.54 -24.62
C ASP D 107 20.70 56.07 -25.53
N TYR D 108 21.95 55.70 -25.25
CA TYR D 108 23.07 56.26 -26.00
C TYR D 108 23.65 55.23 -26.96
N TRP D 109 24.09 55.73 -28.12
CA TRP D 109 24.61 54.87 -29.17
C TRP D 109 26.01 55.28 -29.58
N GLY D 110 26.54 54.65 -30.64
CA GLY D 110 27.84 54.99 -31.19
C GLY D 110 27.73 55.36 -32.66
N GLN D 111 28.87 55.76 -33.22
CA GLN D 111 28.88 56.17 -34.63
C GLN D 111 28.63 55.00 -35.55
N GLY D 112 29.26 53.86 -35.30
CA GLY D 112 29.09 52.69 -36.15
C GLY D 112 30.18 52.58 -37.20
N THR D 113 30.46 51.34 -37.62
CA THR D 113 31.47 51.07 -38.64
C THR D 113 30.88 50.13 -39.67
N SER D 114 31.06 50.46 -40.95
CA SER D 114 30.61 49.58 -42.02
C SER D 114 31.63 48.48 -42.26
N VAL D 115 31.22 47.23 -42.08
CA VAL D 115 32.08 46.08 -42.24
C VAL D 115 31.73 45.40 -43.56
N THR D 116 32.73 45.20 -44.41
CA THR D 116 32.56 44.55 -45.70
C THR D 116 33.26 43.20 -45.67
N VAL D 117 32.56 42.17 -46.14
CA VAL D 117 33.13 40.83 -46.29
C VAL D 117 33.28 40.59 -47.78
N SER D 118 34.53 40.50 -48.24
CA SER D 118 34.82 40.34 -49.66
C SER D 118 36.10 39.55 -49.81
N SER D 119 36.31 39.03 -51.01
CA SER D 119 37.50 38.26 -51.33
C SER D 119 38.55 39.15 -51.99
N ASP E 1 7.25 43.54 14.35
CA ASP E 1 7.57 44.52 13.31
C ASP E 1 9.01 44.98 13.44
N ILE E 2 9.35 46.04 12.71
CA ILE E 2 10.70 46.61 12.74
C ILE E 2 10.61 47.93 13.50
N VAL E 3 11.21 47.97 14.67
CA VAL E 3 11.28 49.20 15.45
C VAL E 3 12.58 49.92 15.15
N LEU E 4 12.49 51.23 14.92
CA LEU E 4 13.62 52.05 14.54
C LEU E 4 14.00 52.95 15.70
N THR E 5 15.25 52.88 16.12
CA THR E 5 15.75 53.67 17.25
C THR E 5 16.96 54.49 16.82
N GLN E 6 17.08 55.66 17.44
CA GLN E 6 18.25 56.51 17.24
C GLN E 6 18.95 56.67 18.58
N SER E 7 20.19 56.18 18.67
CA SER E 7 20.94 56.26 19.92
C SER E 7 21.17 57.69 20.38
N PRO E 8 21.61 58.64 19.52
CA PRO E 8 21.75 60.02 20.00
C PRO E 8 20.43 60.77 19.94
N SER E 9 19.85 61.07 21.12
CA SER E 9 18.59 61.80 21.15
C SER E 9 18.77 63.31 21.21
N SER E 10 20.01 63.78 21.44
CA SER E 10 20.27 65.21 21.51
C SER E 10 21.75 65.45 21.27
N PHE E 11 22.06 66.41 20.40
CA PHE E 11 23.43 66.77 20.08
C PHE E 11 23.73 68.18 20.55
N SER E 12 25.02 68.41 20.87
CA SER E 12 25.53 69.73 21.26
C SER E 12 26.73 70.03 20.36
N VAL E 13 26.46 70.70 19.25
CA VAL E 13 27.47 70.93 18.22
C VAL E 13 27.57 72.43 17.95
N SER E 14 28.47 72.82 17.05
CA SER E 14 28.65 74.22 16.69
C SER E 14 28.49 74.39 15.18
N LEU E 15 28.81 75.57 14.66
CA LEU E 15 28.72 75.86 13.24
C LEU E 15 30.00 75.39 12.56
N GLY E 16 29.84 74.64 11.47
CA GLY E 16 30.98 74.19 10.68
C GLY E 16 31.62 72.92 11.19
N ASP E 17 30.81 71.91 11.49
CA ASP E 17 31.31 70.62 11.96
C ASP E 17 30.62 69.50 11.20
N ARG E 18 31.27 68.33 11.20
CA ARG E 18 30.74 67.13 10.57
C ARG E 18 29.83 66.44 11.58
N VAL E 19 28.53 66.69 11.47
CA VAL E 19 27.55 66.10 12.39
C VAL E 19 27.20 64.71 11.90
N THR E 20 27.26 63.73 12.79
CA THR E 20 26.96 62.33 12.48
C THR E 20 25.78 61.90 13.35
N ILE E 21 24.73 61.39 12.69
CA ILE E 21 23.55 60.89 13.37
C ILE E 21 23.38 59.42 12.98
N SER E 22 23.28 58.54 13.97
CA SER E 22 23.17 57.12 13.73
C SER E 22 21.75 56.63 14.02
N CYS E 23 21.27 55.70 13.21
CA CYS E 23 19.94 55.14 13.40
C CYS E 23 19.99 53.67 13.03
N LYS E 24 19.72 52.79 13.99
CA LYS E 24 19.75 51.35 13.75
C LYS E 24 18.33 50.79 13.80
N ALA E 25 18.15 49.61 13.22
CA ALA E 25 16.83 49.01 13.10
C ALA E 25 16.85 47.62 13.73
N SER E 26 15.68 46.99 13.80
CA SER E 26 15.53 45.65 14.34
C SER E 26 15.70 44.57 13.28
N GLY E 27 14.92 44.62 12.21
CA GLY E 27 15.05 43.71 11.10
C GLY E 27 15.85 44.34 9.96
N TYR E 28 16.13 43.50 8.96
CA TYR E 28 16.90 43.93 7.81
C TYR E 28 16.03 44.82 6.93
N ILE E 29 16.59 45.96 6.52
CA ILE E 29 15.84 46.98 5.81
C ILE E 29 16.22 47.05 4.34
N LEU E 30 17.49 46.81 4.03
CA LEU E 30 18.01 46.80 2.66
C LEU E 30 17.83 48.16 1.98
N ASN E 31 18.49 49.16 2.55
CA ASN E 31 18.59 50.50 1.96
C ASN E 31 17.20 51.06 1.64
N ARG E 32 16.25 50.77 2.52
CA ARG E 32 14.87 51.18 2.34
C ARG E 32 14.45 52.14 3.45
N LEU E 33 15.33 53.09 3.75
CA LEU E 33 15.14 54.03 4.85
C LEU E 33 15.12 55.45 4.33
N ALA E 34 14.36 56.31 5.00
CA ALA E 34 14.23 57.71 4.64
C ALA E 34 14.51 58.59 5.85
N TRP E 35 15.02 59.79 5.59
CA TRP E 35 15.29 60.77 6.64
C TRP E 35 14.38 61.98 6.47
N TYR E 36 13.83 62.43 7.60
CA TYR E 36 12.90 63.55 7.62
C TYR E 36 13.44 64.63 8.55
N GLN E 37 13.36 65.88 8.10
CA GLN E 37 13.84 67.01 8.88
C GLN E 37 12.65 67.91 9.17
N GLN E 38 12.30 68.03 10.46
CA GLN E 38 11.16 68.83 10.89
C GLN E 38 11.68 70.07 11.59
N LYS E 39 11.29 71.24 11.06
CA LYS E 39 11.58 72.51 11.71
C LYS E 39 10.58 72.76 12.84
N PRO E 40 10.95 73.58 13.82
CA PRO E 40 10.08 73.78 14.98
C PRO E 40 8.81 74.56 14.66
N GLY E 41 7.81 73.87 14.11
CA GLY E 41 6.52 74.50 13.85
C GLY E 41 5.97 74.25 12.47
N ASN E 42 6.64 73.41 11.68
CA ASN E 42 6.17 73.06 10.35
C ASN E 42 6.00 71.54 10.30
N ALA E 43 5.60 71.04 9.15
CA ALA E 43 5.52 69.61 8.90
C ALA E 43 6.91 69.05 8.58
N PRO E 44 7.15 67.76 8.81
CA PRO E 44 8.45 67.18 8.47
C PRO E 44 8.73 67.20 6.98
N ARG E 45 9.86 67.76 6.58
CA ARG E 45 10.25 67.77 5.18
C ARG E 45 11.14 66.57 4.86
N LEU E 46 10.96 65.99 3.68
CA LEU E 46 11.74 64.84 3.27
C LEU E 46 13.16 65.25 2.93
N LEU E 47 14.13 64.52 3.48
CA LEU E 47 15.54 64.79 3.20
C LEU E 47 16.11 63.80 2.20
N ILE E 48 16.03 62.50 2.52
CA ILE E 48 16.67 61.45 1.74
C ILE E 48 15.67 60.31 1.52
N SER E 49 15.66 59.78 0.29
CA SER E 49 14.93 58.57 -0.03
C SER E 49 15.92 57.50 -0.47
N GLY E 50 15.86 56.33 0.17
CA GLY E 50 16.80 55.26 -0.11
C GLY E 50 18.08 55.30 0.69
N ALA E 51 18.24 56.28 1.57
CA ALA E 51 19.37 56.35 2.52
C ALA E 51 20.70 56.57 1.81
N THR E 52 20.66 56.72 0.49
CA THR E 52 21.87 56.98 -0.28
C THR E 52 21.69 58.22 -1.15
N SER E 53 20.48 58.39 -1.68
CA SER E 53 20.18 59.46 -2.63
C SER E 53 20.02 60.77 -1.87
N LEU E 54 19.50 61.80 -2.53
CA LEU E 54 19.27 63.08 -1.90
C LEU E 54 18.22 63.85 -2.70
N GLU E 55 17.30 64.50 -1.99
CA GLU E 55 16.22 65.22 -2.63
C GLU E 55 16.70 66.58 -3.13
N THR E 56 16.00 67.10 -4.13
CA THR E 56 16.29 68.42 -4.65
C THR E 56 15.89 69.49 -3.65
N GLY E 57 16.44 70.69 -3.85
CA GLY E 57 16.19 71.78 -2.93
C GLY E 57 17.03 71.77 -1.68
N PHE E 58 18.02 70.88 -1.60
CA PHE E 58 18.92 70.83 -0.46
C PHE E 58 20.37 70.85 -0.93
N PRO E 59 21.28 71.41 -0.14
CA PRO E 59 22.69 71.44 -0.52
C PRO E 59 23.32 70.05 -0.41
N SER E 60 24.47 69.91 -1.06
CA SER E 60 25.20 68.65 -1.07
C SER E 60 25.88 68.34 0.26
N ARG E 61 25.64 69.14 1.30
CA ARG E 61 26.22 68.89 2.61
C ARG E 61 25.61 67.68 3.31
N PHE E 62 24.39 67.29 2.94
CA PHE E 62 23.73 66.15 3.54
C PHE E 62 24.10 64.89 2.78
N SER E 63 24.61 63.89 3.49
CA SER E 63 24.95 62.61 2.88
C SER E 63 24.39 61.48 3.72
N GLY E 64 23.89 60.44 3.06
CA GLY E 64 23.38 59.27 3.76
C GLY E 64 24.20 58.03 3.45
N THR E 65 24.66 57.35 4.50
CA THR E 65 25.44 56.13 4.30
C THR E 65 24.94 55.00 5.18
N GLY E 66 25.56 53.83 5.07
CA GLY E 66 25.18 52.70 5.90
C GLY E 66 24.41 51.63 5.15
N SER E 67 24.73 50.37 5.41
CA SER E 67 24.07 49.26 4.74
C SER E 67 23.77 48.18 5.77
N GLY E 68 22.72 47.41 5.51
CA GLY E 68 22.38 46.31 6.39
C GLY E 68 21.35 46.67 7.44
N LYS E 69 21.82 46.97 8.65
CA LYS E 69 20.94 47.21 9.79
C LYS E 69 21.02 48.62 10.35
N ASP E 70 22.13 49.33 10.14
CA ASP E 70 22.32 50.66 10.70
C ASP E 70 22.68 51.65 9.61
N TYR E 71 22.19 52.87 9.74
CA TYR E 71 22.38 53.92 8.74
C TYR E 71 22.81 55.21 9.42
N THR E 72 23.41 56.10 8.65
CA THR E 72 24.07 57.28 9.17
C THR E 72 23.77 58.50 8.31
N LEU E 73 23.45 59.60 8.96
CA LEU E 73 23.32 60.91 8.34
C LEU E 73 24.54 61.76 8.67
N SER E 74 25.18 62.30 7.64
CA SER E 74 26.39 63.10 7.80
C SER E 74 26.17 64.49 7.23
N ILE E 75 26.56 65.51 8.00
CA ILE E 75 26.50 66.90 7.59
C ILE E 75 27.91 67.46 7.62
N SER E 76 28.34 68.04 6.51
CA SER E 76 29.67 68.63 6.38
C SER E 76 29.57 70.15 6.42
N SER E 77 30.39 70.79 7.25
CA SER E 77 30.39 72.24 7.40
C SER E 77 29.00 72.74 7.76
N LEU E 78 28.50 72.34 8.93
CA LEU E 78 27.15 72.70 9.35
C LEU E 78 27.02 74.21 9.51
N GLN E 79 25.95 74.78 8.96
CA GLN E 79 25.61 76.17 9.21
C GLN E 79 24.38 76.27 10.10
N THR E 80 23.93 77.49 10.39
CA THR E 80 22.88 77.74 11.37
C THR E 80 21.48 77.60 10.77
N GLU E 81 21.37 77.16 9.53
CA GLU E 81 20.09 77.02 8.85
C GLU E 81 19.65 75.56 8.80
N ASP E 82 20.08 74.77 9.78
CA ASP E 82 19.79 73.34 9.77
C ASP E 82 19.33 72.84 11.13
N VAL E 83 18.90 73.71 12.02
CA VAL E 83 18.42 73.30 13.33
C VAL E 83 17.00 72.74 13.20
N GLY E 84 16.71 71.71 14.01
CA GLY E 84 15.43 71.04 13.98
C GLY E 84 15.58 69.62 14.47
N THR E 85 14.60 68.79 14.10
CA THR E 85 14.54 67.40 14.55
C THR E 85 14.68 66.49 13.35
N TYR E 86 15.38 65.37 13.52
CA TYR E 86 15.61 64.44 12.43
C TYR E 86 15.09 63.05 12.78
N TYR E 87 14.33 62.48 11.85
CA TYR E 87 13.71 61.17 12.02
C TYR E 87 14.17 60.22 10.93
N CYS E 88 14.28 58.95 11.29
CA CYS E 88 14.57 57.89 10.32
C CYS E 88 13.35 56.98 10.24
N GLN E 89 12.72 56.92 9.07
CA GLN E 89 11.57 56.07 8.83
C GLN E 89 11.97 54.89 7.96
N GLN E 90 11.30 53.76 8.17
CA GLN E 90 11.47 52.59 7.32
C GLN E 90 10.19 52.33 6.54
N TYR E 91 10.36 52.04 5.25
CA TYR E 91 9.21 51.69 4.42
C TYR E 91 9.38 50.33 3.77
N TRP E 92 9.90 49.36 4.52
CA TRP E 92 10.09 48.02 4.00
C TRP E 92 8.79 47.21 4.07
N SER E 93 8.24 47.06 5.27
CA SER E 93 7.01 46.31 5.48
C SER E 93 5.82 47.26 5.36
N THR E 94 4.62 46.78 5.71
CA THR E 94 3.43 47.62 5.68
C THR E 94 3.29 48.49 6.92
N PRO E 95 3.56 47.99 8.16
CA PRO E 95 3.43 48.92 9.30
C PRO E 95 4.66 49.79 9.51
N TRP E 96 4.72 50.90 8.78
CA TRP E 96 5.88 51.78 8.82
C TRP E 96 6.02 52.41 10.19
N THR E 97 7.23 52.33 10.75
CA THR E 97 7.53 52.86 12.07
C THR E 97 8.59 53.94 11.97
N PHE E 98 8.31 55.08 12.59
CA PHE E 98 9.25 56.18 12.64
C PHE E 98 10.24 55.95 13.78
N GLY E 99 11.31 56.75 13.79
CA GLY E 99 12.33 56.66 14.81
C GLY E 99 12.00 57.50 16.03
N GLY E 100 13.05 57.96 16.70
CA GLY E 100 12.88 58.79 17.87
C GLY E 100 13.01 60.26 17.54
N GLY E 101 14.16 60.84 17.82
CA GLY E 101 14.42 62.21 17.44
C GLY E 101 15.78 62.71 17.87
N THR E 102 16.49 63.37 16.95
CA THR E 102 17.78 63.98 17.23
C THR E 102 17.63 65.48 17.00
N LYS E 103 17.34 66.20 18.09
CA LYS E 103 17.12 67.64 18.01
C LYS E 103 18.46 68.35 18.07
N LEU E 104 18.89 68.89 16.93
CA LEU E 104 20.16 69.62 16.86
C LEU E 104 20.06 70.90 17.68
N GLU E 105 21.18 71.28 18.30
CA GLU E 105 21.25 72.50 19.10
C GLU E 105 22.67 73.04 19.05
N ILE E 106 22.80 74.29 18.62
CA ILE E 106 24.11 74.94 18.55
C ILE E 106 24.44 75.54 19.91
N ARG E 107 25.71 75.88 20.09
CA ARG E 107 26.17 76.47 21.34
C ARG E 107 26.73 77.87 21.12
N VAL F 2 -0.86 67.38 -5.55
CA VAL F 2 0.46 67.95 -5.33
C VAL F 2 0.42 68.85 -4.10
N GLN F 3 -0.78 69.32 -3.75
CA GLN F 3 -0.98 70.17 -2.59
C GLN F 3 -2.10 69.60 -1.74
N LEU F 4 -1.91 69.60 -0.42
CA LEU F 4 -2.84 68.99 0.51
C LEU F 4 -3.32 70.02 1.52
N GLN F 5 -4.57 69.87 1.96
CA GLN F 5 -5.16 70.78 2.94
C GLN F 5 -5.88 69.95 3.99
N GLU F 6 -5.65 70.28 5.26
CA GLU F 6 -6.18 69.52 6.39
C GLU F 6 -7.31 70.30 7.06
N SER F 7 -8.36 69.59 7.49
CA SER F 7 -9.49 70.27 8.11
C SER F 7 -10.26 69.29 8.99
N GLY F 8 -11.09 69.87 9.87
CA GLY F 8 -11.92 69.10 10.76
C GLY F 8 -12.06 69.75 12.13
N PRO F 9 -12.83 69.12 13.02
CA PRO F 9 -12.96 69.64 14.38
C PRO F 9 -11.66 69.49 15.17
N GLY F 10 -11.58 70.25 16.26
CA GLY F 10 -10.36 70.28 17.03
C GLY F 10 -10.52 69.89 18.48
N LEU F 11 -11.76 69.57 18.90
CA LEU F 11 -12.06 69.17 20.27
C LEU F 11 -13.14 68.10 20.22
N VAL F 12 -12.82 66.91 20.71
CA VAL F 12 -13.73 65.78 20.72
C VAL F 12 -13.85 65.26 22.15
N LYS F 13 -15.09 64.97 22.56
CA LYS F 13 -15.30 64.42 23.88
C LYS F 13 -14.88 62.95 23.93
N PRO F 14 -14.37 62.49 25.07
CA PRO F 14 -13.83 61.13 25.14
C PRO F 14 -14.89 60.06 24.91
N SER F 15 -14.39 58.86 24.59
CA SER F 15 -15.24 57.69 24.30
C SER F 15 -16.23 57.98 23.18
N GLN F 16 -15.75 58.62 22.11
CA GLN F 16 -16.58 59.01 20.98
C GLN F 16 -15.86 58.81 19.66
N SER F 17 -16.40 59.40 18.59
CA SER F 17 -15.84 59.27 17.26
C SER F 17 -15.21 60.59 16.84
N LEU F 18 -14.06 60.49 16.20
CA LEU F 18 -13.29 61.65 15.75
C LEU F 18 -13.15 61.58 14.24
N SER F 19 -13.42 62.70 13.56
CA SER F 19 -13.46 62.71 12.11
C SER F 19 -12.61 63.84 11.56
N LEU F 20 -11.71 63.51 10.63
CA LEU F 20 -10.86 64.48 9.95
C LEU F 20 -11.06 64.38 8.44
N THR F 21 -10.78 65.47 7.73
CA THR F 21 -10.95 65.50 6.29
C THR F 21 -9.74 66.18 5.65
N CYS F 22 -9.11 65.52 4.68
CA CYS F 22 -8.02 66.09 3.91
C CYS F 22 -8.46 66.23 2.46
N THR F 23 -8.33 67.44 1.93
CA THR F 23 -8.62 67.70 0.53
C THR F 23 -7.34 67.86 -0.26
N VAL F 24 -7.40 67.50 -1.54
CA VAL F 24 -6.23 67.47 -2.41
C VAL F 24 -6.49 68.41 -3.58
N THR F 25 -5.52 69.26 -3.88
CA THR F 25 -5.56 70.13 -5.05
C THR F 25 -4.30 69.92 -5.88
N GLY F 26 -4.46 69.93 -7.20
CA GLY F 26 -3.37 69.72 -8.11
C GLY F 26 -3.13 68.28 -8.52
N PHE F 27 -3.82 67.32 -7.91
CA PHE F 27 -3.68 65.93 -8.27
C PHE F 27 -4.94 65.18 -7.88
N SER F 28 -5.28 64.17 -8.68
CA SER F 28 -6.48 63.40 -8.42
C SER F 28 -6.19 62.25 -7.45
N ILE F 29 -7.23 61.89 -6.69
CA ILE F 29 -7.13 60.80 -5.72
C ILE F 29 -6.92 59.45 -6.38
N THR F 30 -7.64 59.16 -7.46
CA THR F 30 -7.67 57.84 -8.07
C THR F 30 -6.68 57.73 -9.22
N SER F 31 -5.72 58.65 -9.30
CA SER F 31 -4.77 58.58 -10.41
C SER F 31 -3.61 57.64 -10.11
N ASP F 32 -2.74 58.01 -9.17
CA ASP F 32 -1.54 57.20 -8.96
C ASP F 32 -1.20 56.90 -7.51
N TYR F 33 -1.41 57.85 -6.60
CA TYR F 33 -0.75 57.77 -5.30
C TYR F 33 -1.65 57.17 -4.24
N ALA F 34 -1.05 56.87 -3.09
CA ALA F 34 -1.75 56.41 -1.90
C ALA F 34 -1.71 57.50 -0.83
N TRP F 35 -2.84 57.67 -0.13
CA TRP F 35 -3.02 58.80 0.78
C TRP F 35 -3.07 58.30 2.21
N ASN F 36 -2.20 58.85 3.06
CA ASN F 36 -1.93 58.30 4.39
C ASN F 36 -2.45 59.24 5.47
N TRP F 37 -2.34 58.78 6.73
CA TRP F 37 -2.64 59.60 7.90
C TRP F 37 -1.55 59.38 8.94
N ILE F 38 -0.92 60.46 9.38
CA ILE F 38 0.17 60.41 10.35
C ILE F 38 -0.20 61.27 11.53
N ARG F 39 0.09 60.80 12.74
CA ARG F 39 -0.11 61.61 13.93
C ARG F 39 1.20 61.82 14.66
N GLN F 40 1.42 63.03 15.14
CA GLN F 40 2.59 63.38 15.92
C GLN F 40 2.14 63.68 17.34
N PHE F 41 2.53 62.80 18.27
CA PHE F 41 2.10 62.92 19.66
C PHE F 41 2.62 64.21 20.27
N PRO F 42 2.07 64.64 21.43
CA PRO F 42 2.58 65.85 22.06
C PRO F 42 4.01 65.67 22.54
N GLY F 43 4.94 65.68 21.59
CA GLY F 43 6.34 65.45 21.88
C GLY F 43 7.15 65.36 20.60
N LYS F 44 8.01 64.35 20.51
CA LYS F 44 8.87 64.16 19.35
C LYS F 44 8.71 62.73 18.84
N LYS F 45 7.46 62.27 18.78
CA LYS F 45 7.14 60.94 18.30
C LYS F 45 6.12 61.03 17.18
N LEU F 46 6.21 60.09 16.25
CA LEU F 46 5.28 60.00 15.13
C LEU F 46 4.76 58.58 15.00
N GLU F 47 3.57 58.46 14.42
CA GLU F 47 2.96 57.16 14.22
C GLU F 47 2.11 57.20 12.96
N TRP F 48 2.19 56.14 12.16
CA TRP F 48 1.43 56.03 10.92
C TRP F 48 0.17 55.24 11.19
N MET F 49 -1.00 55.84 10.92
CA MET F 49 -2.28 55.17 11.13
C MET F 49 -2.60 54.21 10.00
N GLY F 50 -2.76 54.73 8.79
CA GLY F 50 -3.16 53.90 7.69
C GLY F 50 -3.22 54.72 6.42
N TYR F 51 -3.41 54.00 5.31
CA TYR F 51 -3.41 54.59 3.99
C TYR F 51 -4.59 54.04 3.20
N ILE F 52 -5.00 54.81 2.19
CA ILE F 52 -5.99 54.39 1.22
C ILE F 52 -5.36 54.47 -0.16
N ASN F 53 -5.46 53.38 -0.92
CA ASN F 53 -4.86 53.30 -2.24
C ASN F 53 -5.69 54.10 -3.24
N PHE F 54 -5.15 54.25 -4.46
CA PHE F 54 -5.88 54.97 -5.49
C PHE F 54 -7.11 54.20 -5.95
N ASP F 55 -7.08 52.87 -5.90
CA ASP F 55 -8.23 52.06 -6.30
C ASP F 55 -9.29 51.96 -5.22
N GLY F 56 -8.89 52.02 -3.95
CA GLY F 56 -9.85 51.94 -2.87
C GLY F 56 -9.39 51.06 -1.72
N GLY F 57 -8.34 50.28 -1.95
CA GLY F 57 -7.82 49.41 -0.91
C GLY F 57 -7.28 50.22 0.25
N THR F 58 -7.67 49.88 1.47
CA THR F 58 -7.24 50.57 2.67
C THR F 58 -6.41 49.62 3.52
N THR F 59 -5.29 50.11 4.04
CA THR F 59 -4.42 49.32 4.91
C THR F 59 -4.23 50.09 6.21
N TYR F 60 -4.42 49.40 7.33
CA TYR F 60 -4.35 50.01 8.66
C TYR F 60 -3.22 49.40 9.46
N ASN F 61 -2.79 50.16 10.48
CA ASN F 61 -1.76 49.81 11.45
C ASN F 61 -2.33 48.85 12.48
N PRO F 62 -1.68 47.69 12.69
CA PRO F 62 -2.22 46.72 13.65
C PRO F 62 -2.34 47.23 15.07
N SER F 63 -1.61 48.29 15.43
CA SER F 63 -1.78 48.88 16.75
C SER F 63 -3.20 49.39 16.95
N LEU F 64 -3.78 50.01 15.94
CA LEU F 64 -5.16 50.49 15.99
C LEU F 64 -6.08 49.35 15.58
N ARG F 65 -6.44 48.51 16.55
CA ARG F 65 -7.22 47.31 16.28
C ARG F 65 -8.69 47.68 16.17
N GLY F 66 -9.21 47.71 14.96
CA GLY F 66 -10.62 47.93 14.72
C GLY F 66 -11.15 49.27 15.20
N ARG F 67 -10.33 50.30 15.17
CA ARG F 67 -10.76 51.65 15.55
C ARG F 67 -10.67 52.66 14.42
N ILE F 68 -10.14 52.29 13.27
CA ILE F 68 -9.82 53.22 12.19
C ILE F 68 -10.63 52.86 10.96
N SER F 69 -11.17 53.88 10.29
CA SER F 69 -11.90 53.70 9.04
C SER F 69 -11.53 54.85 8.11
N ILE F 70 -11.19 54.53 6.87
CA ILE F 70 -10.74 55.52 5.91
C ILE F 70 -11.67 55.50 4.71
N THR F 71 -12.24 56.65 4.36
CA THR F 71 -13.21 56.68 3.27
C THR F 71 -12.92 57.87 2.36
N ARG F 72 -13.02 57.68 1.06
CA ARG F 72 -12.68 58.73 0.10
C ARG F 72 -13.92 59.18 -0.66
N ASP F 73 -13.81 60.37 -1.25
CA ASP F 73 -14.81 60.90 -2.17
C ASP F 73 -14.10 61.47 -3.38
N THR F 74 -14.43 60.94 -4.55
CA THR F 74 -13.72 61.26 -5.80
C THR F 74 -14.26 62.50 -6.49
N SER F 75 -15.56 62.78 -6.36
CA SER F 75 -16.15 63.93 -7.03
C SER F 75 -15.51 65.23 -6.58
N LYS F 76 -15.40 65.43 -5.27
CA LYS F 76 -14.77 66.63 -4.74
C LYS F 76 -13.35 66.36 -4.22
N ASN F 77 -12.82 65.17 -4.48
CA ASN F 77 -11.39 64.91 -4.37
C ASN F 77 -10.87 65.10 -2.94
N GLN F 78 -11.33 64.26 -2.02
CA GLN F 78 -10.83 64.29 -0.66
C GLN F 78 -10.96 62.93 0.01
N PHE F 79 -10.36 62.80 1.19
CA PHE F 79 -10.47 61.57 1.99
C PHE F 79 -10.60 61.90 3.47
N PHE F 80 -11.43 61.12 4.16
CA PHE F 80 -11.77 61.30 5.56
C PHE F 80 -11.23 60.15 6.41
N LEU F 81 -10.83 60.51 7.63
CA LEU F 81 -10.38 59.59 8.66
C LEU F 81 -11.43 59.55 9.77
N GLN F 82 -11.82 58.35 10.19
CA GLN F 82 -12.73 58.15 11.31
C GLN F 82 -12.07 57.26 12.36
N LEU F 83 -11.92 57.78 13.57
CA LEU F 83 -11.30 57.06 14.68
C LEU F 83 -12.33 56.96 15.80
N ARG F 84 -12.82 55.75 16.07
CA ARG F 84 -13.88 55.56 17.04
C ARG F 84 -13.32 55.23 18.42
N SER F 85 -14.13 55.47 19.45
CA SER F 85 -13.78 55.19 20.84
C SER F 85 -12.49 55.91 21.23
N VAL F 86 -12.54 57.24 21.15
CA VAL F 86 -11.35 58.05 21.37
C VAL F 86 -10.98 58.06 22.85
N THR F 87 -9.69 57.90 23.12
CA THR F 87 -9.11 57.90 24.45
C THR F 87 -8.22 59.13 24.61
N PRO F 88 -8.30 59.81 25.76
CA PRO F 88 -7.57 61.10 25.91
C PRO F 88 -6.06 61.00 25.71
N GLU F 89 -5.50 59.82 25.53
CA GLU F 89 -4.08 59.72 25.25
C GLU F 89 -3.74 59.97 23.78
N ASP F 90 -4.74 60.00 22.90
CA ASP F 90 -4.54 60.25 21.47
C ASP F 90 -4.70 61.74 21.10
N THR F 91 -3.96 62.59 21.79
CA THR F 91 -4.05 64.04 21.64
C THR F 91 -3.03 64.59 20.65
N ALA F 92 -2.72 63.83 19.61
CA ALA F 92 -1.66 64.16 18.67
C ALA F 92 -2.11 65.17 17.63
N THR F 93 -1.16 65.59 16.79
CA THR F 93 -1.42 66.47 15.66
C THR F 93 -1.56 65.60 14.40
N TYR F 94 -2.58 65.88 13.59
CA TYR F 94 -2.93 65.02 12.47
C TYR F 94 -2.52 65.62 11.14
N TYR F 95 -1.70 64.88 10.39
CA TYR F 95 -1.25 65.25 9.07
C TYR F 95 -1.75 64.22 8.06
N CYS F 96 -2.00 64.69 6.84
CA CYS F 96 -2.30 63.80 5.72
C CYS F 96 -1.11 63.92 4.76
N ALA F 97 -0.47 62.78 4.51
CA ALA F 97 0.69 62.73 3.63
C ALA F 97 0.36 61.96 2.36
N THR F 98 1.31 61.96 1.44
CA THR F 98 1.13 61.30 0.15
C THR F 98 2.25 60.28 -0.09
N PHE F 99 1.84 59.10 -0.56
CA PHE F 99 2.75 57.99 -0.85
C PHE F 99 2.92 57.87 -2.35
N TYR F 100 4.15 58.06 -2.84
CA TYR F 100 4.40 57.95 -4.27
C TYR F 100 4.30 56.50 -4.74
N GLY F 101 4.79 55.57 -3.95
CA GLY F 101 4.76 54.17 -4.34
C GLY F 101 6.03 53.72 -5.02
N ALA F 102 6.28 54.25 -6.22
CA ALA F 102 7.50 53.92 -6.96
C ALA F 102 8.76 54.31 -6.20
N LYS F 103 8.75 55.44 -5.50
CA LYS F 103 9.86 55.84 -4.66
C LYS F 103 9.73 55.31 -3.24
N GLY F 104 8.51 55.09 -2.76
CA GLY F 104 8.30 54.50 -1.45
C GLY F 104 8.39 55.47 -0.29
N THR F 105 8.42 56.77 -0.54
CA THR F 105 8.60 57.76 0.51
C THR F 105 7.49 58.79 0.43
N LEU F 106 7.16 59.39 1.58
CA LEU F 106 6.11 60.40 1.67
C LEU F 106 6.67 61.74 1.22
N ASP F 107 6.41 62.14 -0.02
CA ASP F 107 6.93 63.40 -0.54
C ASP F 107 6.13 64.60 -0.03
N TYR F 108 4.85 64.67 -0.39
CA TYR F 108 4.06 65.85 -0.08
C TYR F 108 3.26 65.65 1.20
N TRP F 109 3.31 66.64 2.07
CA TRP F 109 2.67 66.56 3.37
C TRP F 109 1.50 67.53 3.48
N GLY F 110 0.89 67.61 4.66
CA GLY F 110 -0.17 68.57 4.92
C GLY F 110 0.23 69.53 6.03
N GLN F 111 -0.56 70.60 6.15
CA GLN F 111 -0.29 71.60 7.18
C GLN F 111 -0.51 71.05 8.58
N GLY F 112 -1.50 70.19 8.75
CA GLY F 112 -1.74 69.56 10.04
C GLY F 112 -2.64 70.35 10.96
N THR F 113 -3.29 69.66 11.88
CA THR F 113 -4.16 70.29 12.88
C THR F 113 -4.01 69.56 14.20
N SER F 114 -4.07 70.30 15.29
CA SER F 114 -3.98 69.70 16.62
C SER F 114 -5.37 69.46 17.18
N VAL F 115 -5.67 68.20 17.49
CA VAL F 115 -6.96 67.79 18.03
C VAL F 115 -6.77 67.43 19.49
N THR F 116 -7.52 68.10 20.37
CA THR F 116 -7.43 67.88 21.80
C THR F 116 -8.66 67.12 22.28
N VAL F 117 -8.44 66.09 23.08
CA VAL F 117 -9.51 65.27 23.63
C VAL F 117 -9.59 65.59 25.12
N SER F 118 -10.57 66.41 25.49
CA SER F 118 -10.77 66.79 26.89
C SER F 118 -12.25 66.70 27.20
N SER F 119 -12.55 66.55 28.49
CA SER F 119 -13.93 66.46 28.96
C SER F 119 -14.64 67.80 28.85
N ASP G 1 10.30 33.62 -30.55
CA ASP G 1 10.53 35.03 -30.25
C ASP G 1 9.29 35.86 -30.50
N ILE G 2 9.41 37.17 -30.35
CA ILE G 2 8.32 38.11 -30.57
C ILE G 2 8.64 38.90 -31.82
N VAL G 3 7.91 38.66 -32.88
CA VAL G 3 8.15 39.35 -34.14
C VAL G 3 7.33 40.65 -34.18
N LEU G 4 8.00 41.75 -34.44
CA LEU G 4 7.38 43.07 -34.53
C LEU G 4 7.20 43.41 -36.01
N THR G 5 5.97 43.71 -36.40
CA THR G 5 5.65 44.01 -37.79
C THR G 5 5.15 45.44 -37.92
N GLN G 6 5.48 46.07 -39.04
CA GLN G 6 5.02 47.41 -39.36
C GLN G 6 4.34 47.37 -40.72
N SER G 7 3.02 47.54 -40.72
CA SER G 7 2.25 47.44 -41.96
C SER G 7 2.69 48.45 -43.02
N PRO G 8 2.87 49.75 -42.71
CA PRO G 8 3.32 50.68 -43.75
C PRO G 8 4.84 50.63 -43.93
N SER G 9 5.29 50.06 -45.05
CA SER G 9 6.72 50.04 -45.35
C SER G 9 7.22 51.39 -45.86
N SER G 10 6.33 52.22 -46.42
CA SER G 10 6.70 53.52 -46.94
C SER G 10 5.47 54.41 -46.95
N PHE G 11 5.65 55.67 -46.57
CA PHE G 11 4.57 56.63 -46.50
C PHE G 11 4.76 57.73 -47.53
N SER G 12 3.64 58.29 -48.00
CA SER G 12 3.63 59.41 -48.95
C SER G 12 2.63 60.45 -48.42
N VAL G 13 3.13 61.35 -47.58
CA VAL G 13 2.29 62.35 -46.93
C VAL G 13 2.81 63.75 -47.26
N SER G 14 2.16 64.77 -46.72
CA SER G 14 2.54 66.16 -46.97
C SER G 14 2.94 66.85 -45.68
N LEU G 15 3.16 68.16 -45.75
CA LEU G 15 3.56 68.95 -44.59
C LEU G 15 2.33 69.31 -43.77
N GLY G 16 2.47 69.29 -42.44
CA GLY G 16 1.40 69.68 -41.54
C GLY G 16 0.20 68.76 -41.53
N ASP G 17 0.45 67.45 -41.50
CA ASP G 17 -0.61 66.46 -41.45
C ASP G 17 -0.40 65.52 -40.27
N ARG G 18 -1.42 64.72 -39.99
CA ARG G 18 -1.39 63.75 -38.90
C ARG G 18 -0.86 62.42 -39.45
N VAL G 19 0.34 62.04 -39.04
CA VAL G 19 0.93 60.77 -39.47
C VAL G 19 0.71 59.74 -38.37
N THR G 20 0.21 58.57 -38.77
CA THR G 20 -0.07 57.48 -37.84
C THR G 20 0.75 56.26 -38.26
N ILE G 21 1.68 55.84 -37.41
CA ILE G 21 2.51 54.66 -37.65
C ILE G 21 2.10 53.61 -36.64
N SER G 22 1.47 52.54 -37.11
CA SER G 22 0.97 51.48 -36.25
C SER G 22 1.80 50.22 -36.44
N CYS G 23 2.16 49.58 -35.32
CA CYS G 23 2.91 48.33 -35.40
C CYS G 23 2.37 47.38 -34.35
N LYS G 24 2.12 46.15 -34.75
CA LYS G 24 1.57 45.11 -33.90
C LYS G 24 2.67 44.17 -33.41
N ALA G 25 2.32 43.23 -32.56
CA ALA G 25 3.27 42.28 -32.01
C ALA G 25 2.68 40.89 -32.06
N SER G 26 3.58 39.89 -32.09
CA SER G 26 3.17 38.49 -32.06
C SER G 26 2.64 38.06 -30.71
N GLY G 27 3.29 38.46 -29.62
CA GLY G 27 2.84 38.18 -28.28
C GLY G 27 2.34 39.43 -27.58
N TYR G 28 2.20 39.31 -26.27
CA TYR G 28 1.77 40.43 -25.44
C TYR G 28 2.99 41.20 -24.95
N ILE G 29 3.07 42.48 -25.31
CA ILE G 29 4.22 43.31 -24.99
C ILE G 29 4.05 44.00 -23.64
N LEU G 30 2.83 44.42 -23.32
CA LEU G 30 2.48 45.01 -22.03
C LEU G 30 3.21 46.34 -21.82
N ASN G 31 3.00 47.26 -22.76
CA ASN G 31 3.51 48.62 -22.68
C ASN G 31 5.03 48.65 -22.49
N ARG G 32 5.72 47.74 -23.18
CA ARG G 32 7.17 47.70 -23.15
C ARG G 32 7.73 47.92 -24.55
N LEU G 33 7.22 48.91 -25.25
CA LEU G 33 7.62 49.21 -26.62
C LEU G 33 8.18 50.62 -26.69
N ALA G 34 9.24 50.79 -27.46
CA ALA G 34 9.91 52.08 -27.60
C ALA G 34 10.04 52.43 -29.08
N TRP G 35 9.92 53.72 -29.39
CA TRP G 35 10.03 54.21 -30.76
C TRP G 35 11.37 54.87 -30.99
N TYR G 36 11.94 54.62 -32.16
CA TYR G 36 13.24 55.13 -32.55
C TYR G 36 13.12 55.81 -33.91
N GLN G 37 13.86 56.91 -34.07
CA GLN G 37 13.87 57.65 -35.32
C GLN G 37 15.31 57.75 -35.82
N GLN G 38 15.55 57.30 -37.04
CA GLN G 38 16.89 57.28 -37.62
C GLN G 38 16.93 58.22 -38.82
N LYS G 39 17.94 59.08 -38.86
CA LYS G 39 18.17 59.99 -39.96
C LYS G 39 19.01 59.30 -41.04
N PRO G 40 18.94 59.77 -42.30
CA PRO G 40 19.68 59.11 -43.37
C PRO G 40 21.19 59.33 -43.27
N GLY G 41 21.86 58.56 -42.41
CA GLY G 41 23.28 58.69 -42.24
C GLY G 41 23.68 59.00 -40.81
N ASN G 42 22.88 58.55 -39.86
CA ASN G 42 23.14 58.81 -38.45
C ASN G 42 22.71 57.59 -37.65
N ALA G 43 22.91 57.64 -36.35
CA ALA G 43 22.48 56.61 -35.41
C ALA G 43 20.99 56.73 -35.16
N PRO G 44 20.30 55.65 -34.78
CA PRO G 44 18.87 55.75 -34.50
C PRO G 44 18.62 56.35 -33.13
N ARG G 45 18.16 57.60 -33.10
CA ARG G 45 17.88 58.28 -31.84
C ARG G 45 16.57 57.78 -31.26
N LEU G 46 16.47 57.83 -29.93
CA LEU G 46 15.32 57.24 -29.25
C LEU G 46 14.25 58.29 -29.00
N LEU G 47 13.01 57.96 -29.36
CA LEU G 47 11.91 58.91 -29.30
C LEU G 47 11.06 58.76 -28.04
N ILE G 48 10.48 57.57 -27.85
CA ILE G 48 9.49 57.33 -26.82
C ILE G 48 9.87 56.07 -26.06
N SER G 49 9.78 56.11 -24.74
CA SER G 49 10.00 54.96 -23.88
C SER G 49 8.75 54.67 -23.07
N GLY G 50 8.36 53.41 -22.99
CA GLY G 50 7.14 53.03 -22.33
C GLY G 50 5.90 53.11 -23.18
N ALA G 51 6.03 53.46 -24.46
CA ALA G 51 4.94 53.45 -25.43
C ALA G 51 3.91 54.55 -25.16
N THR G 52 4.08 55.28 -24.05
CA THR G 52 3.18 56.37 -23.73
C THR G 52 3.94 57.64 -23.40
N SER G 53 5.06 57.51 -22.70
CA SER G 53 5.83 58.65 -22.25
C SER G 53 6.58 59.27 -23.43
N LEU G 54 7.40 60.27 -23.19
CA LEU G 54 8.16 60.93 -24.25
C LEU G 54 9.42 61.53 -23.64
N GLU G 55 10.54 61.36 -24.34
CA GLU G 55 11.83 61.76 -23.80
C GLU G 55 12.12 63.22 -24.10
N THR G 56 13.09 63.77 -23.38
CA THR G 56 13.47 65.17 -23.52
C THR G 56 14.14 65.41 -24.87
N GLY G 57 14.20 66.68 -25.25
CA GLY G 57 14.81 67.05 -26.52
C GLY G 57 13.92 66.89 -27.73
N PHE G 58 12.66 66.49 -27.54
CA PHE G 58 11.73 66.35 -28.65
C PHE G 58 10.47 67.16 -28.38
N PRO G 59 9.84 67.70 -29.41
CA PRO G 59 8.63 68.49 -29.21
C PRO G 59 7.46 67.60 -28.77
N SER G 60 6.35 68.26 -28.45
CA SER G 60 5.15 67.56 -28.01
C SER G 60 4.28 67.09 -29.15
N ARG G 61 4.73 67.27 -30.40
CA ARG G 61 3.96 66.79 -31.55
C ARG G 61 3.90 65.27 -31.63
N PHE G 62 4.76 64.58 -30.90
CA PHE G 62 4.81 63.12 -30.92
C PHE G 62 3.98 62.56 -29.77
N SER G 63 3.14 61.57 -30.06
CA SER G 63 2.33 60.93 -29.04
C SER G 63 2.36 59.43 -29.26
N GLY G 64 2.29 58.66 -28.17
CA GLY G 64 2.26 57.22 -28.27
C GLY G 64 1.10 56.59 -27.54
N THR G 65 0.32 55.76 -28.23
CA THR G 65 -0.83 55.11 -27.61
C THR G 65 -0.89 53.64 -27.97
N GLY G 66 -1.86 52.93 -27.39
CA GLY G 66 -2.03 51.52 -27.67
C GLY G 66 -1.79 50.63 -26.48
N SER G 67 -2.47 49.48 -26.45
CA SER G 67 -2.33 48.54 -25.35
C SER G 67 -2.66 47.15 -25.85
N GLY G 68 -1.92 46.15 -25.37
CA GLY G 68 -2.14 44.78 -25.77
C GLY G 68 -1.09 44.27 -26.73
N LYS G 69 -1.46 44.16 -28.01
CA LYS G 69 -0.57 43.64 -29.03
C LYS G 69 -0.17 44.66 -30.09
N ASP G 70 -0.83 45.81 -30.17
CA ASP G 70 -0.56 46.80 -31.20
C ASP G 70 -0.43 48.18 -30.57
N TYR G 71 0.50 48.97 -31.12
CA TYR G 71 0.79 50.29 -30.60
C TYR G 71 0.94 51.27 -31.76
N THR G 72 0.53 52.52 -31.52
CA THR G 72 0.51 53.53 -32.57
C THR G 72 1.29 54.77 -32.13
N LEU G 73 2.06 55.32 -33.05
CA LEU G 73 2.75 56.59 -32.88
C LEU G 73 2.12 57.64 -33.77
N SER G 74 1.80 58.79 -33.19
CA SER G 74 1.12 59.86 -33.89
C SER G 74 1.99 61.11 -33.94
N ILE G 75 2.10 61.68 -35.13
CA ILE G 75 2.80 62.94 -35.37
C ILE G 75 1.78 63.96 -35.81
N SER G 76 1.69 65.08 -35.09
CA SER G 76 0.75 66.15 -35.41
C SER G 76 1.49 67.31 -36.06
N SER G 77 0.93 67.82 -37.16
CA SER G 77 1.52 68.92 -37.90
C SER G 77 2.94 68.59 -38.37
N LEU G 78 3.06 67.61 -39.26
CA LEU G 78 4.36 67.15 -39.71
C LEU G 78 5.13 68.27 -40.42
N GLN G 79 6.33 68.55 -39.93
CA GLN G 79 7.20 69.53 -40.58
C GLN G 79 8.33 68.84 -41.34
N THR G 80 9.29 69.62 -41.85
CA THR G 80 10.28 69.13 -42.80
C THR G 80 11.55 68.61 -42.14
N GLU G 81 11.67 68.69 -40.82
CA GLU G 81 12.81 68.12 -40.11
C GLU G 81 12.40 66.86 -39.36
N ASP G 82 11.32 66.22 -39.82
CA ASP G 82 10.83 65.01 -39.17
C ASP G 82 10.90 63.80 -40.09
N VAL G 83 11.62 63.88 -41.21
CA VAL G 83 11.77 62.72 -42.08
C VAL G 83 12.80 61.77 -41.49
N GLY G 84 12.75 60.53 -41.94
CA GLY G 84 13.63 59.49 -41.48
C GLY G 84 12.91 58.16 -41.44
N THR G 85 13.53 57.18 -40.78
CA THR G 85 12.96 55.85 -40.65
C THR G 85 12.55 55.64 -39.20
N TYR G 86 11.34 55.15 -38.99
CA TYR G 86 10.80 54.95 -37.65
C TYR G 86 10.71 53.45 -37.33
N TYR G 87 11.14 53.10 -36.12
CA TYR G 87 11.15 51.72 -35.67
C TYR G 87 10.44 51.61 -34.32
N CYS G 88 9.81 50.46 -34.09
CA CYS G 88 9.29 50.13 -32.76
C CYS G 88 10.00 48.87 -32.29
N GLN G 89 10.57 48.93 -31.09
CA GLN G 89 11.28 47.80 -30.51
C GLN G 89 10.61 47.39 -29.21
N GLN G 90 10.46 46.08 -29.01
CA GLN G 90 9.98 45.52 -27.77
C GLN G 90 11.16 45.14 -26.88
N TYR G 91 10.96 45.29 -25.57
CA TYR G 91 11.95 44.81 -24.62
C TYR G 91 11.32 43.97 -23.53
N TRP G 92 10.40 43.08 -23.90
CA TRP G 92 9.78 42.16 -22.95
C TRP G 92 10.67 40.94 -22.70
N SER G 93 10.91 40.15 -23.75
CA SER G 93 11.75 38.97 -23.65
C SER G 93 13.19 39.35 -23.99
N THR G 94 14.12 38.39 -23.89
CA THR G 94 15.54 38.70 -24.08
C THR G 94 15.91 38.90 -25.55
N PRO G 95 15.39 38.10 -26.51
CA PRO G 95 15.75 38.45 -27.91
C PRO G 95 14.98 39.66 -28.40
N TRP G 96 15.51 40.85 -28.11
CA TRP G 96 14.87 42.10 -28.49
C TRP G 96 14.81 42.21 -30.00
N THR G 97 13.59 42.28 -30.54
CA THR G 97 13.37 42.37 -31.97
C THR G 97 12.82 43.74 -32.33
N PHE G 98 13.46 44.39 -33.28
CA PHE G 98 13.01 45.67 -33.78
C PHE G 98 11.88 45.46 -34.80
N GLY G 99 11.23 46.56 -35.18
CA GLY G 99 10.16 46.52 -36.14
C GLY G 99 10.68 46.40 -37.56
N GLY G 100 9.91 46.98 -38.49
CA GLY G 100 10.29 46.96 -39.89
C GLY G 100 10.95 48.25 -40.30
N GLY G 101 10.18 49.14 -40.93
CA GLY G 101 10.69 50.45 -41.30
C GLY G 101 9.61 51.32 -41.93
N THR G 102 9.54 52.57 -41.49
CA THR G 102 8.58 53.54 -42.02
C THR G 102 9.38 54.78 -42.43
N LYS G 103 9.83 54.79 -43.68
CA LYS G 103 10.62 55.90 -44.21
C LYS G 103 9.67 56.94 -44.78
N LEU G 104 9.60 58.10 -44.12
CA LEU G 104 8.72 59.18 -44.56
C LEU G 104 9.26 59.84 -45.82
N GLU G 105 8.36 60.24 -46.71
CA GLU G 105 8.72 60.91 -47.94
C GLU G 105 7.63 61.92 -48.27
N ILE G 106 7.97 63.21 -48.21
CA ILE G 106 7.02 64.27 -48.49
C ILE G 106 6.91 64.47 -50.00
N ARG G 107 5.89 65.20 -50.42
CA ARG G 107 5.69 65.50 -51.82
C ARG G 107 5.60 67.00 -52.05
N VAL H 2 -15.43 -55.04 2.71
CA VAL H 2 -14.13 -54.47 2.36
C VAL H 2 -13.02 -55.50 2.53
N GLN H 3 -13.28 -56.50 3.37
CA GLN H 3 -12.34 -57.61 3.57
C GLN H 3 -12.73 -58.78 2.67
N LEU H 4 -11.80 -59.71 2.53
CA LEU H 4 -11.95 -60.85 1.63
C LEU H 4 -11.64 -62.11 2.43
N GLN H 5 -12.66 -62.87 2.78
CA GLN H 5 -12.48 -64.07 3.59
C GLN H 5 -12.81 -65.30 2.76
N GLU H 6 -12.44 -66.47 3.27
CA GLU H 6 -12.85 -67.72 2.68
C GLU H 6 -13.12 -68.75 3.77
N SER H 7 -13.94 -69.75 3.41
CA SER H 7 -14.41 -70.77 4.33
C SER H 7 -14.23 -72.14 3.69
N GLY H 8 -13.90 -73.13 4.51
CA GLY H 8 -13.72 -74.49 4.04
C GLY H 8 -14.17 -75.51 5.08
N GLY H 9 -13.35 -76.53 5.32
CA GLY H 9 -13.67 -77.53 6.32
C GLY H 9 -12.53 -78.49 6.54
N GLY H 10 -12.73 -79.38 7.52
CA GLY H 10 -11.75 -80.41 7.80
C GLY H 10 -12.28 -81.80 7.50
N LEU H 11 -11.75 -82.41 6.43
CA LEU H 11 -12.20 -83.72 6.00
C LEU H 11 -11.58 -84.82 6.85
N VAL H 12 -12.34 -85.87 7.12
CA VAL H 12 -11.86 -86.97 7.94
C VAL H 12 -11.30 -88.09 7.05
N GLN H 13 -12.14 -88.63 6.18
CA GLN H 13 -11.72 -89.74 5.33
C GLN H 13 -11.43 -89.25 3.93
N PRO H 14 -10.25 -89.56 3.37
CA PRO H 14 -9.91 -89.05 2.03
C PRO H 14 -10.80 -89.67 0.96
N GLY H 15 -10.97 -88.91 -0.13
CA GLY H 15 -11.79 -89.33 -1.25
C GLY H 15 -13.14 -88.65 -1.32
N GLY H 16 -13.54 -87.90 -0.30
CA GLY H 16 -14.83 -87.23 -0.29
C GLY H 16 -14.83 -85.98 -1.16
N SER H 17 -15.99 -85.33 -1.20
CA SER H 17 -16.17 -84.10 -1.95
C SER H 17 -16.38 -82.95 -0.97
N LEU H 18 -15.58 -81.89 -1.11
CA LEU H 18 -15.64 -80.76 -0.21
C LEU H 18 -15.47 -79.46 -0.99
N ARG H 19 -16.14 -78.41 -0.52
CA ARG H 19 -16.25 -77.16 -1.24
C ARG H 19 -15.76 -76.00 -0.38
N LEU H 20 -14.87 -75.20 -0.95
CA LEU H 20 -14.41 -73.93 -0.40
C LEU H 20 -15.20 -72.79 -1.01
N SER H 21 -15.37 -71.72 -0.23
CA SER H 21 -16.02 -70.52 -0.73
C SER H 21 -15.12 -69.33 -0.43
N CYS H 22 -14.94 -68.47 -1.45
CA CYS H 22 -14.14 -67.25 -1.32
C CYS H 22 -15.09 -66.06 -1.38
N ALA H 23 -15.53 -65.60 -0.21
CA ALA H 23 -16.49 -64.53 -0.13
C ALA H 23 -15.81 -63.18 0.07
N ALA H 24 -16.41 -62.14 -0.52
CA ALA H 24 -15.93 -60.78 -0.39
C ALA H 24 -17.11 -59.87 -0.12
N SER H 25 -16.97 -59.01 0.89
CA SER H 25 -18.00 -58.06 1.26
C SER H 25 -17.49 -56.64 1.04
N GLY H 26 -18.41 -55.70 0.87
CA GLY H 26 -18.04 -54.33 0.61
C GLY H 26 -17.99 -54.00 -0.87
N PHE H 27 -17.21 -54.77 -1.64
CA PHE H 27 -17.06 -54.56 -3.07
C PHE H 27 -17.57 -55.78 -3.84
N THR H 28 -18.05 -55.52 -5.05
CA THR H 28 -18.58 -56.59 -5.88
C THR H 28 -17.46 -57.31 -6.62
N LEU H 29 -17.56 -58.63 -6.69
CA LEU H 29 -16.57 -59.47 -7.34
C LEU H 29 -16.78 -59.58 -8.85
N GLY H 30 -17.89 -59.06 -9.37
CA GLY H 30 -18.17 -59.18 -10.79
C GLY H 30 -17.22 -58.39 -11.67
N TYR H 31 -16.50 -57.43 -11.10
CA TYR H 31 -15.53 -56.62 -11.83
C TYR H 31 -14.13 -57.21 -11.76
N TYR H 32 -13.95 -58.34 -11.10
CA TYR H 32 -12.63 -58.87 -10.81
C TYR H 32 -12.51 -60.30 -11.33
N ALA H 33 -11.28 -60.80 -11.27
CA ALA H 33 -10.94 -62.16 -11.67
C ALA H 33 -10.25 -62.82 -10.49
N VAL H 34 -10.78 -63.94 -10.03
CA VAL H 34 -10.30 -64.56 -8.80
C VAL H 34 -9.33 -65.67 -9.14
N GLY H 35 -8.41 -65.95 -8.21
CA GLY H 35 -7.44 -67.02 -8.38
C GLY H 35 -7.19 -67.78 -7.11
N TRP H 36 -7.34 -69.10 -7.17
CA TRP H 36 -7.11 -69.97 -6.02
C TRP H 36 -5.66 -70.44 -6.04
N PHE H 37 -4.87 -69.97 -5.09
CA PHE H 37 -3.48 -70.38 -4.97
C PHE H 37 -3.33 -71.31 -3.77
N ARG H 38 -2.26 -72.11 -3.80
CA ARG H 38 -2.10 -73.19 -2.83
C ARG H 38 -0.70 -73.15 -2.24
N GLN H 39 -0.62 -73.18 -0.90
CA GLN H 39 0.64 -73.24 -0.19
C GLN H 39 0.52 -74.25 0.94
N ALA H 40 1.62 -74.92 1.26
CA ALA H 40 1.64 -75.91 2.33
C ALA H 40 2.80 -75.68 3.27
N PRO H 41 2.72 -76.13 4.52
CA PRO H 41 3.84 -75.95 5.45
C PRO H 41 5.01 -76.85 5.10
N GLY H 42 5.81 -76.43 4.12
CA GLY H 42 6.98 -77.18 3.73
C GLY H 42 7.16 -77.25 2.23
N LYS H 43 6.20 -76.72 1.49
CA LYS H 43 6.28 -76.71 0.03
C LYS H 43 6.34 -75.28 -0.49
N GLU H 44 6.38 -75.12 -1.80
CA GLU H 44 6.44 -73.82 -2.44
C GLU H 44 5.02 -73.32 -2.75
N ARG H 45 4.95 -72.12 -3.31
CA ARG H 45 3.69 -71.47 -3.62
C ARG H 45 3.31 -71.77 -5.06
N GLU H 46 2.16 -72.43 -5.25
CA GLU H 46 1.66 -72.75 -6.57
C GLU H 46 0.16 -72.51 -6.63
N GLY H 47 -0.29 -71.94 -7.74
CA GLY H 47 -1.71 -71.70 -7.94
C GLY H 47 -2.45 -72.93 -8.44
N VAL H 48 -3.77 -72.81 -8.51
CA VAL H 48 -4.60 -73.90 -9.01
C VAL H 48 -5.16 -73.55 -10.37
N SER H 49 -5.94 -72.47 -10.45
CA SER H 49 -6.57 -72.07 -11.71
C SER H 49 -7.08 -70.64 -11.56
N CYS H 50 -7.82 -70.17 -12.56
CA CYS H 50 -8.23 -68.78 -12.64
C CYS H 50 -9.74 -68.70 -12.83
N ILE H 51 -10.21 -67.46 -12.97
CA ILE H 51 -11.58 -67.18 -13.40
C ILE H 51 -11.52 -65.91 -14.24
N SER H 52 -12.27 -65.90 -15.34
CA SER H 52 -12.33 -64.76 -16.23
C SER H 52 -13.63 -64.00 -15.99
N SER H 53 -13.56 -62.68 -16.04
CA SER H 53 -14.71 -61.82 -15.77
C SER H 53 -15.66 -61.73 -16.95
N SER H 54 -15.24 -62.14 -18.15
CA SER H 54 -16.08 -62.02 -19.34
C SER H 54 -16.45 -63.40 -19.89
N ASP H 55 -15.46 -64.24 -20.20
CA ASP H 55 -15.74 -65.58 -20.74
C ASP H 55 -15.85 -66.58 -19.61
N GLY H 56 -15.80 -67.87 -19.93
CA GLY H 56 -15.89 -68.90 -18.92
C GLY H 56 -14.61 -69.04 -18.12
N SER H 57 -14.30 -70.27 -17.70
CA SER H 57 -13.16 -70.51 -16.82
C SER H 57 -12.01 -71.07 -17.63
N THR H 58 -10.83 -71.11 -17.01
CA THR H 58 -9.63 -71.65 -17.61
C THR H 58 -8.81 -72.36 -16.53
N TYR H 59 -7.99 -73.30 -16.98
CA TYR H 59 -7.22 -74.14 -16.07
C TYR H 59 -5.78 -74.22 -16.55
N TYR H 60 -4.83 -73.88 -15.67
CA TYR H 60 -3.41 -74.07 -15.96
C TYR H 60 -2.74 -74.74 -14.76
N PRO H 61 -3.14 -75.97 -14.45
CA PRO H 61 -2.53 -76.68 -13.31
C PRO H 61 -1.35 -77.53 -13.75
N ASP H 62 -0.68 -78.16 -12.78
CA ASP H 62 0.42 -79.08 -13.07
C ASP H 62 0.00 -80.53 -13.06
N SER H 63 -0.49 -81.04 -11.93
CA SER H 63 -0.95 -82.42 -11.84
C SER H 63 -2.39 -82.54 -11.36
N VAL H 64 -3.06 -81.43 -11.08
CA VAL H 64 -4.43 -81.45 -10.58
C VAL H 64 -5.30 -81.14 -11.79
N LYS H 65 -5.83 -82.19 -12.41
CA LYS H 65 -6.63 -82.00 -13.62
C LYS H 65 -7.87 -82.90 -13.63
N GLY H 66 -8.28 -83.42 -12.48
CA GLY H 66 -9.42 -84.31 -12.43
C GLY H 66 -10.71 -83.56 -12.16
N ARG H 67 -11.28 -83.76 -10.98
CA ARG H 67 -12.57 -83.15 -10.63
C ARG H 67 -12.31 -81.94 -9.75
N PHE H 68 -11.92 -80.83 -10.38
CA PHE H 68 -11.98 -79.51 -9.76
C PHE H 68 -12.88 -78.66 -10.66
N THR H 69 -14.10 -78.39 -10.21
CA THR H 69 -15.01 -77.50 -10.91
C THR H 69 -14.86 -76.08 -10.38
N ILE H 70 -15.36 -75.12 -11.15
CA ILE H 70 -15.32 -73.73 -10.74
C ILE H 70 -16.69 -73.10 -10.99
N SER H 71 -17.05 -72.15 -10.13
CA SER H 71 -18.34 -71.50 -10.25
C SER H 71 -18.28 -70.15 -9.54
N ARG H 72 -18.60 -69.10 -10.29
CA ARG H 72 -18.68 -67.75 -9.73
C ARG H 72 -20.16 -67.36 -9.66
N ASP H 73 -20.64 -67.07 -8.47
CA ASP H 73 -22.04 -66.70 -8.25
C ASP H 73 -22.03 -65.24 -7.80
N ASN H 74 -22.60 -64.37 -8.63
CA ASN H 74 -22.64 -62.95 -8.32
C ASN H 74 -23.79 -62.57 -7.41
N ALA H 75 -24.81 -63.42 -7.30
CA ALA H 75 -25.92 -63.13 -6.39
C ALA H 75 -25.45 -63.08 -4.95
N LYS H 76 -24.65 -64.07 -4.55
CA LYS H 76 -24.06 -64.07 -3.22
C LYS H 76 -22.68 -63.41 -3.19
N ASN H 77 -22.20 -62.91 -4.34
CA ASN H 77 -20.91 -62.23 -4.42
C ASN H 77 -19.78 -63.13 -3.93
N THR H 78 -19.61 -64.27 -4.60
CA THR H 78 -18.63 -65.24 -4.16
C THR H 78 -18.22 -66.14 -5.31
N VAL H 79 -17.16 -66.90 -5.09
CA VAL H 79 -16.71 -67.94 -6.01
C VAL H 79 -16.52 -69.22 -5.21
N TYR H 80 -16.48 -70.36 -5.89
CA TYR H 80 -16.49 -71.64 -5.20
C TYR H 80 -15.38 -72.54 -5.75
N LEU H 81 -14.92 -73.44 -4.90
CA LEU H 81 -13.95 -74.47 -5.29
C LEU H 81 -14.48 -75.83 -4.85
N GLN H 82 -14.55 -76.76 -5.78
CA GLN H 82 -14.98 -78.12 -5.51
C GLN H 82 -13.76 -79.03 -5.46
N MET H 83 -13.84 -80.10 -4.66
CA MET H 83 -12.81 -81.13 -4.71
C MET H 83 -13.53 -82.47 -4.57
N ASN H 84 -13.27 -83.38 -5.50
CA ASN H 84 -13.88 -84.70 -5.47
C ASN H 84 -12.85 -85.83 -5.48
N SER H 85 -11.77 -85.68 -6.24
CA SER H 85 -10.80 -86.75 -6.38
C SER H 85 -10.01 -86.95 -5.09
N LEU H 86 -9.23 -88.03 -5.06
CA LEU H 86 -8.40 -88.32 -3.91
C LEU H 86 -7.40 -87.20 -3.66
N LYS H 87 -6.63 -86.83 -4.70
CA LYS H 87 -5.65 -85.75 -4.65
C LYS H 87 -4.70 -85.95 -3.48
N PRO H 88 -3.71 -86.84 -3.63
CA PRO H 88 -2.79 -87.13 -2.50
C PRO H 88 -2.17 -85.89 -1.87
N GLU H 89 -2.16 -84.75 -2.54
CA GLU H 89 -1.74 -83.50 -1.89
C GLU H 89 -2.81 -83.12 -0.89
N ASP H 90 -2.41 -82.89 0.36
CA ASP H 90 -3.35 -82.73 1.45
C ASP H 90 -2.98 -81.53 2.31
N THR H 91 -3.99 -81.02 3.02
CA THR H 91 -3.81 -80.06 4.10
C THR H 91 -3.02 -78.82 3.64
N ALA H 92 -3.63 -78.07 2.73
CA ALA H 92 -3.06 -76.84 2.22
C ALA H 92 -3.87 -75.65 2.71
N VAL H 93 -3.19 -74.51 2.78
CA VAL H 93 -3.85 -73.27 3.19
C VAL H 93 -4.85 -72.78 2.15
N TYR H 94 -4.55 -72.93 0.86
CA TYR H 94 -5.46 -72.54 -0.22
C TYR H 94 -5.81 -71.05 -0.16
N TYR H 95 -4.84 -70.19 -0.41
CA TYR H 95 -5.09 -68.76 -0.45
C TYR H 95 -5.94 -68.41 -1.68
N CYS H 96 -6.61 -67.26 -1.60
CA CYS H 96 -7.52 -66.81 -2.65
C CYS H 96 -7.25 -65.33 -2.92
N ALA H 97 -6.79 -65.03 -4.14
CA ALA H 97 -6.44 -63.68 -4.54
C ALA H 97 -7.34 -63.20 -5.68
N THR H 98 -7.12 -61.96 -6.11
CA THR H 98 -7.92 -61.41 -7.20
C THR H 98 -7.14 -60.32 -7.92
N THR H 99 -7.50 -60.10 -9.19
CA THR H 99 -6.93 -59.02 -9.99
C THR H 99 -7.92 -58.68 -11.10
N VAL H 100 -7.85 -57.44 -11.57
CA VAL H 100 -8.82 -56.91 -12.53
C VAL H 100 -8.14 -56.65 -13.86
N ARG H 101 -8.39 -57.51 -14.85
CA ARG H 101 -7.97 -57.31 -16.22
C ARG H 101 -9.09 -57.77 -17.14
N ILE H 102 -8.97 -57.46 -18.42
CA ILE H 102 -10.03 -57.76 -19.39
C ILE H 102 -9.54 -58.78 -20.43
N ASN H 103 -8.26 -58.74 -20.75
CA ASN H 103 -7.73 -59.59 -21.80
C ASN H 103 -7.77 -61.06 -21.38
N ASN H 104 -7.53 -61.94 -22.34
CA ASN H 104 -7.56 -63.38 -22.09
C ASN H 104 -6.22 -63.80 -21.47
N SER H 105 -5.96 -65.11 -21.42
CA SER H 105 -4.71 -65.64 -20.88
C SER H 105 -4.51 -65.25 -19.43
N CYS H 106 -5.35 -65.80 -18.53
CA CYS H 106 -5.29 -65.48 -17.11
C CYS H 106 -3.91 -65.61 -16.51
N LYS H 107 -3.15 -66.63 -16.90
CA LYS H 107 -1.89 -66.98 -16.25
C LYS H 107 -0.84 -65.88 -16.35
N GLU H 108 -1.10 -64.80 -17.07
CA GLU H 108 -0.15 -63.69 -17.18
C GLU H 108 -0.49 -62.54 -16.25
N TYR H 109 -1.40 -62.75 -15.31
CA TYR H 109 -1.80 -61.68 -14.41
C TYR H 109 -0.95 -61.71 -13.14
N GLN H 110 -1.37 -60.93 -12.12
CA GLN H 110 -0.58 -60.82 -10.90
C GLN H 110 -1.29 -61.43 -9.70
N TYR H 111 -2.61 -61.26 -9.63
CA TYR H 111 -3.44 -61.81 -8.56
C TYR H 111 -2.96 -61.41 -7.17
N HIS H 112 -3.07 -60.12 -6.84
CA HIS H 112 -2.68 -59.65 -5.52
C HIS H 112 -3.60 -60.24 -4.46
N GLY H 113 -3.00 -60.85 -3.44
CA GLY H 113 -3.77 -61.50 -2.39
C GLY H 113 -4.27 -60.50 -1.35
N TRP H 114 -5.25 -60.96 -0.58
CA TRP H 114 -5.86 -60.07 0.40
C TRP H 114 -5.66 -60.56 1.84
N GLY H 115 -6.09 -61.78 2.14
CA GLY H 115 -6.09 -62.25 3.51
C GLY H 115 -5.55 -63.64 3.73
N GLN H 116 -5.69 -64.15 4.95
CA GLN H 116 -5.21 -65.48 5.32
C GLN H 116 -6.19 -66.52 4.78
N GLY H 117 -5.89 -67.81 4.93
CA GLY H 117 -6.68 -68.85 4.33
C GLY H 117 -7.16 -69.85 5.37
N THR H 118 -7.89 -70.84 4.89
CA THR H 118 -8.43 -71.90 5.73
C THR H 118 -7.50 -73.10 5.73
N GLN H 119 -7.90 -74.16 6.43
CA GLN H 119 -7.09 -75.36 6.52
C GLN H 119 -7.99 -76.57 6.32
N VAL H 120 -7.47 -77.57 5.61
CA VAL H 120 -8.19 -78.81 5.37
C VAL H 120 -7.38 -79.96 5.97
N THR H 121 -8.07 -81.07 6.22
CA THR H 121 -7.47 -82.26 6.80
C THR H 121 -7.77 -83.47 5.93
N VAL H 122 -6.81 -84.39 5.83
CA VAL H 122 -6.97 -85.63 5.09
C VAL H 122 -6.25 -86.73 5.87
N SER H 123 -6.95 -87.83 6.10
CA SER H 123 -6.35 -88.99 6.76
C SER H 123 -5.97 -90.06 5.75
#